data_6OCP
#
_entry.id   6OCP
#
_cell.length_a   56.792
_cell.length_b   69.105
_cell.length_c   137.889
_cell.angle_alpha   102.190
_cell.angle_beta   94.830
_cell.angle_gamma   91.150
#
_symmetry.space_group_name_H-M   'P 1'
#
loop_
_entity.id
_entity.type
_entity.pdbx_description
1 polymer 'BTB/POZ domain-containing protein KCTD16'
2 polymer 'Gamma-aminobutyric acid type B receptor subunit 2'
3 water water
#
loop_
_entity_poly.entity_id
_entity_poly.type
_entity_poly.pdbx_seq_one_letter_code
_entity_poly.pdbx_strand_id
1 'polypeptide(L)'
;SFPEVVELNVGGQVYFTRHSTLISIPHSLLWKMFSPKRDTANDLAKDSKGRFFIDRDGFLFRYILDYLRDRQVVLPDHFP
EKGRLKREAEYFQLPDLVKLLTPDEIKQSPDEF
;
A,B,C,D,E,F,G,H,I,J,K,L,M,N,O
2 'polypeptide(L)' QLPILHHAYLPSIGG P,Q,R
#
# COMPACT_ATOMS: atom_id res chain seq x y z
N PHE A 2 -40.02 21.59 -0.44
CA PHE A 2 -38.61 21.36 -0.13
C PHE A 2 -38.45 20.49 1.12
N PRO A 3 -37.51 19.53 1.11
CA PRO A 3 -37.28 18.71 2.33
C PRO A 3 -36.58 19.52 3.42
N GLU A 4 -36.66 19.09 4.70
CA GLU A 4 -36.03 19.80 5.82
C GLU A 4 -34.52 19.76 5.71
N VAL A 5 -33.97 18.69 5.09
CA VAL A 5 -32.55 18.54 4.81
C VAL A 5 -32.38 18.57 3.28
N VAL A 6 -31.72 19.63 2.78
CA VAL A 6 -31.50 19.88 1.36
C VAL A 6 -30.13 19.39 0.92
N GLU A 7 -30.11 18.59 -0.17
CA GLU A 7 -28.91 18.04 -0.78
C GLU A 7 -28.54 18.95 -1.99
N LEU A 8 -27.36 19.58 -1.88
CA LEU A 8 -26.85 20.53 -2.88
C LEU A 8 -25.58 20.07 -3.53
N ASN A 9 -25.40 20.49 -4.79
CA ASN A 9 -24.18 20.30 -5.57
C ASN A 9 -23.69 21.69 -5.91
N VAL A 10 -22.64 22.18 -5.23
CA VAL A 10 -22.09 23.53 -5.48
C VAL A 10 -20.78 23.35 -6.24
N GLY A 11 -20.87 23.57 -7.55
CA GLY A 11 -19.78 23.45 -8.51
C GLY A 11 -18.98 22.17 -8.49
N GLY A 12 -19.59 21.08 -8.06
CA GLY A 12 -18.92 19.80 -7.92
C GLY A 12 -18.85 19.26 -6.50
N GLN A 13 -18.98 20.15 -5.49
CA GLN A 13 -18.89 19.77 -4.06
C GLN A 13 -20.28 19.57 -3.50
N VAL A 14 -20.49 18.42 -2.87
CA VAL A 14 -21.78 18.07 -2.29
C VAL A 14 -21.90 18.57 -0.85
N TYR A 15 -23.00 19.27 -0.57
CA TYR A 15 -23.35 19.81 0.73
C TYR A 15 -24.72 19.39 1.12
N PHE A 16 -24.90 19.13 2.40
CA PHE A 16 -26.20 18.85 3.00
C PHE A 16 -26.38 19.91 4.09
N THR A 17 -27.50 20.62 4.03
CA THR A 17 -27.81 21.67 4.98
C THR A 17 -29.30 21.69 5.21
N ARG A 18 -29.72 22.33 6.33
CA ARG A 18 -31.14 22.43 6.66
C ARG A 18 -31.76 23.48 5.75
N HIS A 19 -33.03 23.26 5.34
CA HIS A 19 -33.77 24.21 4.52
C HIS A 19 -33.84 25.57 5.22
N SER A 20 -33.98 25.57 6.56
CA SER A 20 -34.04 26.75 7.42
C SER A 20 -32.78 27.62 7.32
N THR A 21 -31.61 26.98 7.11
CA THR A 21 -30.32 27.66 6.92
C THR A 21 -30.31 28.46 5.60
N LEU A 22 -30.83 27.86 4.53
CA LEU A 22 -30.88 28.48 3.20
C LEU A 22 -31.81 29.69 3.12
N ILE A 23 -32.88 29.70 3.92
CA ILE A 23 -33.87 30.79 3.93
C ILE A 23 -33.79 31.66 5.20
N SER A 24 -32.65 31.59 5.91
CA SER A 24 -32.46 32.32 7.16
C SER A 24 -32.32 33.84 6.99
N ILE A 25 -31.79 34.29 5.83
CA ILE A 25 -31.60 35.72 5.56
C ILE A 25 -32.54 36.20 4.45
N PRO A 26 -33.66 36.89 4.80
CA PRO A 26 -34.59 37.35 3.76
C PRO A 26 -33.95 38.32 2.76
N HIS A 27 -34.37 38.19 1.50
CA HIS A 27 -33.97 38.96 0.31
C HIS A 27 -32.54 38.61 -0.21
N SER A 28 -31.90 37.58 0.38
CA SER A 28 -30.60 37.07 -0.09
C SER A 28 -30.91 36.12 -1.26
N LEU A 29 -29.90 35.73 -2.04
CA LEU A 29 -30.09 34.85 -3.20
C LEU A 29 -30.65 33.48 -2.83
N LEU A 30 -30.06 32.83 -1.80
CA LEU A 30 -30.47 31.50 -1.38
C LEU A 30 -31.89 31.49 -0.83
N TRP A 31 -32.30 32.62 -0.20
CA TRP A 31 -33.64 32.83 0.32
C TRP A 31 -34.62 32.90 -0.86
N LYS A 32 -34.25 33.64 -1.93
CA LYS A 32 -35.04 33.77 -3.15
C LYS A 32 -35.18 32.42 -3.86
N MET A 33 -34.09 31.64 -3.89
CA MET A 33 -34.00 30.33 -4.53
C MET A 33 -34.84 29.26 -3.82
N PHE A 34 -34.78 29.23 -2.49
CA PHE A 34 -35.43 28.18 -1.70
C PHE A 34 -36.69 28.63 -0.93
N SER A 35 -37.26 29.81 -1.26
CA SER A 35 -38.48 30.32 -0.61
C SER A 35 -39.66 29.42 -0.99
N PRO A 36 -40.50 29.01 0.01
CA PRO A 36 -41.57 28.03 -0.23
C PRO A 36 -42.53 28.29 -1.40
N LYS A 37 -42.66 29.56 -1.84
CA LYS A 37 -43.52 29.95 -2.95
C LYS A 37 -43.06 29.32 -4.27
N LEU A 44 -35.58 25.41 -10.56
CA LEU A 44 -34.21 25.25 -10.05
C LEU A 44 -33.45 24.19 -10.82
N ALA A 45 -32.22 24.53 -11.27
CA ALA A 45 -31.33 23.62 -11.99
C ALA A 45 -30.93 22.44 -11.11
N LYS A 46 -30.86 21.27 -11.72
CA LYS A 46 -30.50 20.03 -11.04
C LYS A 46 -29.45 19.25 -11.83
N ASP A 47 -28.54 18.55 -11.14
CA ASP A 47 -27.54 17.71 -11.80
C ASP A 47 -28.19 16.38 -12.25
N SER A 48 -27.38 15.49 -12.85
CA SER A 48 -27.81 14.16 -13.34
C SER A 48 -28.36 13.24 -12.22
N LYS A 49 -28.03 13.56 -10.94
CA LYS A 49 -28.45 12.77 -9.79
C LYS A 49 -29.70 13.37 -9.10
N GLY A 50 -30.25 14.45 -9.67
CA GLY A 50 -31.43 15.13 -9.13
C GLY A 50 -31.18 16.11 -8.00
N ARG A 51 -29.89 16.36 -7.65
CA ARG A 51 -29.54 17.30 -6.58
C ARG A 51 -29.63 18.74 -7.10
N PHE A 52 -29.94 19.70 -6.21
CA PHE A 52 -30.04 21.11 -6.58
C PHE A 52 -28.66 21.64 -6.87
N PHE A 53 -28.49 22.26 -8.05
CA PHE A 53 -27.18 22.74 -8.46
C PHE A 53 -26.99 24.24 -8.31
N ILE A 54 -25.85 24.61 -7.72
CA ILE A 54 -25.41 26.00 -7.53
C ILE A 54 -24.09 26.13 -8.30
N ASP A 55 -24.08 27.00 -9.34
CA ASP A 55 -22.92 27.19 -10.20
C ASP A 55 -21.92 28.16 -9.61
N ARG A 56 -21.28 27.75 -8.49
CA ARG A 56 -20.29 28.58 -7.78
C ARG A 56 -19.17 27.72 -7.27
N ASP A 57 -18.10 28.34 -6.74
CA ASP A 57 -16.96 27.61 -6.15
C ASP A 57 -17.43 26.77 -4.97
N GLY A 58 -17.20 25.47 -5.07
CA GLY A 58 -17.64 24.50 -4.08
C GLY A 58 -16.88 24.55 -2.77
N PHE A 59 -15.60 24.91 -2.78
CA PHE A 59 -14.78 24.98 -1.57
C PHE A 59 -15.25 26.12 -0.63
N LEU A 60 -15.43 27.32 -1.18
CA LEU A 60 -15.83 28.51 -0.42
C LEU A 60 -17.24 28.45 0.15
N PHE A 61 -18.11 27.60 -0.41
CA PHE A 61 -19.49 27.50 0.03
C PHE A 61 -19.63 27.06 1.50
N ARG A 62 -18.61 26.38 2.05
CA ARG A 62 -18.56 25.96 3.45
C ARG A 62 -18.71 27.19 4.38
N TYR A 63 -17.92 28.24 4.12
CA TYR A 63 -17.91 29.47 4.90
C TYR A 63 -19.17 30.29 4.68
N ILE A 64 -19.80 30.15 3.50
CA ILE A 64 -21.05 30.83 3.19
C ILE A 64 -22.11 30.25 4.11
N LEU A 65 -22.19 28.89 4.16
CA LEU A 65 -23.13 28.14 5.00
C LEU A 65 -22.94 28.41 6.49
N ASP A 66 -21.68 28.51 6.93
CA ASP A 66 -21.32 28.80 8.32
C ASP A 66 -21.93 30.13 8.72
N TYR A 67 -21.74 31.15 7.88
CA TYR A 67 -22.28 32.47 8.12
C TYR A 67 -23.80 32.43 8.16
N LEU A 68 -24.43 31.63 7.30
CA LEU A 68 -25.89 31.49 7.27
C LEU A 68 -26.41 30.82 8.54
N ARG A 69 -25.69 29.82 9.04
CA ARG A 69 -26.11 29.08 10.22
C ARG A 69 -26.00 29.88 11.52
N ASP A 70 -24.85 30.57 11.71
CA ASP A 70 -24.51 31.25 12.96
C ASP A 70 -24.38 32.77 12.90
N ARG A 71 -24.48 33.37 11.70
CA ARG A 71 -24.35 34.81 11.39
C ARG A 71 -22.92 35.32 11.69
N GLN A 72 -22.03 34.35 11.91
CA GLN A 72 -20.60 34.57 12.15
C GLN A 72 -19.82 33.48 11.45
N VAL A 73 -18.62 33.82 11.00
CA VAL A 73 -17.74 32.85 10.36
C VAL A 73 -16.32 33.03 10.86
N VAL A 74 -15.75 31.93 11.32
CA VAL A 74 -14.38 31.83 11.80
C VAL A 74 -13.59 31.31 10.63
N LEU A 75 -12.50 32.00 10.26
CA LEU A 75 -11.69 31.57 9.13
C LEU A 75 -10.39 30.92 9.62
N PRO A 76 -9.78 30.01 8.84
CA PRO A 76 -8.49 29.42 9.27
C PRO A 76 -7.41 30.51 9.34
N ASP A 77 -6.37 30.30 10.16
CA ASP A 77 -5.26 31.25 10.25
C ASP A 77 -4.53 31.29 8.90
N HIS A 78 -4.11 32.49 8.48
CA HIS A 78 -3.44 32.75 7.20
C HIS A 78 -4.30 32.35 5.99
N PHE A 79 -5.64 32.52 6.09
CA PHE A 79 -6.61 32.19 5.05
C PHE A 79 -6.35 33.07 3.83
N PRO A 80 -5.96 32.48 2.68
CA PRO A 80 -5.62 33.30 1.50
C PRO A 80 -6.78 33.66 0.59
N GLU A 81 -8.01 33.25 0.91
CA GLU A 81 -9.13 33.49 0.01
C GLU A 81 -10.23 34.39 0.60
N LYS A 82 -9.84 35.40 1.42
CA LYS A 82 -10.76 36.37 2.02
C LYS A 82 -11.48 37.18 0.93
N GLY A 83 -10.72 37.58 -0.09
CA GLY A 83 -11.21 38.32 -1.25
C GLY A 83 -12.17 37.53 -2.12
N ARG A 84 -11.84 36.26 -2.38
CA ARG A 84 -12.66 35.33 -3.13
C ARG A 84 -13.98 35.04 -2.40
N LEU A 85 -13.90 34.87 -1.07
CA LEU A 85 -15.07 34.63 -0.23
C LEU A 85 -16.00 35.85 -0.23
N LYS A 86 -15.41 37.06 -0.27
CA LYS A 86 -16.15 38.34 -0.33
C LYS A 86 -16.96 38.40 -1.66
N ARG A 87 -16.36 37.93 -2.78
CA ARG A 87 -17.04 37.87 -4.08
C ARG A 87 -18.20 36.90 -4.03
N GLU A 88 -18.02 35.75 -3.37
CA GLU A 88 -19.07 34.74 -3.18
C GLU A 88 -20.22 35.33 -2.35
N ALA A 89 -19.89 36.08 -1.28
CA ALA A 89 -20.85 36.76 -0.42
C ALA A 89 -21.67 37.78 -1.21
N GLU A 90 -21.01 38.48 -2.17
CA GLU A 90 -21.67 39.45 -3.06
C GLU A 90 -22.69 38.72 -3.95
N TYR A 91 -22.26 37.60 -4.56
CA TYR A 91 -23.11 36.78 -5.41
C TYR A 91 -24.36 36.29 -4.67
N PHE A 92 -24.17 35.72 -3.46
CA PHE A 92 -25.27 35.18 -2.64
C PHE A 92 -26.12 36.28 -1.98
N GLN A 93 -25.73 37.56 -2.19
CA GLN A 93 -26.41 38.77 -1.70
C GLN A 93 -26.48 38.80 -0.17
N LEU A 94 -25.30 38.72 0.47
CA LEU A 94 -25.15 38.76 1.93
C LEU A 94 -24.34 40.03 2.25
N PRO A 95 -24.98 41.24 2.26
CA PRO A 95 -24.22 42.49 2.47
C PRO A 95 -23.46 42.60 3.79
N ASP A 96 -24.01 42.05 4.89
CA ASP A 96 -23.35 42.07 6.19
C ASP A 96 -22.09 41.24 6.20
N LEU A 97 -22.12 40.10 5.46
CA LEU A 97 -20.95 39.23 5.30
C LEU A 97 -19.87 39.95 4.49
N VAL A 98 -20.29 40.65 3.38
CA VAL A 98 -19.41 41.43 2.51
C VAL A 98 -18.66 42.48 3.35
N LYS A 99 -19.42 43.20 4.22
CA LYS A 99 -18.89 44.22 5.14
C LYS A 99 -17.86 43.64 6.10
N LEU A 100 -18.13 42.46 6.70
CA LEU A 100 -17.22 41.78 7.62
C LEU A 100 -15.91 41.35 6.97
N LEU A 101 -15.93 41.12 5.64
CA LEU A 101 -14.76 40.68 4.88
C LEU A 101 -13.95 41.84 4.24
N THR A 102 -14.40 43.11 4.44
CA THR A 102 -13.71 44.34 3.98
C THR A 102 -13.24 45.11 5.25
N PRO A 103 -11.96 45.15 5.65
CA PRO A 103 -11.63 45.88 6.89
C PRO A 103 -11.24 47.33 6.65
N PHE B 2 -26.79 18.22 -24.89
CA PHE B 2 -25.99 18.47 -23.68
C PHE B 2 -26.88 18.71 -22.47
N PRO B 3 -26.53 18.15 -21.29
CA PRO B 3 -27.37 18.40 -20.10
C PRO B 3 -27.23 19.81 -19.59
N GLU B 4 -28.22 20.29 -18.80
CA GLU B 4 -28.25 21.61 -18.19
C GLU B 4 -26.99 21.79 -17.28
N VAL B 5 -26.62 20.75 -16.55
CA VAL B 5 -25.45 20.71 -15.65
C VAL B 5 -24.45 19.74 -16.26
N VAL B 6 -23.30 20.27 -16.66
CA VAL B 6 -22.22 19.54 -17.31
C VAL B 6 -21.17 19.11 -16.29
N GLU B 7 -20.81 17.82 -16.32
CA GLU B 7 -19.82 17.19 -15.47
C GLU B 7 -18.51 17.10 -16.27
N LEU B 8 -17.47 17.79 -15.79
CA LEU B 8 -16.17 17.84 -16.46
C LEU B 8 -15.08 17.23 -15.63
N ASN B 9 -14.14 16.63 -16.32
CA ASN B 9 -12.92 16.12 -15.74
C ASN B 9 -11.81 16.92 -16.45
N VAL B 10 -11.19 17.88 -15.73
CA VAL B 10 -10.11 18.71 -16.28
C VAL B 10 -8.83 18.18 -15.68
N GLY B 11 -8.02 17.49 -16.49
CA GLY B 11 -6.76 16.88 -16.07
C GLY B 11 -6.83 16.10 -14.77
N GLY B 12 -7.95 15.43 -14.51
CA GLY B 12 -8.12 14.63 -13.31
C GLY B 12 -8.94 15.28 -12.22
N GLN B 13 -9.19 16.58 -12.35
CA GLN B 13 -9.99 17.34 -11.39
C GLN B 13 -11.41 17.53 -11.91
N VAL B 14 -12.40 17.19 -11.08
CA VAL B 14 -13.80 17.23 -11.43
C VAL B 14 -14.46 18.56 -11.09
N TYR B 15 -15.11 19.14 -12.10
CA TYR B 15 -15.87 20.38 -11.99
C TYR B 15 -17.23 20.17 -12.59
N PHE B 16 -18.21 20.83 -12.02
CA PHE B 16 -19.59 20.83 -12.48
C PHE B 16 -19.94 22.28 -12.72
N THR B 17 -20.50 22.55 -13.89
CA THR B 17 -20.97 23.88 -14.25
C THR B 17 -22.21 23.78 -15.17
N ARG B 18 -22.91 24.89 -15.35
CA ARG B 18 -24.05 24.92 -16.25
C ARG B 18 -23.55 24.94 -17.68
N HIS B 19 -24.29 24.34 -18.59
CA HIS B 19 -23.96 24.33 -20.02
C HIS B 19 -23.88 25.77 -20.53
N SER B 20 -24.75 26.66 -20.05
CA SER B 20 -24.80 28.08 -20.41
C SER B 20 -23.49 28.80 -20.06
N THR B 21 -22.80 28.39 -18.97
CA THR B 21 -21.50 28.94 -18.53
C THR B 21 -20.39 28.61 -19.55
N LEU B 22 -20.41 27.38 -20.07
CA LEU B 22 -19.44 26.89 -21.05
C LEU B 22 -19.56 27.56 -22.42
N ILE B 23 -20.78 27.97 -22.82
CA ILE B 23 -21.04 28.62 -24.11
C ILE B 23 -21.39 30.12 -23.98
N SER B 24 -21.05 30.71 -22.83
CA SER B 24 -21.31 32.12 -22.50
C SER B 24 -20.49 33.10 -23.37
N ILE B 25 -19.29 32.69 -23.81
CA ILE B 25 -18.39 33.56 -24.56
C ILE B 25 -18.20 33.02 -25.98
N PRO B 26 -18.92 33.60 -26.98
CA PRO B 26 -18.77 33.12 -28.36
C PRO B 26 -17.33 33.19 -28.89
N HIS B 27 -16.94 32.20 -29.70
CA HIS B 27 -15.64 31.97 -30.36
C HIS B 27 -14.54 31.53 -29.41
N SER B 28 -14.87 31.30 -28.13
CA SER B 28 -13.89 30.78 -27.17
C SER B 28 -13.83 29.27 -27.38
N LEU B 29 -12.82 28.63 -26.84
CA LEU B 29 -12.66 27.19 -27.03
C LEU B 29 -13.79 26.35 -26.45
N LEU B 30 -14.22 26.66 -25.22
CA LEU B 30 -15.29 25.92 -24.56
C LEU B 30 -16.64 26.11 -25.31
N TRP B 31 -16.83 27.30 -25.92
CA TRP B 31 -18.02 27.60 -26.75
C TRP B 31 -17.98 26.73 -28.01
N LYS B 32 -16.81 26.56 -28.62
CA LYS B 32 -16.61 25.71 -29.81
C LYS B 32 -16.84 24.25 -29.48
N MET B 33 -16.38 23.82 -28.31
CA MET B 33 -16.53 22.45 -27.82
C MET B 33 -17.99 22.07 -27.46
N PHE B 34 -18.72 22.95 -26.79
CA PHE B 34 -20.05 22.65 -26.27
C PHE B 34 -21.18 23.33 -27.03
N SER B 35 -20.93 23.92 -28.21
CA SER B 35 -21.99 24.54 -29.02
C SER B 35 -22.88 23.41 -29.63
N PRO B 36 -24.24 23.51 -29.52
CA PRO B 36 -25.09 22.41 -30.00
C PRO B 36 -25.11 22.25 -31.52
N ASN B 42 -21.24 13.46 -30.21
CA ASN B 42 -20.44 12.49 -29.47
C ASN B 42 -18.99 12.35 -30.02
N ASP B 43 -18.39 13.51 -30.41
CA ASP B 43 -17.01 13.63 -30.92
C ASP B 43 -16.06 14.14 -29.82
N LEU B 44 -16.63 14.44 -28.63
CA LEU B 44 -15.91 14.95 -27.46
C LEU B 44 -15.35 13.81 -26.61
N ALA B 45 -14.06 13.91 -26.24
CA ALA B 45 -13.38 12.93 -25.42
C ALA B 45 -14.02 12.80 -24.05
N LYS B 46 -14.13 11.56 -23.55
CA LYS B 46 -14.71 11.26 -22.25
C LYS B 46 -13.81 10.34 -21.44
N ASP B 47 -13.85 10.49 -20.10
CA ASP B 47 -13.05 9.62 -19.22
C ASP B 47 -13.78 8.26 -19.03
N SER B 48 -13.18 7.34 -18.27
CA SER B 48 -13.75 6.02 -17.99
C SER B 48 -15.12 6.08 -17.29
N LYS B 49 -15.42 7.20 -16.60
CA LYS B 49 -16.67 7.41 -15.87
C LYS B 49 -17.70 8.23 -16.68
N GLY B 50 -17.40 8.47 -17.96
CA GLY B 50 -18.28 9.18 -18.89
C GLY B 50 -18.30 10.69 -18.83
N ARG B 51 -17.45 11.29 -17.98
CA ARG B 51 -17.37 12.75 -17.85
C ARG B 51 -16.63 13.33 -19.07
N PHE B 52 -17.00 14.53 -19.51
CA PHE B 52 -16.30 15.22 -20.60
C PHE B 52 -14.87 15.58 -20.14
N PHE B 53 -13.87 15.21 -20.94
CA PHE B 53 -12.49 15.44 -20.57
C PHE B 53 -11.85 16.63 -21.26
N ILE B 54 -11.18 17.45 -20.45
CA ILE B 54 -10.41 18.62 -20.88
C ILE B 54 -8.97 18.32 -20.47
N ASP B 55 -8.07 18.24 -21.45
CA ASP B 55 -6.66 17.92 -21.24
C ASP B 55 -5.81 19.16 -20.86
N ARG B 56 -6.12 19.75 -19.71
CA ARG B 56 -5.47 20.94 -19.19
C ARG B 56 -5.28 20.80 -17.70
N ASP B 57 -4.52 21.71 -17.08
CA ASP B 57 -4.24 21.70 -15.65
C ASP B 57 -5.54 21.84 -14.89
N GLY B 58 -5.80 20.87 -14.02
CA GLY B 58 -6.99 20.78 -13.20
C GLY B 58 -7.11 21.77 -12.07
N PHE B 59 -5.96 22.20 -11.50
CA PHE B 59 -5.97 23.18 -10.43
C PHE B 59 -6.34 24.58 -10.93
N LEU B 60 -5.78 25.00 -12.04
CA LEU B 60 -6.00 26.34 -12.62
C LEU B 60 -7.36 26.54 -13.25
N PHE B 61 -8.07 25.45 -13.61
CA PHE B 61 -9.41 25.53 -14.18
C PHE B 61 -10.42 26.20 -13.26
N ARG B 62 -10.19 26.12 -11.96
CA ARG B 62 -11.05 26.72 -10.94
C ARG B 62 -11.26 28.21 -11.20
N TYR B 63 -10.18 28.90 -11.58
CA TYR B 63 -10.15 30.33 -11.86
C TYR B 63 -10.65 30.65 -13.24
N ILE B 64 -10.48 29.71 -14.18
CA ILE B 64 -11.01 29.84 -15.53
C ILE B 64 -12.55 29.85 -15.40
N LEU B 65 -13.09 28.86 -14.66
CA LEU B 65 -14.51 28.66 -14.40
C LEU B 65 -15.15 29.88 -13.72
N ASP B 66 -14.45 30.49 -12.73
CA ASP B 66 -14.96 31.67 -12.03
C ASP B 66 -14.98 32.90 -12.90
N TYR B 67 -14.09 32.95 -13.91
CA TYR B 67 -14.09 34.03 -14.89
C TYR B 67 -15.28 33.84 -15.83
N LEU B 68 -15.61 32.60 -16.23
CA LEU B 68 -16.78 32.33 -17.09
C LEU B 68 -18.09 32.72 -16.41
N ARG B 69 -18.14 32.54 -15.07
CA ARG B 69 -19.31 32.86 -14.24
C ARG B 69 -19.53 34.35 -14.02
N ASP B 70 -18.45 35.09 -13.68
CA ASP B 70 -18.54 36.51 -13.31
C ASP B 70 -17.96 37.54 -14.28
N ARG B 71 -17.14 37.11 -15.24
CA ARG B 71 -16.40 37.95 -16.20
C ARG B 71 -15.28 38.70 -15.53
N GLN B 72 -14.97 38.26 -14.31
CA GLN B 72 -13.91 38.75 -13.45
C GLN B 72 -13.51 37.60 -12.54
N VAL B 73 -12.26 37.60 -12.09
CA VAL B 73 -11.79 36.59 -11.19
C VAL B 73 -10.90 37.19 -10.08
N VAL B 74 -11.21 36.83 -8.84
CA VAL B 74 -10.45 37.23 -7.67
C VAL B 74 -9.52 36.03 -7.45
N LEU B 75 -8.24 36.29 -7.26
CA LEU B 75 -7.27 35.24 -7.04
C LEU B 75 -6.91 35.14 -5.57
N PRO B 76 -6.41 33.98 -5.07
CA PRO B 76 -5.98 33.93 -3.68
C PRO B 76 -4.82 34.90 -3.43
N ASP B 77 -4.64 35.34 -2.18
CA ASP B 77 -3.56 36.25 -1.78
C ASP B 77 -2.23 35.58 -2.05
N HIS B 78 -1.27 36.31 -2.65
CA HIS B 78 0.08 35.85 -3.01
C HIS B 78 0.07 34.63 -3.96
N PHE B 79 -0.91 34.62 -4.91
CA PHE B 79 -1.08 33.57 -5.92
C PHE B 79 0.15 33.47 -6.81
N PRO B 80 0.86 32.31 -6.79
CA PRO B 80 2.11 32.21 -7.55
C PRO B 80 1.98 31.72 -9.00
N GLU B 81 0.76 31.48 -9.48
CA GLU B 81 0.57 30.95 -10.82
C GLU B 81 -0.23 31.87 -11.76
N LYS B 82 -0.02 33.20 -11.65
CA LYS B 82 -0.68 34.20 -12.51
C LYS B 82 -0.30 34.00 -13.98
N GLY B 83 0.97 33.71 -14.22
CA GLY B 83 1.53 33.46 -15.55
C GLY B 83 0.99 32.20 -16.18
N ARG B 84 0.89 31.11 -15.37
CA ARG B 84 0.36 29.81 -15.79
C ARG B 84 -1.14 29.93 -16.10
N LEU B 85 -1.88 30.71 -15.30
CA LEU B 85 -3.29 30.97 -15.51
C LEU B 85 -3.53 31.77 -16.80
N LYS B 86 -2.61 32.71 -17.12
CA LYS B 86 -2.65 33.50 -18.35
C LYS B 86 -2.52 32.57 -19.58
N ARG B 87 -1.63 31.55 -19.49
CA ARG B 87 -1.43 30.56 -20.54
C ARG B 87 -2.71 29.72 -20.72
N GLU B 88 -3.38 29.36 -19.61
CA GLU B 88 -4.64 28.62 -19.65
C GLU B 88 -5.73 29.46 -20.33
N ALA B 89 -5.80 30.77 -20.00
CA ALA B 89 -6.74 31.71 -20.59
C ALA B 89 -6.53 31.82 -22.11
N GLU B 90 -5.26 31.78 -22.56
CA GLU B 90 -4.89 31.81 -23.97
C GLU B 90 -5.40 30.54 -24.65
N TYR B 91 -5.16 29.36 -24.02
CA TYR B 91 -5.64 28.08 -24.54
C TYR B 91 -7.17 28.06 -24.70
N PHE B 92 -7.91 28.48 -23.66
CA PHE B 92 -9.37 28.51 -23.69
C PHE B 92 -9.93 29.64 -24.57
N GLN B 93 -9.04 30.49 -25.15
CA GLN B 93 -9.34 31.60 -26.06
C GLN B 93 -10.27 32.62 -25.39
N LEU B 94 -9.82 33.14 -24.23
CA LEU B 94 -10.54 34.14 -23.43
C LEU B 94 -9.68 35.41 -23.43
N PRO B 95 -9.75 36.23 -24.52
CA PRO B 95 -8.84 37.40 -24.62
C PRO B 95 -8.96 38.43 -23.52
N ASP B 96 -10.18 38.66 -23.01
CA ASP B 96 -10.40 39.63 -21.94
C ASP B 96 -9.77 39.16 -20.63
N LEU B 97 -9.77 37.85 -20.37
CA LEU B 97 -9.12 37.27 -19.20
C LEU B 97 -7.59 37.37 -19.35
N VAL B 98 -7.07 37.13 -20.57
CA VAL B 98 -5.64 37.25 -20.88
C VAL B 98 -5.19 38.69 -20.55
N LYS B 99 -5.98 39.69 -21.00
CA LYS B 99 -5.75 41.11 -20.74
C LYS B 99 -5.75 41.45 -19.23
N LEU B 100 -6.72 40.89 -18.46
CA LEU B 100 -6.80 41.10 -17.00
C LEU B 100 -5.58 40.54 -16.22
N LEU B 101 -4.90 39.53 -16.77
CA LEU B 101 -3.75 38.89 -16.13
C LEU B 101 -2.40 39.43 -16.63
N THR B 102 -2.43 40.48 -17.46
CA THR B 102 -1.26 41.14 -18.04
C THR B 102 -0.96 42.43 -17.23
N PRO B 103 0.28 42.54 -16.71
CA PRO B 103 0.67 43.80 -16.00
C PRO B 103 0.61 44.98 -16.98
N ASP B 104 -0.01 46.08 -16.56
CA ASP B 104 -0.24 47.28 -17.36
C ASP B 104 1.04 47.95 -17.83
N GLU B 105 2.01 48.10 -16.92
CA GLU B 105 3.27 48.79 -17.23
C GLU B 105 4.27 47.84 -17.91
N PHE C 2 -5.04 1.15 -25.95
CA PHE C 2 -5.00 2.31 -25.05
C PHE C 2 -6.23 3.16 -25.15
N PRO C 3 -6.82 3.59 -24.00
CA PRO C 3 -8.02 4.44 -24.08
C PRO C 3 -7.66 5.85 -24.52
N GLU C 4 -8.65 6.59 -25.02
CA GLU C 4 -8.55 7.97 -25.47
C GLU C 4 -8.04 8.86 -24.32
N VAL C 5 -8.55 8.63 -23.10
CA VAL C 5 -8.15 9.31 -21.86
C VAL C 5 -7.36 8.33 -20.99
N VAL C 6 -6.08 8.60 -20.80
CA VAL C 6 -5.13 7.78 -20.05
C VAL C 6 -5.00 8.31 -18.61
N GLU C 7 -5.14 7.41 -17.66
CA GLU C 7 -5.03 7.70 -16.24
C GLU C 7 -3.66 7.20 -15.82
N LEU C 8 -2.84 8.13 -15.31
CA LEU C 8 -1.46 7.84 -14.90
C LEU C 8 -1.21 7.99 -13.42
N ASN C 9 -0.33 7.15 -12.91
CA ASN C 9 0.20 7.27 -11.56
C ASN C 9 1.69 7.49 -11.71
N VAL C 10 2.16 8.70 -11.41
CA VAL C 10 3.59 9.06 -11.51
C VAL C 10 4.14 9.16 -10.10
N GLY C 11 4.92 8.16 -9.69
CA GLY C 11 5.55 8.05 -8.38
C GLY C 11 4.64 8.31 -7.21
N GLY C 12 3.36 8.04 -7.41
CA GLY C 12 2.35 8.25 -6.38
C GLY C 12 1.35 9.34 -6.67
N GLN C 13 1.62 10.18 -7.67
CA GLN C 13 0.77 11.28 -8.08
C GLN C 13 0.02 10.98 -9.34
N VAL C 14 -1.29 11.25 -9.29
CA VAL C 14 -2.26 10.93 -10.32
C VAL C 14 -2.44 12.04 -11.34
N TYR C 15 -2.43 11.66 -12.61
CA TYR C 15 -2.63 12.53 -13.75
C TYR C 15 -3.55 11.90 -14.76
N PHE C 16 -4.23 12.73 -15.52
CA PHE C 16 -5.08 12.32 -16.64
C PHE C 16 -4.69 13.14 -17.82
N THR C 17 -4.56 12.48 -18.93
CA THR C 17 -4.24 13.15 -20.18
C THR C 17 -4.78 12.33 -21.36
N ARG C 18 -4.83 12.94 -22.55
CA ARG C 18 -5.21 12.21 -23.75
C ARG C 18 -4.03 11.33 -24.18
N HIS C 19 -4.31 10.15 -24.72
CA HIS C 19 -3.29 9.25 -25.26
C HIS C 19 -2.43 9.97 -26.31
N SER C 20 -3.07 10.82 -27.16
CA SER C 20 -2.42 11.61 -28.21
C SER C 20 -1.33 12.55 -27.66
N THR C 21 -1.53 13.05 -26.43
CA THR C 21 -0.59 13.93 -25.72
C THR C 21 0.69 13.15 -25.34
N LEU C 22 0.54 11.89 -24.90
CA LEU C 22 1.63 11.00 -24.53
C LEU C 22 2.51 10.58 -25.69
N ILE C 23 1.94 10.45 -26.89
CA ILE C 23 2.66 10.03 -28.09
C ILE C 23 2.90 11.18 -29.04
N SER C 24 2.79 12.44 -28.54
CA SER C 24 2.90 13.65 -29.36
C SER C 24 4.29 13.92 -29.88
N ILE C 25 5.32 13.46 -29.14
CA ILE C 25 6.72 13.69 -29.52
C ILE C 25 7.39 12.36 -29.90
N PRO C 26 7.52 12.03 -31.21
CA PRO C 26 8.14 10.75 -31.59
C PRO C 26 9.59 10.63 -31.10
N HIS C 27 9.96 9.39 -30.71
CA HIS C 27 11.27 8.95 -30.19
C HIS C 27 11.53 9.40 -28.73
N SER C 28 10.55 10.03 -28.08
CA SER C 28 10.65 10.40 -26.68
C SER C 28 10.28 9.15 -25.87
N LEU C 29 10.56 9.14 -24.57
CA LEU C 29 10.26 7.99 -23.73
C LEU C 29 8.77 7.66 -23.61
N LEU C 30 7.91 8.67 -23.42
CA LEU C 30 6.47 8.46 -23.32
C LEU C 30 5.86 7.94 -24.62
N TRP C 31 6.44 8.35 -25.74
CA TRP C 31 6.05 7.88 -27.08
C TRP C 31 6.42 6.40 -27.22
N LYS C 32 7.61 5.99 -26.74
CA LYS C 32 8.06 4.60 -26.75
C LYS C 32 7.17 3.73 -25.82
N MET C 33 6.77 4.28 -24.68
CA MET C 33 5.90 3.62 -23.68
C MET C 33 4.47 3.42 -24.17
N PHE C 34 3.88 4.43 -24.80
CA PHE C 34 2.47 4.41 -25.18
C PHE C 34 2.22 4.23 -26.69
N SER C 35 3.25 3.82 -27.48
CA SER C 35 3.10 3.55 -28.92
C SER C 35 2.27 2.27 -29.08
N PRO C 36 1.21 2.28 -29.93
CA PRO C 36 0.23 1.17 -29.97
C PRO C 36 0.74 -0.26 -30.05
N LYS C 37 1.91 -0.53 -30.65
CA LYS C 37 2.46 -1.90 -30.78
C LYS C 37 2.66 -2.60 -29.42
N LEU C 44 2.84 -3.04 -19.74
CA LEU C 44 3.15 -1.85 -18.96
C LEU C 44 2.73 -2.02 -17.51
N ALA C 45 3.60 -1.59 -16.57
CA ALA C 45 3.36 -1.65 -15.14
C ALA C 45 2.15 -0.81 -14.74
N LYS C 46 1.37 -1.35 -13.79
CA LYS C 46 0.15 -0.72 -13.30
C LYS C 46 0.10 -0.73 -11.79
N ASP C 47 -0.54 0.29 -11.20
CA ASP C 47 -0.73 0.34 -9.75
C ASP C 47 -1.93 -0.58 -9.34
N SER C 48 -2.23 -0.69 -8.03
CA SER C 48 -3.32 -1.52 -7.53
C SER C 48 -4.69 -1.10 -8.07
N LYS C 49 -4.85 0.16 -8.50
CA LYS C 49 -6.10 0.69 -9.04
C LYS C 49 -6.17 0.65 -10.58
N GLY C 50 -5.19 -0.02 -11.19
CA GLY C 50 -5.13 -0.23 -12.64
C GLY C 50 -4.57 0.91 -13.46
N ARG C 51 -4.12 2.01 -12.82
CA ARG C 51 -3.53 3.16 -13.51
C ARG C 51 -2.12 2.82 -14.00
N PHE C 52 -1.72 3.34 -15.17
CA PHE C 52 -0.36 3.13 -15.71
C PHE C 52 0.68 3.82 -14.82
N PHE C 53 1.73 3.07 -14.44
CA PHE C 53 2.73 3.57 -13.53
C PHE C 53 4.02 4.02 -14.21
N ILE C 54 4.46 5.25 -13.88
CA ILE C 54 5.74 5.86 -14.30
C ILE C 54 6.53 6.08 -13.00
N ASP C 55 7.72 5.51 -12.93
CA ASP C 55 8.58 5.58 -11.74
C ASP C 55 9.46 6.84 -11.72
N ARG C 56 8.83 8.01 -11.59
CA ARG C 56 9.50 9.32 -11.55
C ARG C 56 8.81 10.22 -10.55
N ASP C 57 9.41 11.37 -10.24
CA ASP C 57 8.84 12.37 -9.32
C ASP C 57 7.46 12.82 -9.85
N GLY C 58 6.44 12.60 -9.04
CA GLY C 58 5.07 12.93 -9.37
C GLY C 58 4.74 14.39 -9.40
N PHE C 59 5.38 15.20 -8.55
CA PHE C 59 5.10 16.62 -8.48
C PHE C 59 5.57 17.40 -9.71
N LEU C 60 6.73 16.99 -10.28
CA LEU C 60 7.30 17.64 -11.45
C LEU C 60 6.65 17.24 -12.76
N PHE C 61 5.93 16.12 -12.77
CA PHE C 61 5.26 15.61 -13.97
C PHE C 61 4.20 16.58 -14.52
N ARG C 62 3.65 17.39 -13.64
CA ARG C 62 2.68 18.42 -13.97
C ARG C 62 3.20 19.34 -15.09
N TYR C 63 4.48 19.72 -14.99
CA TYR C 63 5.15 20.63 -15.93
C TYR C 63 5.61 19.91 -17.18
N ILE C 64 5.92 18.60 -17.07
CA ILE C 64 6.27 17.74 -18.21
C ILE C 64 5.01 17.67 -19.10
N LEU C 65 3.85 17.41 -18.46
CA LEU C 65 2.55 17.27 -19.10
C LEU C 65 2.12 18.55 -19.84
N ASP C 66 2.35 19.73 -19.21
CA ASP C 66 2.01 21.01 -19.85
C ASP C 66 2.87 21.30 -21.06
N TYR C 67 4.12 20.82 -21.03
CA TYR C 67 5.00 20.97 -22.17
C TYR C 67 4.52 20.07 -23.32
N LEU C 68 4.03 18.87 -23.01
CA LEU C 68 3.52 17.94 -24.04
C LEU C 68 2.26 18.52 -24.73
N ARG C 69 1.45 19.28 -23.95
CA ARG C 69 0.23 19.92 -24.41
C ARG C 69 0.50 21.13 -25.30
N ASP C 70 1.43 22.03 -24.89
CA ASP C 70 1.67 23.30 -25.58
C ASP C 70 2.98 23.47 -26.34
N ARG C 71 3.98 22.58 -26.09
CA ARG C 71 5.37 22.64 -26.58
C ARG C 71 6.09 23.84 -25.96
N GLN C 72 5.57 24.29 -24.84
CA GLN C 72 6.01 25.41 -24.00
C GLN C 72 5.45 25.18 -22.60
N VAL C 73 6.11 25.73 -21.59
CA VAL C 73 5.68 25.61 -20.21
C VAL C 73 6.01 26.90 -19.43
N VAL C 74 5.01 27.42 -18.73
CA VAL C 74 5.13 28.56 -17.86
C VAL C 74 5.21 27.93 -16.48
N LEU C 75 6.17 28.39 -15.68
CA LEU C 75 6.40 27.88 -14.36
C LEU C 75 5.86 28.81 -13.28
N PRO C 76 5.56 28.31 -12.06
CA PRO C 76 5.12 29.22 -10.99
C PRO C 76 6.19 30.27 -10.68
N ASP C 77 5.80 31.43 -10.09
CA ASP C 77 6.74 32.51 -9.75
C ASP C 77 7.74 31.99 -8.71
N HIS C 78 9.05 32.31 -8.91
CA HIS C 78 10.17 31.91 -8.05
C HIS C 78 10.28 30.38 -7.88
N PHE C 79 10.00 29.64 -8.98
CA PHE C 79 10.05 28.17 -9.02
C PHE C 79 11.48 27.68 -8.69
N PRO C 80 11.65 26.93 -7.58
CA PRO C 80 13.01 26.50 -7.18
C PRO C 80 13.46 25.15 -7.74
N GLU C 81 12.66 24.52 -8.63
CA GLU C 81 13.02 23.19 -9.12
C GLU C 81 13.24 23.14 -10.61
N LYS C 82 13.82 24.21 -11.19
CA LYS C 82 14.12 24.28 -12.62
C LYS C 82 15.13 23.19 -13.01
N GLY C 83 16.14 22.99 -12.16
CA GLY C 83 17.18 21.99 -12.34
C GLY C 83 16.67 20.57 -12.29
N ARG C 84 15.78 20.30 -11.32
CA ARG C 84 15.13 18.99 -11.12
C ARG C 84 14.20 18.68 -12.30
N LEU C 85 13.46 19.70 -12.78
CA LEU C 85 12.55 19.56 -13.92
C LEU C 85 13.34 19.29 -15.21
N LYS C 86 14.55 19.89 -15.33
CA LYS C 86 15.45 19.68 -16.47
C LYS C 86 15.88 18.19 -16.52
N ARG C 87 16.14 17.59 -15.34
CA ARG C 87 16.54 16.20 -15.21
C ARG C 87 15.40 15.31 -15.64
N GLU C 88 14.18 15.66 -15.24
CA GLU C 88 12.96 14.92 -15.64
C GLU C 88 12.76 14.98 -17.15
N ALA C 89 13.00 16.16 -17.77
CA ALA C 89 12.90 16.37 -19.22
C ALA C 89 13.91 15.51 -19.96
N GLU C 90 15.13 15.34 -19.39
CA GLU C 90 16.20 14.49 -19.93
C GLU C 90 15.73 13.03 -19.87
N TYR C 91 15.18 12.60 -18.73
CA TYR C 91 14.69 11.22 -18.57
C TYR C 91 13.59 10.89 -19.60
N PHE C 92 12.59 11.78 -19.75
CA PHE C 92 11.49 11.58 -20.68
C PHE C 92 11.92 11.78 -22.15
N GLN C 93 13.18 12.18 -22.37
CA GLN C 93 13.83 12.38 -23.68
C GLN C 93 13.09 13.47 -24.49
N LEU C 94 12.99 14.68 -23.89
CA LEU C 94 12.37 15.87 -24.47
C LEU C 94 13.46 16.94 -24.64
N PRO C 95 14.29 16.84 -25.72
CA PRO C 95 15.43 17.76 -25.87
C PRO C 95 15.09 19.24 -25.94
N ASP C 96 13.98 19.60 -26.61
CA ASP C 96 13.56 21.00 -26.72
C ASP C 96 13.17 21.59 -25.35
N LEU C 97 12.57 20.76 -24.48
CA LEU C 97 12.22 21.19 -23.13
C LEU C 97 13.51 21.36 -22.29
N VAL C 98 14.48 20.43 -22.45
CA VAL C 98 15.79 20.50 -21.78
C VAL C 98 16.46 21.86 -22.15
N LYS C 99 16.44 22.23 -23.45
CA LYS C 99 16.98 23.49 -23.99
C LYS C 99 16.29 24.70 -23.36
N LEU C 100 14.95 24.69 -23.25
CA LEU C 100 14.17 25.78 -22.63
C LEU C 100 14.48 25.98 -21.15
N LEU C 101 14.94 24.93 -20.46
CA LEU C 101 15.24 24.95 -19.04
C LEU C 101 16.73 25.22 -18.72
N THR C 102 17.57 25.42 -19.75
CA THR C 102 19.00 25.73 -19.57
C THR C 102 19.21 27.25 -19.63
N SER D 1 4.75 -12.89 -3.62
CA SER D 1 6.02 -12.17 -3.54
C SER D 1 5.77 -10.64 -3.56
N PHE D 2 6.83 -9.81 -3.75
CA PHE D 2 6.65 -8.36 -3.84
C PHE D 2 6.09 -7.96 -5.20
N PRO D 3 5.12 -7.03 -5.25
CA PRO D 3 4.59 -6.61 -6.56
C PRO D 3 5.60 -5.76 -7.34
N GLU D 4 5.40 -5.65 -8.68
CA GLU D 4 6.23 -4.84 -9.60
C GLU D 4 6.24 -3.37 -9.14
N VAL D 5 5.06 -2.86 -8.74
CA VAL D 5 4.84 -1.49 -8.24
C VAL D 5 4.57 -1.57 -6.73
N VAL D 6 5.52 -1.03 -5.93
CA VAL D 6 5.46 -1.02 -4.48
C VAL D 6 4.89 0.31 -4.00
N GLU D 7 3.91 0.24 -3.13
CA GLU D 7 3.24 1.39 -2.54
C GLU D 7 3.83 1.54 -1.12
N LEU D 8 4.44 2.70 -0.86
CA LEU D 8 5.11 2.97 0.41
C LEU D 8 4.48 4.13 1.16
N ASN D 9 4.51 4.05 2.48
CA ASN D 9 4.11 5.11 3.38
C ASN D 9 5.39 5.39 4.22
N VAL D 10 6.05 6.52 3.95
CA VAL D 10 7.25 6.93 4.66
C VAL D 10 6.85 8.05 5.60
N GLY D 11 6.75 7.71 6.89
CA GLY D 11 6.35 8.61 7.97
C GLY D 11 5.11 9.47 7.76
N GLY D 12 4.20 9.01 6.92
CA GLY D 12 2.99 9.77 6.60
C GLY D 12 2.83 10.15 5.13
N GLN D 13 3.94 10.17 4.38
CA GLN D 13 3.98 10.53 2.97
C GLN D 13 3.93 9.30 2.09
N VAL D 14 3.00 9.29 1.11
CA VAL D 14 2.82 8.15 0.21
C VAL D 14 3.69 8.29 -1.03
N TYR D 15 4.45 7.22 -1.33
CA TYR D 15 5.32 7.12 -2.52
C TYR D 15 5.04 5.81 -3.21
N PHE D 16 5.20 5.79 -4.52
CA PHE D 16 5.05 4.60 -5.35
C PHE D 16 6.31 4.51 -6.16
N THR D 17 6.89 3.32 -6.22
CA THR D 17 8.10 3.06 -6.99
C THR D 17 8.10 1.60 -7.46
N ARG D 18 9.00 1.26 -8.39
CA ARG D 18 9.16 -0.11 -8.85
C ARG D 18 9.98 -0.86 -7.81
N HIS D 19 9.70 -2.17 -7.67
CA HIS D 19 10.42 -3.03 -6.73
C HIS D 19 11.92 -3.03 -7.06
N SER D 20 12.25 -2.99 -8.39
CA SER D 20 13.60 -2.98 -8.92
C SER D 20 14.41 -1.78 -8.44
N THR D 21 13.72 -0.63 -8.21
CA THR D 21 14.31 0.62 -7.72
C THR D 21 14.80 0.43 -6.26
N LEU D 22 13.96 -0.23 -5.43
CA LEU D 22 14.24 -0.46 -4.02
C LEU D 22 15.41 -1.41 -3.77
N ILE D 23 15.64 -2.36 -4.68
CA ILE D 23 16.71 -3.35 -4.56
C ILE D 23 17.86 -3.08 -5.56
N SER D 24 17.92 -1.85 -6.12
CA SER D 24 18.93 -1.45 -7.11
C SER D 24 20.36 -1.34 -6.53
N ILE D 25 20.49 -1.04 -5.24
CA ILE D 25 21.79 -0.89 -4.59
C ILE D 25 22.02 -2.01 -3.56
N PRO D 26 22.81 -3.06 -3.92
CA PRO D 26 23.06 -4.14 -2.94
C PRO D 26 23.77 -3.67 -1.66
N HIS D 27 23.37 -4.28 -0.53
CA HIS D 27 23.84 -4.05 0.84
C HIS D 27 23.32 -2.76 1.46
N SER D 28 22.41 -2.05 0.76
CA SER D 28 21.79 -0.84 1.30
C SER D 28 20.59 -1.32 2.14
N LEU D 29 20.01 -0.43 2.97
CA LEU D 29 18.89 -0.81 3.82
C LEU D 29 17.63 -1.22 3.08
N LEU D 30 17.25 -0.47 2.02
CA LEU D 30 16.05 -0.79 1.24
C LEU D 30 16.20 -2.10 0.47
N TRP D 31 17.45 -2.43 0.09
CA TRP D 31 17.80 -3.69 -0.56
C TRP D 31 17.60 -4.83 0.43
N LYS D 32 18.02 -4.65 1.69
CA LYS D 32 17.86 -5.64 2.75
C LYS D 32 16.37 -5.84 3.07
N MET D 33 15.60 -4.75 3.10
CA MET D 33 14.17 -4.75 3.38
C MET D 33 13.32 -5.42 2.29
N PHE D 34 13.62 -5.15 1.02
CA PHE D 34 12.82 -5.64 -0.08
C PHE D 34 13.45 -6.79 -0.88
N SER D 35 14.53 -7.41 -0.38
CA SER D 35 15.15 -8.56 -1.04
C SER D 35 14.29 -9.81 -0.86
N PRO D 36 13.99 -10.57 -1.96
CA PRO D 36 13.13 -11.75 -1.81
C PRO D 36 13.80 -12.91 -1.08
N LEU D 44 7.33 -7.45 7.19
CA LEU D 44 7.47 -5.99 7.06
C LEU D 44 6.23 -5.29 7.59
N ALA D 45 6.44 -4.20 8.36
CA ALA D 45 5.37 -3.38 8.93
C ALA D 45 4.54 -2.72 7.82
N LYS D 46 3.22 -2.67 8.04
CA LYS D 46 2.26 -2.10 7.12
C LYS D 46 1.30 -1.13 7.79
N ASP D 47 0.85 -0.08 7.08
CA ASP D 47 -0.11 0.85 7.64
C ASP D 47 -1.56 0.26 7.54
N SER D 48 -2.56 1.00 8.04
CA SER D 48 -3.96 0.57 8.01
C SER D 48 -4.50 0.29 6.59
N LYS D 49 -3.88 0.88 5.55
CA LYS D 49 -4.28 0.70 4.15
C LYS D 49 -3.43 -0.34 3.40
N GLY D 50 -2.62 -1.08 4.17
CA GLY D 50 -1.78 -2.16 3.62
C GLY D 50 -0.47 -1.78 2.95
N ARG D 51 -0.13 -0.47 2.95
CA ARG D 51 1.10 0.04 2.36
C ARG D 51 2.29 -0.29 3.26
N PHE D 52 3.46 -0.58 2.67
CA PHE D 52 4.69 -0.87 3.43
C PHE D 52 5.14 0.38 4.13
N PHE D 53 5.40 0.26 5.43
CA PHE D 53 5.76 1.42 6.23
C PHE D 53 7.25 1.54 6.52
N ILE D 54 7.77 2.76 6.31
CA ILE D 54 9.15 3.15 6.61
C ILE D 54 9.03 4.27 7.63
N ASP D 55 9.58 4.07 8.83
CA ASP D 55 9.53 5.03 9.92
C ASP D 55 10.65 6.06 9.83
N ARG D 56 10.58 6.90 8.77
CA ARG D 56 11.53 7.97 8.48
C ARG D 56 10.80 9.20 8.01
N ASP D 57 11.51 10.33 7.91
CA ASP D 57 10.92 11.57 7.45
C ASP D 57 10.43 11.39 6.00
N GLY D 58 9.14 11.65 5.81
CA GLY D 58 8.48 11.47 4.54
C GLY D 58 8.84 12.49 3.48
N PHE D 59 9.11 13.73 3.89
CA PHE D 59 9.45 14.80 2.95
C PHE D 59 10.80 14.57 2.29
N LEU D 60 11.78 14.09 3.06
CA LEU D 60 13.15 13.89 2.55
C LEU D 60 13.30 12.63 1.71
N PHE D 61 12.39 11.66 1.87
CA PHE D 61 12.41 10.40 1.10
C PHE D 61 12.31 10.63 -0.43
N ARG D 62 11.65 11.73 -0.83
CA ARG D 62 11.53 12.13 -2.24
C ARG D 62 12.91 12.14 -2.93
N TYR D 63 13.93 12.68 -2.23
CA TYR D 63 15.30 12.81 -2.74
C TYR D 63 16.07 11.52 -2.65
N ILE D 64 15.75 10.67 -1.65
CA ILE D 64 16.34 9.34 -1.48
C ILE D 64 15.90 8.50 -2.69
N LEU D 65 14.58 8.55 -2.99
CA LEU D 65 13.95 7.86 -4.12
C LEU D 65 14.55 8.27 -5.50
N ASP D 66 14.79 9.58 -5.71
CA ASP D 66 15.37 10.05 -6.97
C ASP D 66 16.81 9.59 -7.13
N TYR D 67 17.55 9.47 -5.98
CA TYR D 67 18.91 8.97 -6.00
C TYR D 67 18.89 7.48 -6.40
N LEU D 68 17.91 6.71 -5.88
CA LEU D 68 17.79 5.29 -6.26
C LEU D 68 17.46 5.11 -7.77
N ARG D 69 16.69 6.04 -8.36
CA ARG D 69 16.30 6.06 -9.78
C ARG D 69 17.47 6.41 -10.71
N ASP D 70 18.26 7.48 -10.38
CA ASP D 70 19.32 8.03 -11.24
C ASP D 70 20.75 7.86 -10.78
N ARG D 71 20.99 7.65 -9.46
CA ARG D 71 22.32 7.59 -8.81
C ARG D 71 22.95 8.97 -8.77
N GLN D 72 22.08 9.95 -8.85
CA GLN D 72 22.33 11.37 -8.83
C GLN D 72 21.06 12.00 -8.34
N VAL D 73 21.17 13.09 -7.61
CA VAL D 73 20.00 13.82 -7.15
C VAL D 73 20.25 15.33 -7.25
N VAL D 74 19.29 16.04 -7.89
CA VAL D 74 19.30 17.48 -8.06
C VAL D 74 18.39 17.93 -6.93
N LEU D 75 18.80 18.94 -6.18
CA LEU D 75 17.98 19.44 -5.09
C LEU D 75 17.30 20.74 -5.45
N PRO D 76 16.19 21.13 -4.77
CA PRO D 76 15.61 22.46 -5.06
C PRO D 76 16.62 23.57 -4.71
N ASP D 77 16.47 24.75 -5.34
CA ASP D 77 17.34 25.90 -5.09
C ASP D 77 17.15 26.32 -3.64
N HIS D 78 18.27 26.65 -2.95
CA HIS D 78 18.32 27.10 -1.55
C HIS D 78 17.72 26.06 -0.59
N PHE D 79 17.94 24.75 -0.89
CA PHE D 79 17.41 23.63 -0.11
C PHE D 79 17.98 23.69 1.30
N PRO D 80 17.11 23.87 2.33
CA PRO D 80 17.61 24.04 3.70
C PRO D 80 17.84 22.76 4.50
N GLU D 81 17.60 21.58 3.92
CA GLU D 81 17.74 20.34 4.67
C GLU D 81 18.76 19.38 4.10
N LYS D 82 19.89 19.91 3.59
CA LYS D 82 21.01 19.11 3.07
C LYS D 82 21.61 18.18 4.15
N GLY D 83 21.74 18.71 5.37
CA GLY D 83 22.28 17.97 6.51
C GLY D 83 21.37 16.84 6.97
N ARG D 84 20.05 17.13 7.01
CA ARG D 84 19.00 16.16 7.38
C ARG D 84 18.90 15.07 6.31
N LEU D 85 19.03 15.43 5.01
CA LEU D 85 19.03 14.47 3.91
C LEU D 85 20.25 13.55 3.97
N LYS D 86 21.39 14.10 4.38
CA LYS D 86 22.64 13.33 4.56
C LYS D 86 22.46 12.26 5.65
N ARG D 87 21.76 12.61 6.76
CA ARG D 87 21.42 11.69 7.84
C ARG D 87 20.52 10.57 7.33
N GLU D 88 19.51 10.91 6.46
CA GLU D 88 18.60 9.92 5.86
C GLU D 88 19.41 8.97 4.96
N ALA D 89 20.35 9.52 4.16
CA ALA D 89 21.22 8.72 3.29
C ALA D 89 22.08 7.74 4.11
N GLU D 90 22.54 8.17 5.30
CA GLU D 90 23.30 7.32 6.24
C GLU D 90 22.38 6.19 6.73
N TYR D 91 21.15 6.52 7.16
CA TYR D 91 20.19 5.52 7.62
C TYR D 91 19.90 4.48 6.55
N PHE D 92 19.62 4.91 5.28
CA PHE D 92 19.32 4.00 4.19
C PHE D 92 20.55 3.27 3.64
N GLN D 93 21.76 3.61 4.18
CA GLN D 93 23.06 3.00 3.87
C GLN D 93 23.40 3.18 2.41
N LEU D 94 23.44 4.46 1.97
CA LEU D 94 23.77 4.87 0.60
C LEU D 94 25.04 5.72 0.67
N PRO D 95 26.23 5.07 0.80
CA PRO D 95 27.48 5.83 0.99
C PRO D 95 27.84 6.85 -0.07
N ASP D 96 27.56 6.54 -1.35
CA ASP D 96 27.82 7.48 -2.46
C ASP D 96 26.95 8.73 -2.37
N LEU D 97 25.69 8.58 -1.89
CA LEU D 97 24.79 9.73 -1.70
C LEU D 97 25.29 10.56 -0.49
N VAL D 98 25.75 9.89 0.59
CA VAL D 98 26.34 10.56 1.77
C VAL D 98 27.52 11.44 1.31
N LYS D 99 28.40 10.89 0.45
CA LYS D 99 29.55 11.59 -0.15
C LYS D 99 29.15 12.80 -0.97
N LEU D 100 28.11 12.67 -1.82
CA LEU D 100 27.60 13.77 -2.64
C LEU D 100 27.05 14.93 -1.80
N LEU D 101 26.57 14.64 -0.58
CA LEU D 101 25.97 15.64 0.31
C LEU D 101 26.94 16.26 1.32
N THR D 102 28.22 15.82 1.30
CA THR D 102 29.29 16.33 2.19
C THR D 102 30.12 17.41 1.43
N PRO D 103 30.27 18.64 1.99
CA PRO D 103 31.03 19.67 1.28
C PRO D 103 32.54 19.58 1.49
N SER E 1 -3.70 -3.08 22.29
CA SER E 1 -4.75 -2.42 21.49
C SER E 1 -4.16 -1.49 20.42
N PHE E 2 -2.98 -0.89 20.70
CA PHE E 2 -2.34 0.04 19.76
C PHE E 2 -1.77 -0.67 18.55
N PRO E 3 -2.00 -0.13 17.33
CA PRO E 3 -1.45 -0.78 16.13
C PRO E 3 0.07 -0.58 16.06
N GLU E 4 0.75 -1.44 15.28
CA GLU E 4 2.19 -1.41 15.04
C GLU E 4 2.57 -0.04 14.44
N VAL E 5 1.75 0.48 13.50
CA VAL E 5 1.91 1.77 12.86
C VAL E 5 0.81 2.72 13.38
N VAL E 6 1.23 3.75 14.11
CA VAL E 6 0.36 4.76 14.72
C VAL E 6 0.23 6.00 13.84
N GLU E 7 -1.01 6.42 13.59
CA GLU E 7 -1.36 7.60 12.80
C GLU E 7 -1.65 8.74 13.77
N LEU E 8 -0.87 9.82 13.67
CA LEU E 8 -0.97 10.99 14.54
C LEU E 8 -1.31 12.25 13.78
N ASN E 9 -2.00 13.16 14.44
CA ASN E 9 -2.34 14.49 13.94
C ASN E 9 -1.83 15.46 14.99
N VAL E 10 -0.81 16.25 14.64
CA VAL E 10 -0.24 17.23 15.56
C VAL E 10 -0.27 18.56 14.86
N GLY E 11 -1.04 19.51 15.41
CA GLY E 11 -1.23 20.84 14.84
C GLY E 11 -1.67 20.86 13.39
N GLY E 12 -2.54 19.92 13.01
CA GLY E 12 -3.06 19.81 11.65
C GLY E 12 -2.16 19.14 10.63
N GLN E 13 -0.97 18.68 11.08
CA GLN E 13 -0.01 17.97 10.22
C GLN E 13 0.05 16.53 10.66
N VAL E 14 -0.14 15.66 9.70
CA VAL E 14 -0.22 14.22 9.88
C VAL E 14 1.17 13.55 9.87
N TYR E 15 1.39 12.71 10.89
CA TYR E 15 2.61 11.92 11.08
C TYR E 15 2.24 10.47 11.30
N PHE E 16 3.05 9.57 10.77
CA PHE E 16 2.90 8.13 10.97
C PHE E 16 4.23 7.67 11.54
N THR E 17 4.18 6.86 12.57
CA THR E 17 5.36 6.29 13.20
C THR E 17 5.04 4.94 13.81
N ARG E 18 6.08 4.16 14.14
CA ARG E 18 5.88 2.86 14.78
C ARG E 18 5.53 3.13 16.24
N HIS E 19 4.71 2.24 16.82
CA HIS E 19 4.32 2.32 18.23
C HIS E 19 5.56 2.26 19.12
N SER E 20 6.56 1.44 18.71
CA SER E 20 7.83 1.27 19.43
C SER E 20 8.62 2.58 19.54
N THR E 21 8.51 3.48 18.53
CA THR E 21 9.16 4.79 18.51
C THR E 21 8.58 5.69 19.60
N LEU E 22 7.23 5.66 19.75
CA LEU E 22 6.50 6.48 20.73
C LEU E 22 6.76 6.11 22.16
N ILE E 23 7.03 4.82 22.43
CA ILE E 23 7.29 4.30 23.77
C ILE E 23 8.78 3.96 23.98
N SER E 24 9.68 4.46 23.11
CA SER E 24 11.13 4.20 23.16
C SER E 24 11.82 4.83 24.38
N ILE E 25 11.28 5.95 24.88
CA ILE E 25 11.86 6.66 26.03
C ILE E 25 10.93 6.55 27.26
N PRO E 26 11.20 5.62 28.22
CA PRO E 26 10.33 5.50 29.39
C PRO E 26 10.27 6.77 30.23
N HIS E 27 9.06 7.06 30.77
CA HIS E 27 8.67 8.17 31.64
C HIS E 27 8.54 9.50 30.89
N SER E 28 8.67 9.47 29.54
CA SER E 28 8.44 10.65 28.70
C SER E 28 6.91 10.75 28.47
N LEU E 29 6.41 11.90 27.95
CA LEU E 29 4.98 12.10 27.74
C LEU E 29 4.38 11.13 26.71
N LEU E 30 5.05 10.93 25.57
CA LEU E 30 4.56 10.02 24.53
C LEU E 30 4.55 8.57 25.00
N TRP E 31 5.49 8.21 25.90
CA TRP E 31 5.55 6.88 26.52
C TRP E 31 4.35 6.71 27.45
N LYS E 32 4.00 7.75 28.23
CA LYS E 32 2.85 7.76 29.15
C LYS E 32 1.55 7.65 28.36
N MET E 33 1.48 8.38 27.22
CA MET E 33 0.32 8.42 26.33
C MET E 33 0.06 7.09 25.62
N PHE E 34 1.11 6.43 25.13
CA PHE E 34 0.99 5.21 24.33
C PHE E 34 1.43 3.91 25.02
N SER E 35 1.75 3.91 26.33
CA SER E 35 2.17 2.65 26.95
C SER E 35 1.09 2.04 27.86
N PRO E 36 0.82 0.71 27.73
CA PRO E 36 -0.19 0.09 28.59
C PRO E 36 0.34 -0.21 30.00
N ASP E 43 -8.20 5.46 26.48
CA ASP E 43 -8.73 6.81 26.23
C ASP E 43 -7.61 7.80 25.90
N LEU E 44 -7.76 8.47 24.74
CA LEU E 44 -6.87 9.50 24.17
C LEU E 44 -7.69 10.33 23.17
N ALA E 45 -7.43 11.66 23.09
CA ALA E 45 -8.13 12.56 22.16
C ALA E 45 -7.88 12.18 20.71
N LYS E 46 -8.94 12.23 19.88
CA LYS E 46 -8.89 11.88 18.47
C LYS E 46 -9.54 12.94 17.60
N ASP E 47 -9.03 13.12 16.37
CA ASP E 47 -9.59 14.09 15.42
C ASP E 47 -10.83 13.49 14.75
N SER E 48 -11.47 14.26 13.83
CA SER E 48 -12.67 13.84 13.09
C SER E 48 -12.45 12.54 12.27
N LYS E 49 -11.18 12.25 11.90
CA LYS E 49 -10.81 11.06 11.13
C LYS E 49 -10.27 9.91 11.99
N GLY E 50 -10.39 10.06 13.32
CA GLY E 50 -9.97 9.04 14.28
C GLY E 50 -8.49 8.92 14.59
N ARG E 51 -7.66 9.84 14.03
CA ARG E 51 -6.21 9.88 14.29
C ARG E 51 -6.01 10.41 15.70
N PHE E 52 -4.97 9.92 16.40
CA PHE E 52 -4.62 10.38 17.75
C PHE E 52 -4.14 11.84 17.66
N PHE E 53 -4.75 12.74 18.45
CA PHE E 53 -4.42 14.16 18.39
C PHE E 53 -3.51 14.66 19.49
N ILE E 54 -2.49 15.42 19.08
CA ILE E 54 -1.53 16.07 19.97
C ILE E 54 -1.64 17.57 19.66
N ASP E 55 -2.02 18.35 20.68
CA ASP E 55 -2.22 19.79 20.54
C ASP E 55 -0.91 20.56 20.75
N ARG E 56 0.02 20.41 19.79
CA ARG E 56 1.35 21.04 19.80
C ARG E 56 1.70 21.52 18.38
N ASP E 57 2.82 22.26 18.20
CA ASP E 57 3.23 22.73 16.88
C ASP E 57 3.53 21.59 15.92
N GLY E 58 2.76 21.54 14.85
CA GLY E 58 2.87 20.52 13.82
C GLY E 58 4.17 20.46 13.07
N PHE E 59 4.73 21.65 12.69
CA PHE E 59 6.01 21.75 11.97
C PHE E 59 7.20 21.29 12.85
N LEU E 60 7.17 21.63 14.15
CA LEU E 60 8.24 21.29 15.09
C LEU E 60 8.28 19.81 15.45
N PHE E 61 7.11 19.09 15.45
CA PHE E 61 7.01 17.67 15.81
C PHE E 61 7.92 16.80 14.97
N ARG E 62 8.21 17.22 13.72
CA ARG E 62 9.12 16.58 12.79
C ARG E 62 10.46 16.29 13.48
N TYR E 63 10.97 17.28 14.28
CA TYR E 63 12.25 17.20 14.95
C TYR E 63 12.18 16.40 16.24
N ILE E 64 11.03 16.41 16.93
CA ILE E 64 10.79 15.61 18.12
C ILE E 64 10.80 14.12 17.68
N LEU E 65 10.10 13.80 16.58
CA LEU E 65 9.98 12.46 16.01
C LEU E 65 11.30 11.93 15.54
N ASP E 66 12.11 12.76 14.89
CA ASP E 66 13.43 12.36 14.42
C ASP E 66 14.41 12.12 15.59
N TYR E 67 14.25 12.83 16.74
CA TYR E 67 15.04 12.58 17.95
C TYR E 67 14.65 11.20 18.53
N LEU E 68 13.36 10.83 18.46
CA LEU E 68 12.88 9.53 18.95
C LEU E 68 13.42 8.40 18.10
N ARG E 69 13.60 8.65 16.79
CA ARG E 69 14.11 7.68 15.82
C ARG E 69 15.61 7.49 15.86
N ASP E 70 16.37 8.58 15.93
CA ASP E 70 17.83 8.57 15.83
C ASP E 70 18.61 8.85 17.10
N ARG E 71 17.95 9.45 18.12
CA ARG E 71 18.54 9.83 19.40
C ARG E 71 19.79 10.72 19.20
N GLN E 72 19.64 11.65 18.28
CA GLN E 72 20.54 12.71 17.89
C GLN E 72 19.67 13.83 17.31
N VAL E 73 20.20 15.03 17.21
CA VAL E 73 19.40 16.12 16.69
C VAL E 73 20.03 16.69 15.41
N VAL E 74 19.43 16.34 14.23
CA VAL E 74 19.84 16.88 12.93
C VAL E 74 18.76 17.86 12.48
N LEU E 75 19.15 19.12 12.47
CA LEU E 75 18.24 20.21 12.18
C LEU E 75 18.51 20.80 10.81
N PRO E 76 17.55 21.55 10.20
CA PRO E 76 17.84 22.19 8.91
C PRO E 76 18.96 23.22 9.07
N ASP E 77 19.67 23.52 7.98
CA ASP E 77 20.76 24.48 7.96
C ASP E 77 20.18 25.86 8.35
N HIS E 78 20.90 26.57 9.24
CA HIS E 78 20.52 27.90 9.75
C HIS E 78 19.15 27.92 10.45
N PHE E 79 18.84 26.84 11.20
CA PHE E 79 17.57 26.68 11.92
C PHE E 79 17.42 27.76 13.01
N PRO E 80 16.41 28.65 12.88
CA PRO E 80 16.28 29.74 13.86
C PRO E 80 15.37 29.46 15.06
N GLU E 81 14.84 28.22 15.20
CA GLU E 81 13.91 27.96 16.29
C GLU E 81 14.37 26.88 17.31
N LYS E 82 15.63 26.97 17.82
CA LYS E 82 16.12 26.04 18.84
C LYS E 82 15.36 26.21 20.17
N GLY E 83 15.04 27.47 20.51
CA GLY E 83 14.31 27.83 21.72
C GLY E 83 12.90 27.28 21.75
N ARG E 84 12.15 27.49 20.66
CA ARG E 84 10.78 26.98 20.51
C ARG E 84 10.76 25.46 20.51
N LEU E 85 11.77 24.83 19.85
CA LEU E 85 11.92 23.38 19.85
C LEU E 85 12.27 22.84 21.25
N LYS E 86 13.08 23.58 22.04
CA LYS E 86 13.43 23.24 23.42
C LYS E 86 12.16 23.15 24.29
N ARG E 87 11.19 24.06 24.09
CA ARG E 87 9.92 24.01 24.84
C ARG E 87 9.02 22.84 24.42
N GLU E 88 9.18 22.35 23.18
CA GLU E 88 8.43 21.19 22.71
C GLU E 88 9.01 19.97 23.41
N ALA E 89 10.36 19.92 23.50
CA ALA E 89 11.11 18.86 24.18
C ALA E 89 10.77 18.81 25.66
N GLU E 90 10.60 19.99 26.30
CA GLU E 90 10.21 20.11 27.72
C GLU E 90 8.79 19.54 27.91
N TYR E 91 7.84 19.93 27.01
CA TYR E 91 6.46 19.43 27.03
C TYR E 91 6.42 17.90 26.89
N PHE E 92 7.14 17.34 25.88
CA PHE E 92 7.15 15.90 25.65
C PHE E 92 7.98 15.12 26.68
N GLN E 93 8.62 15.85 27.63
CA GLN E 93 9.43 15.34 28.76
C GLN E 93 10.61 14.50 28.26
N LEU E 94 11.45 15.13 27.40
CA LEU E 94 12.64 14.53 26.82
C LEU E 94 13.84 15.32 27.36
N PRO E 95 14.31 15.05 28.60
CA PRO E 95 15.40 15.84 29.20
C PRO E 95 16.73 15.84 28.43
N ASP E 96 17.11 14.72 27.81
CA ASP E 96 18.34 14.63 27.02
C ASP E 96 18.29 15.51 25.77
N LEU E 97 17.09 15.63 25.14
CA LEU E 97 16.88 16.51 24.00
C LEU E 97 16.94 17.96 24.46
N VAL E 98 16.34 18.28 25.62
CA VAL E 98 16.35 19.62 26.22
C VAL E 98 17.81 20.06 26.40
N LYS E 99 18.65 19.17 26.96
CA LYS E 99 20.07 19.39 27.19
C LYS E 99 20.81 19.69 25.89
N LEU E 100 20.57 18.90 24.84
CA LEU E 100 21.20 19.08 23.52
C LEU E 100 20.86 20.40 22.85
N LEU E 101 19.68 20.96 23.16
CA LEU E 101 19.17 22.21 22.62
C LEU E 101 19.57 23.50 23.36
N THR E 102 19.63 23.45 24.69
CA THR E 102 19.83 24.58 25.62
C THR E 102 21.01 25.59 25.37
N PRO E 103 22.32 25.24 25.38
CA PRO E 103 23.34 26.33 25.27
C PRO E 103 23.91 26.48 23.86
N PHE F 2 22.83 -27.56 -36.62
CA PHE F 2 23.65 -26.52 -35.99
C PHE F 2 22.98 -25.98 -34.73
N PRO F 3 23.75 -25.71 -33.65
CA PRO F 3 23.11 -25.14 -32.44
C PRO F 3 22.70 -23.68 -32.64
N GLU F 4 21.79 -23.20 -31.79
CA GLU F 4 21.29 -21.81 -31.79
C GLU F 4 22.46 -20.84 -31.58
N VAL F 5 23.39 -21.20 -30.66
CA VAL F 5 24.59 -20.43 -30.33
C VAL F 5 25.80 -21.23 -30.85
N VAL F 6 26.48 -20.66 -31.85
CA VAL F 6 27.64 -21.24 -32.53
C VAL F 6 28.93 -20.73 -31.90
N GLU F 7 29.82 -21.66 -31.57
CA GLU F 7 31.12 -21.39 -30.97
C GLU F 7 32.17 -21.45 -32.10
N LEU F 8 32.88 -20.32 -32.31
CA LEU F 8 33.86 -20.15 -33.38
C LEU F 8 35.23 -19.75 -32.88
N ASN F 9 36.27 -20.23 -33.56
CA ASN F 9 37.65 -19.86 -33.29
C ASN F 9 38.19 -19.29 -34.59
N VAL F 10 38.32 -17.96 -34.63
CA VAL F 10 38.86 -17.27 -35.79
C VAL F 10 40.26 -16.81 -35.42
N GLY F 11 41.26 -17.50 -35.98
CA GLY F 11 42.69 -17.26 -35.77
C GLY F 11 43.15 -17.11 -34.32
N GLY F 12 42.85 -18.09 -33.48
CA GLY F 12 43.28 -18.06 -32.08
C GLY F 12 42.39 -17.32 -31.10
N GLN F 13 41.26 -16.73 -31.61
CA GLN F 13 40.30 -16.05 -30.73
C GLN F 13 38.94 -16.61 -30.80
N VAL F 14 38.38 -16.82 -29.60
CA VAL F 14 37.04 -17.35 -29.35
C VAL F 14 36.01 -16.26 -29.59
N TYR F 15 35.02 -16.58 -30.41
CA TYR F 15 33.85 -15.76 -30.75
C TYR F 15 32.62 -16.64 -30.74
N PHE F 16 31.56 -16.17 -30.07
CA PHE F 16 30.30 -16.89 -30.01
C PHE F 16 29.29 -15.98 -30.69
N THR F 17 28.42 -16.56 -31.53
CA THR F 17 27.37 -15.83 -32.21
C THR F 17 26.16 -16.72 -32.45
N ARG F 18 25.00 -16.15 -32.78
CA ARG F 18 23.81 -16.92 -33.09
C ARG F 18 23.95 -17.48 -34.48
N HIS F 19 23.38 -18.67 -34.72
CA HIS F 19 23.42 -19.31 -36.03
C HIS F 19 22.73 -18.42 -37.08
N SER F 20 21.66 -17.72 -36.67
CA SER F 20 20.90 -16.79 -37.50
C SER F 20 21.76 -15.64 -38.03
N THR F 21 22.76 -15.19 -37.24
CA THR F 21 23.70 -14.13 -37.60
C THR F 21 24.60 -14.59 -38.76
N LEU F 22 25.08 -15.85 -38.69
CA LEU F 22 25.97 -16.44 -39.70
C LEU F 22 25.31 -16.68 -41.06
N ILE F 23 24.01 -16.94 -41.06
CA ILE F 23 23.24 -17.21 -42.29
C ILE F 23 22.29 -16.04 -42.64
N SER F 24 22.53 -14.85 -42.05
CA SER F 24 21.72 -13.64 -42.27
C SER F 24 21.84 -13.07 -43.70
N ILE F 25 22.99 -13.27 -44.36
CA ILE F 25 23.21 -12.76 -45.71
C ILE F 25 23.32 -13.92 -46.73
N PRO F 26 22.23 -14.23 -47.47
CA PRO F 26 22.31 -15.34 -48.46
C PRO F 26 23.36 -15.12 -49.55
N HIS F 27 24.01 -16.24 -49.95
CA HIS F 27 25.06 -16.39 -50.96
C HIS F 27 26.45 -15.86 -50.49
N SER F 28 26.55 -15.46 -49.21
CA SER F 28 27.82 -15.05 -48.63
C SER F 28 28.55 -16.34 -48.19
N LEU F 29 29.86 -16.25 -47.87
CA LEU F 29 30.63 -17.43 -47.48
C LEU F 29 30.15 -18.08 -46.19
N LEU F 30 29.86 -17.28 -45.14
CA LEU F 30 29.38 -17.81 -43.87
C LEU F 30 28.00 -18.46 -43.99
N TRP F 31 27.18 -17.96 -44.92
CA TRP F 31 25.86 -18.52 -45.24
C TRP F 31 26.05 -19.89 -45.91
N LYS F 32 27.03 -20.00 -46.83
CA LYS F 32 27.37 -21.25 -47.53
C LYS F 32 27.94 -22.28 -46.54
N MET F 33 28.76 -21.82 -45.57
CA MET F 33 29.38 -22.64 -44.54
C MET F 33 28.39 -23.20 -43.53
N PHE F 34 27.44 -22.38 -43.07
CA PHE F 34 26.50 -22.74 -42.02
C PHE F 34 25.06 -23.00 -42.50
N SER F 35 24.83 -23.16 -43.82
CA SER F 35 23.51 -23.47 -44.34
C SER F 35 23.22 -24.98 -44.10
N PRO F 36 22.03 -25.34 -43.56
CA PRO F 36 21.73 -26.76 -43.29
C PRO F 36 21.57 -27.61 -44.55
N ASP F 43 30.57 -30.65 -42.81
CA ASP F 43 31.81 -30.96 -43.51
C ASP F 43 32.78 -29.75 -43.53
N LEU F 44 33.03 -29.14 -42.35
CA LEU F 44 33.94 -28.00 -42.21
C LEU F 44 34.88 -28.17 -41.00
N ALA F 45 36.07 -27.57 -41.09
CA ALA F 45 37.19 -27.63 -40.14
C ALA F 45 36.81 -27.31 -38.70
N LYS F 46 37.38 -28.07 -37.76
CA LYS F 46 37.16 -27.90 -36.33
C LYS F 46 38.49 -27.94 -35.58
N ASP F 47 38.61 -27.15 -34.52
CA ASP F 47 39.84 -27.13 -33.73
C ASP F 47 39.89 -28.32 -32.75
N SER F 48 40.95 -28.38 -31.93
CA SER F 48 41.16 -29.43 -30.93
C SER F 48 40.03 -29.49 -29.86
N LYS F 49 39.28 -28.38 -29.69
CA LYS F 49 38.18 -28.31 -28.73
C LYS F 49 36.79 -28.53 -29.38
N GLY F 50 36.78 -29.00 -30.64
CA GLY F 50 35.57 -29.31 -31.41
C GLY F 50 34.78 -28.13 -31.94
N ARG F 51 35.27 -26.90 -31.67
CA ARG F 51 34.68 -25.64 -32.12
C ARG F 51 35.10 -25.43 -33.56
N PHE F 52 34.22 -24.83 -34.37
CA PHE F 52 34.46 -24.54 -35.77
C PHE F 52 35.63 -23.57 -35.91
N PHE F 53 36.54 -23.86 -36.86
CA PHE F 53 37.72 -23.04 -37.09
C PHE F 53 37.68 -22.28 -38.42
N ILE F 54 38.05 -21.00 -38.37
CA ILE F 54 38.15 -20.08 -39.50
C ILE F 54 39.58 -19.55 -39.50
N ASP F 55 40.32 -19.78 -40.59
CA ASP F 55 41.72 -19.36 -40.67
C ASP F 55 41.91 -17.97 -41.29
N ARG F 56 41.35 -16.95 -40.64
CA ARG F 56 41.43 -15.56 -41.09
C ARG F 56 41.91 -14.70 -39.91
N ASP F 57 42.11 -13.38 -40.13
CA ASP F 57 42.58 -12.53 -39.02
C ASP F 57 41.55 -12.51 -37.89
N GLY F 58 42.01 -12.94 -36.71
CA GLY F 58 41.18 -13.05 -35.53
C GLY F 58 40.65 -11.72 -35.02
N PHE F 59 41.50 -10.67 -35.01
CA PHE F 59 41.14 -9.31 -34.58
C PHE F 59 40.09 -8.69 -35.50
N LEU F 60 40.26 -8.84 -36.83
CA LEU F 60 39.39 -8.29 -37.87
C LEU F 60 38.01 -8.96 -37.96
N PHE F 61 37.90 -10.25 -37.57
CA PHE F 61 36.61 -10.96 -37.61
C PHE F 61 35.58 -10.28 -36.73
N ARG F 62 36.05 -9.62 -35.68
CA ARG F 62 35.27 -8.86 -34.74
C ARG F 62 34.35 -7.85 -35.46
N TYR F 63 34.91 -7.17 -36.48
CA TYR F 63 34.21 -6.16 -37.29
C TYR F 63 33.33 -6.79 -38.37
N ILE F 64 33.70 -7.99 -38.87
CA ILE F 64 32.89 -8.76 -39.83
C ILE F 64 31.59 -9.16 -39.09
N LEU F 65 31.77 -9.68 -37.85
CA LEU F 65 30.69 -10.12 -36.96
C LEU F 65 29.73 -8.98 -36.61
N ASP F 66 30.27 -7.78 -36.29
CA ASP F 66 29.44 -6.63 -35.98
C ASP F 66 28.65 -6.12 -37.20
N TYR F 67 29.19 -6.27 -38.44
CA TYR F 67 28.47 -5.94 -39.66
C TYR F 67 27.30 -6.95 -39.84
N LEU F 68 27.50 -8.24 -39.51
CA LEU F 68 26.44 -9.23 -39.62
C LEU F 68 25.30 -8.95 -38.65
N ARG F 69 25.66 -8.42 -37.45
CA ARG F 69 24.71 -8.06 -36.37
C ARG F 69 23.92 -6.79 -36.63
N ASP F 70 24.60 -5.69 -37.08
CA ASP F 70 23.99 -4.37 -37.25
C ASP F 70 23.73 -3.91 -38.67
N ARG F 71 24.45 -4.50 -39.65
CA ARG F 71 24.35 -4.14 -41.07
C ARG F 71 24.67 -2.64 -41.25
N GLN F 72 25.72 -2.22 -40.53
CA GLN F 72 26.35 -0.90 -40.51
C GLN F 72 27.78 -1.12 -40.03
N VAL F 73 28.69 -0.20 -40.30
CA VAL F 73 30.09 -0.40 -39.91
C VAL F 73 30.60 0.66 -38.91
N VAL F 74 30.67 0.28 -37.63
CA VAL F 74 31.23 1.15 -36.60
C VAL F 74 32.59 0.61 -36.23
N LEU F 75 33.60 1.40 -36.51
CA LEU F 75 34.99 1.02 -36.28
C LEU F 75 35.56 1.79 -35.11
N PRO F 76 36.68 1.33 -34.49
CA PRO F 76 37.28 2.13 -33.41
C PRO F 76 37.79 3.46 -33.95
N ASP F 77 37.92 4.45 -33.06
CA ASP F 77 38.45 5.79 -33.39
C ASP F 77 39.89 5.62 -33.88
N HIS F 78 40.23 6.30 -34.98
CA HIS F 78 41.56 6.28 -35.63
C HIS F 78 41.98 4.87 -36.07
N PHE F 79 41.00 4.08 -36.58
CA PHE F 79 41.23 2.71 -37.06
C PHE F 79 42.13 2.71 -38.28
N PRO F 80 43.35 2.13 -38.21
CA PRO F 80 44.26 2.18 -39.36
C PRO F 80 44.20 1.00 -40.34
N GLU F 81 43.52 -0.11 -40.01
CA GLU F 81 43.50 -1.32 -40.84
C GLU F 81 42.23 -1.50 -41.70
N LYS F 82 41.68 -0.39 -42.25
CA LYS F 82 40.48 -0.38 -43.10
C LYS F 82 40.62 -1.22 -44.39
N GLY F 83 41.82 -1.22 -44.99
CA GLY F 83 42.14 -1.95 -46.21
C GLY F 83 42.16 -3.46 -46.03
N ARG F 84 42.72 -3.92 -44.90
CA ARG F 84 42.84 -5.33 -44.52
C ARG F 84 41.45 -5.94 -44.31
N LEU F 85 40.56 -5.16 -43.67
CA LEU F 85 39.18 -5.54 -43.37
C LEU F 85 38.35 -5.71 -44.66
N LYS F 86 38.61 -4.85 -45.68
CA LYS F 86 37.91 -4.91 -46.98
C LYS F 86 38.21 -6.24 -47.67
N ARG F 87 39.47 -6.73 -47.55
CA ARG F 87 39.89 -8.02 -48.11
C ARG F 87 39.29 -9.21 -47.34
N GLU F 88 38.91 -8.99 -46.07
CA GLU F 88 38.22 -9.98 -45.22
C GLU F 88 36.76 -10.05 -45.68
N ALA F 89 36.14 -8.85 -45.96
CA ALA F 89 34.77 -8.69 -46.45
C ALA F 89 34.58 -9.33 -47.84
N GLU F 90 35.63 -9.26 -48.69
CA GLU F 90 35.68 -9.85 -50.03
C GLU F 90 35.70 -11.37 -49.87
N TYR F 91 36.59 -11.86 -48.96
CA TYR F 91 36.74 -13.28 -48.62
C TYR F 91 35.42 -13.86 -48.12
N PHE F 92 34.77 -13.17 -47.15
CA PHE F 92 33.50 -13.62 -46.60
C PHE F 92 32.31 -13.37 -47.57
N GLN F 93 32.59 -12.74 -48.75
CA GLN F 93 31.65 -12.44 -49.84
C GLN F 93 30.49 -11.56 -49.36
N LEU F 94 30.84 -10.40 -48.78
CA LEU F 94 29.87 -9.42 -48.26
C LEU F 94 29.99 -8.14 -49.13
N PRO F 95 29.35 -8.10 -50.33
CA PRO F 95 29.55 -6.95 -51.23
C PRO F 95 29.13 -5.57 -50.68
N ASP F 96 28.05 -5.52 -49.88
CA ASP F 96 27.59 -4.26 -49.27
C ASP F 96 28.61 -3.72 -48.26
N LEU F 97 29.28 -4.63 -47.52
CA LEU F 97 30.33 -4.26 -46.58
C LEU F 97 31.56 -3.78 -47.36
N VAL F 98 31.91 -4.43 -48.48
CA VAL F 98 33.03 -4.05 -49.36
C VAL F 98 32.81 -2.59 -49.82
N LYS F 99 31.57 -2.27 -50.27
CA LYS F 99 31.16 -0.94 -50.70
C LYS F 99 31.33 0.10 -49.58
N LEU F 100 30.90 -0.23 -48.34
CA LEU F 100 31.01 0.67 -47.18
C LEU F 100 32.47 0.94 -46.76
N LEU F 101 33.39 0.03 -47.10
CA LEU F 101 34.81 0.15 -46.77
C LEU F 101 35.66 0.78 -47.89
N THR F 102 35.04 1.15 -49.03
CA THR F 102 35.73 1.81 -50.14
C THR F 102 35.59 3.32 -50.03
N SER G 1 12.64 -19.13 -11.56
CA SER G 1 12.63 -17.98 -12.47
C SER G 1 14.09 -17.61 -12.82
N PHE G 2 14.53 -16.37 -12.55
CA PHE G 2 15.92 -15.97 -12.77
C PHE G 2 16.70 -16.02 -11.47
N PRO G 3 17.94 -16.55 -11.47
CA PRO G 3 18.72 -16.60 -10.22
C PRO G 3 19.19 -15.20 -9.80
N GLU G 4 19.54 -15.04 -8.52
CA GLU G 4 20.06 -13.80 -7.93
C GLU G 4 21.35 -13.39 -8.68
N VAL G 5 22.24 -14.36 -8.99
CA VAL G 5 23.48 -14.16 -9.72
C VAL G 5 23.31 -14.77 -11.13
N VAL G 6 23.34 -13.91 -12.16
CA VAL G 6 23.16 -14.28 -13.56
C VAL G 6 24.53 -14.43 -14.23
N GLU G 7 24.72 -15.56 -14.92
CA GLU G 7 25.92 -15.89 -15.66
C GLU G 7 25.63 -15.61 -17.12
N LEU G 8 26.39 -14.69 -17.73
CA LEU G 8 26.21 -14.26 -19.12
C LEU G 8 27.40 -14.58 -19.99
N ASN G 9 27.13 -14.86 -21.25
CA ASN G 9 28.13 -15.05 -22.29
C ASN G 9 27.77 -13.99 -23.33
N VAL G 10 28.59 -12.94 -23.42
CA VAL G 10 28.40 -11.86 -24.37
C VAL G 10 29.42 -12.05 -25.49
N GLY G 11 28.96 -12.56 -26.65
CA GLY G 11 29.77 -12.83 -27.83
C GLY G 11 31.07 -13.60 -27.62
N GLY G 12 31.14 -14.42 -26.57
CA GLY G 12 32.34 -15.19 -26.25
C GLY G 12 32.95 -14.87 -24.91
N GLN G 13 32.65 -13.67 -24.36
CA GLN G 13 33.18 -13.22 -23.07
C GLN G 13 32.20 -13.47 -21.94
N VAL G 14 32.68 -14.10 -20.87
CA VAL G 14 31.86 -14.46 -19.70
C VAL G 14 31.82 -13.34 -18.64
N TYR G 15 30.60 -12.96 -18.25
CA TYR G 15 30.33 -11.96 -17.21
C TYR G 15 29.36 -12.53 -16.21
N PHE G 16 29.49 -12.13 -14.96
CA PHE G 16 28.57 -12.48 -13.88
C PHE G 16 28.10 -11.19 -13.27
N THR G 17 26.80 -11.06 -13.06
CA THR G 17 26.19 -9.89 -12.44
C THR G 17 24.92 -10.29 -11.67
N ARG G 18 24.39 -9.37 -10.84
CA ARG G 18 23.15 -9.63 -10.12
C ARG G 18 22.00 -9.40 -11.09
N HIS G 19 20.90 -10.15 -10.91
CA HIS G 19 19.70 -10.01 -11.72
C HIS G 19 19.16 -8.56 -11.62
N SER G 20 19.25 -7.96 -10.42
CA SER G 20 18.80 -6.60 -10.10
C SER G 20 19.53 -5.55 -10.95
N THR G 21 20.82 -5.83 -11.31
CA THR G 21 21.65 -4.96 -12.15
C THR G 21 21.09 -4.92 -13.58
N LEU G 22 20.70 -6.08 -14.10
CA LEU G 22 20.16 -6.23 -15.46
C LEU G 22 18.81 -5.56 -15.67
N ILE G 23 17.99 -5.47 -14.62
CA ILE G 23 16.65 -4.87 -14.68
C ILE G 23 16.60 -3.50 -13.96
N SER G 24 17.77 -2.90 -13.68
CA SER G 24 17.91 -1.62 -12.98
C SER G 24 17.39 -0.40 -13.78
N ILE G 25 17.43 -0.45 -15.11
CA ILE G 25 16.97 0.66 -15.96
C ILE G 25 15.71 0.24 -16.76
N PRO G 26 14.51 0.62 -16.29
CA PRO G 26 13.28 0.25 -17.04
C PRO G 26 13.25 0.78 -18.46
N HIS G 27 12.69 -0.03 -19.37
CA HIS G 27 12.51 0.17 -20.81
C HIS G 27 13.81 0.02 -21.61
N SER G 28 14.91 -0.39 -20.97
CA SER G 28 16.17 -0.67 -21.67
C SER G 28 16.07 -2.12 -22.19
N LEU G 29 16.99 -2.53 -23.08
CA LEU G 29 16.95 -3.85 -23.66
C LEU G 29 17.17 -4.98 -22.64
N LEU G 30 18.14 -4.83 -21.73
CA LEU G 30 18.43 -5.86 -20.71
C LEU G 30 17.28 -6.01 -19.73
N TRP G 31 16.57 -4.90 -19.48
CA TRP G 31 15.38 -4.89 -18.63
C TRP G 31 14.27 -5.69 -19.31
N LYS G 32 14.08 -5.51 -20.63
CA LYS G 32 13.10 -6.24 -21.43
C LYS G 32 13.45 -7.74 -21.46
N MET G 33 14.74 -8.07 -21.60
CA MET G 33 15.26 -9.44 -21.66
C MET G 33 15.14 -10.22 -20.36
N PHE G 34 15.42 -9.57 -19.21
CA PHE G 34 15.42 -10.24 -17.92
C PHE G 34 14.24 -9.90 -17.00
N SER G 35 13.19 -9.26 -17.54
CA SER G 35 11.97 -8.99 -16.77
C SER G 35 11.07 -10.23 -16.87
N PRO G 36 10.50 -10.75 -15.75
CA PRO G 36 9.60 -11.92 -15.88
C PRO G 36 8.23 -11.58 -16.52
N LEU G 44 14.83 -17.48 -23.87
CA LEU G 44 16.14 -16.82 -23.97
C LEU G 44 17.22 -17.79 -24.44
N ALA G 45 18.03 -17.37 -25.43
CA ALA G 45 19.10 -18.17 -25.98
C ALA G 45 20.19 -18.45 -24.96
N LYS G 46 20.72 -19.68 -24.98
CA LYS G 46 21.75 -20.14 -24.06
C LYS G 46 22.88 -20.82 -24.80
N ASP G 47 24.11 -20.73 -24.26
CA ASP G 47 25.27 -21.38 -24.85
C ASP G 47 25.30 -22.88 -24.43
N SER G 48 26.30 -23.64 -24.90
CA SER G 48 26.46 -25.07 -24.59
C SER G 48 26.62 -25.34 -23.06
N LYS G 49 27.09 -24.33 -22.31
CA LYS G 49 27.30 -24.43 -20.85
C LYS G 49 26.11 -23.86 -20.03
N GLY G 50 25.01 -23.57 -20.71
CA GLY G 50 23.79 -23.07 -20.09
C GLY G 50 23.72 -21.60 -19.70
N ARG G 51 24.78 -20.83 -20.04
CA ARG G 51 24.83 -19.38 -19.76
C ARG G 51 23.93 -18.63 -20.73
N PHE G 52 23.29 -17.54 -20.27
CA PHE G 52 22.45 -16.70 -21.12
C PHE G 52 23.32 -16.01 -22.16
N PHE G 53 22.92 -16.11 -23.43
CA PHE G 53 23.74 -15.56 -24.50
C PHE G 53 23.23 -14.24 -25.04
N ILE G 54 24.18 -13.27 -25.17
CA ILE G 54 23.96 -11.95 -25.73
C ILE G 54 24.86 -11.86 -26.95
N ASP G 55 24.26 -11.70 -28.14
CA ASP G 55 25.00 -11.66 -29.40
C ASP G 55 25.55 -10.25 -29.73
N ARG G 56 26.50 -9.79 -28.91
CA ARG G 56 27.12 -8.47 -29.03
C ARG G 56 28.60 -8.60 -28.70
N ASP G 57 29.36 -7.52 -28.93
CA ASP G 57 30.79 -7.51 -28.63
C ASP G 57 31.01 -7.70 -27.14
N GLY G 58 31.74 -8.74 -26.80
CA GLY G 58 32.01 -9.12 -25.42
C GLY G 58 32.98 -8.22 -24.69
N PHE G 59 33.94 -7.61 -25.40
CA PHE G 59 34.93 -6.74 -24.78
C PHE G 59 34.31 -5.45 -24.28
N LEU G 60 33.40 -4.87 -25.06
CA LEU G 60 32.75 -3.59 -24.75
C LEU G 60 31.66 -3.70 -23.70
N PHE G 61 31.12 -4.92 -23.47
CA PHE G 61 30.09 -5.17 -22.47
C PHE G 61 30.53 -4.83 -21.06
N ARG G 62 31.83 -4.93 -20.79
CA ARG G 62 32.46 -4.62 -19.51
C ARG G 62 32.03 -3.24 -19.04
N TYR G 63 32.04 -2.25 -19.97
CA TYR G 63 31.70 -0.85 -19.71
C TYR G 63 30.19 -0.63 -19.65
N ILE G 64 29.40 -1.45 -20.39
CA ILE G 64 27.94 -1.41 -20.35
C ILE G 64 27.52 -1.85 -18.94
N LEU G 65 28.13 -2.94 -18.44
CA LEU G 65 27.88 -3.52 -17.12
C LEU G 65 28.23 -2.56 -15.97
N ASP G 66 29.37 -1.84 -16.08
CA ASP G 66 29.74 -0.87 -15.06
C ASP G 66 28.79 0.33 -15.02
N TYR G 67 28.24 0.70 -16.20
CA TYR G 67 27.26 1.77 -16.27
C TYR G 67 25.95 1.31 -15.58
N LEU G 68 25.57 0.04 -15.76
CA LEU G 68 24.38 -0.50 -15.09
C LEU G 68 24.53 -0.53 -13.56
N ARG G 69 25.74 -0.76 -13.07
CA ARG G 69 26.10 -0.80 -11.64
C ARG G 69 26.10 0.57 -10.98
N ASP G 70 26.75 1.57 -11.60
CA ASP G 70 26.91 2.91 -11.04
C ASP G 70 26.14 4.05 -11.67
N ARG G 71 25.59 3.86 -12.90
CA ARG G 71 24.91 4.82 -13.77
C ARG G 71 25.90 5.91 -14.20
N GLN G 72 27.17 5.47 -14.27
CA GLN G 72 28.37 6.21 -14.62
C GLN G 72 29.40 5.19 -15.09
N VAL G 73 30.33 5.61 -15.94
CA VAL G 73 31.41 4.73 -16.38
C VAL G 73 32.68 5.56 -16.65
N VAL G 74 33.79 5.12 -16.07
CA VAL G 74 35.12 5.70 -16.25
C VAL G 74 35.75 4.78 -17.27
N LEU G 75 36.33 5.35 -18.32
CA LEU G 75 36.96 4.53 -19.35
C LEU G 75 38.50 4.46 -19.17
N PRO G 76 39.19 3.43 -19.73
CA PRO G 76 40.66 3.41 -19.63
C PRO G 76 41.24 4.63 -20.37
N ASP G 77 42.48 5.04 -19.99
CA ASP G 77 43.16 6.17 -20.60
C ASP G 77 43.40 5.85 -22.07
N HIS G 78 43.15 6.84 -22.96
CA HIS G 78 43.34 6.73 -24.43
C HIS G 78 42.48 5.61 -25.03
N PHE G 79 41.26 5.43 -24.50
CA PHE G 79 40.32 4.39 -24.94
C PHE G 79 39.93 4.65 -26.41
N PRO G 80 40.29 3.72 -27.32
CA PRO G 80 40.05 3.96 -28.75
C PRO G 80 38.69 3.51 -29.28
N GLU G 81 37.81 2.99 -28.43
CA GLU G 81 36.53 2.47 -28.91
C GLU G 81 35.31 3.19 -28.31
N LYS G 82 35.43 4.52 -28.09
CA LYS G 82 34.35 5.36 -27.58
C LYS G 82 33.12 5.31 -28.50
N GLY G 83 33.36 5.38 -29.81
CA GLY G 83 32.32 5.31 -30.84
C GLY G 83 31.62 3.97 -30.91
N ARG G 84 32.40 2.87 -30.80
CA ARG G 84 31.89 1.49 -30.80
C ARG G 84 31.08 1.23 -29.53
N LEU G 85 31.54 1.76 -28.37
CA LEU G 85 30.82 1.66 -27.10
C LEU G 85 29.49 2.41 -27.15
N LYS G 86 29.46 3.56 -27.86
CA LYS G 86 28.25 4.38 -28.04
C LYS G 86 27.20 3.58 -28.83
N ARG G 87 27.65 2.82 -29.85
CA ARG G 87 26.78 1.96 -30.64
C ARG G 87 26.18 0.84 -29.76
N GLU G 88 27.01 0.27 -28.86
CA GLU G 88 26.57 -0.77 -27.92
C GLU G 88 25.52 -0.21 -26.96
N ALA G 89 25.75 1.03 -26.47
CA ALA G 89 24.83 1.74 -25.58
C ALA G 89 23.48 1.98 -26.27
N GLU G 90 23.51 2.27 -27.59
CA GLU G 90 22.31 2.46 -28.43
C GLU G 90 21.55 1.14 -28.51
N TYR G 91 22.27 0.03 -28.79
CA TYR G 91 21.69 -1.30 -28.88
C TYR G 91 20.98 -1.70 -27.59
N PHE G 92 21.67 -1.52 -26.43
CA PHE G 92 21.13 -1.88 -25.12
C PHE G 92 20.06 -0.89 -24.64
N GLN G 93 19.81 0.19 -25.41
CA GLN G 93 18.80 1.24 -25.17
C GLN G 93 19.06 1.96 -23.85
N LEU G 94 20.28 2.52 -23.71
CA LEU G 94 20.71 3.27 -22.53
C LEU G 94 20.95 4.71 -22.97
N PRO G 95 19.89 5.55 -23.09
CA PRO G 95 20.04 6.90 -23.63
C PRO G 95 21.00 7.82 -22.88
N ASP G 96 21.01 7.77 -21.54
CA ASP G 96 21.91 8.58 -20.72
C ASP G 96 23.37 8.22 -20.95
N LEU G 97 23.67 6.91 -21.19
CA LEU G 97 25.02 6.44 -21.49
C LEU G 97 25.41 6.94 -22.88
N VAL G 98 24.46 6.86 -23.84
CA VAL G 98 24.64 7.33 -25.22
C VAL G 98 25.09 8.80 -25.19
N LYS G 99 24.37 9.65 -24.40
CA LYS G 99 24.64 11.08 -24.16
C LYS G 99 26.01 11.33 -23.57
N LEU G 100 26.43 10.53 -22.56
CA LEU G 100 27.75 10.64 -21.91
C LEU G 100 28.91 10.35 -22.85
N LEU G 101 28.70 9.54 -23.88
CA LEU G 101 29.72 9.19 -24.87
C LEU G 101 29.63 10.08 -26.11
N THR G 102 28.76 11.10 -26.08
CA THR G 102 28.61 12.06 -27.16
C THR G 102 29.39 13.32 -26.72
N PRO G 103 30.25 13.88 -27.59
CA PRO G 103 31.06 15.04 -27.14
C PRO G 103 30.26 16.30 -26.79
N ASP G 104 29.26 16.67 -27.64
CA ASP G 104 28.47 17.90 -27.49
C ASP G 104 29.34 19.15 -27.68
N PHE H 2 32.67 -18.40 8.43
CA PHE H 2 33.49 -18.18 7.24
C PHE H 2 34.79 -18.99 7.29
N PRO H 3 35.21 -19.62 6.17
CA PRO H 3 36.47 -20.37 6.18
C PRO H 3 37.67 -19.43 6.23
N GLU H 4 38.83 -19.96 6.64
CA GLU H 4 40.11 -19.24 6.73
C GLU H 4 40.51 -18.71 5.33
N VAL H 5 40.27 -19.52 4.29
CA VAL H 5 40.55 -19.19 2.89
C VAL H 5 39.19 -19.04 2.17
N VAL H 6 38.90 -17.80 1.75
CA VAL H 6 37.65 -17.43 1.07
C VAL H 6 37.84 -17.45 -0.46
N GLU H 7 36.94 -18.13 -1.15
CA GLU H 7 36.89 -18.25 -2.60
C GLU H 7 35.84 -17.24 -3.11
N LEU H 8 36.29 -16.26 -3.92
CA LEU H 8 35.44 -15.19 -4.45
C LEU H 8 35.30 -15.22 -5.95
N ASN H 9 34.14 -14.80 -6.43
CA ASN H 9 33.83 -14.59 -7.84
C ASN H 9 33.45 -13.10 -7.94
N VAL H 10 34.35 -12.30 -8.50
CA VAL H 10 34.13 -10.86 -8.67
C VAL H 10 33.83 -10.62 -10.15
N GLY H 11 32.55 -10.42 -10.45
CA GLY H 11 32.02 -10.18 -11.79
C GLY H 11 32.44 -11.12 -12.90
N GLY H 12 32.77 -12.35 -12.52
CA GLY H 12 33.21 -13.38 -13.47
C GLY H 12 34.61 -13.88 -13.21
N GLN H 13 35.46 -13.08 -12.52
CA GLN H 13 36.86 -13.43 -12.21
C GLN H 13 37.00 -14.06 -10.83
N VAL H 14 37.70 -15.20 -10.75
CA VAL H 14 37.91 -15.94 -9.52
C VAL H 14 39.16 -15.50 -8.76
N TYR H 15 39.01 -15.23 -7.45
CA TYR H 15 40.06 -14.83 -6.52
C TYR H 15 39.96 -15.63 -5.23
N PHE H 16 41.11 -15.90 -4.61
CA PHE H 16 41.20 -16.59 -3.32
C PHE H 16 42.01 -15.71 -2.40
N THR H 17 41.51 -15.49 -1.17
CA THR H 17 42.20 -14.68 -0.16
C THR H 17 41.85 -15.16 1.24
N ARG H 18 42.63 -14.73 2.25
CA ARG H 18 42.34 -15.07 3.64
C ARG H 18 41.16 -14.23 4.11
N HIS H 19 40.33 -14.80 5.00
CA HIS H 19 39.18 -14.10 5.59
C HIS H 19 39.66 -12.83 6.30
N SER H 20 40.83 -12.90 6.97
CA SER H 20 41.47 -11.80 7.71
C SER H 20 41.78 -10.61 6.81
N THR H 21 42.08 -10.87 5.52
CA THR H 21 42.38 -9.85 4.50
C THR H 21 41.12 -9.05 4.17
N LEU H 22 39.98 -9.73 4.04
CA LEU H 22 38.67 -9.12 3.72
C LEU H 22 38.13 -8.22 4.82
N ILE H 23 38.45 -8.55 6.09
CA ILE H 23 37.98 -7.80 7.27
C ILE H 23 39.10 -6.98 7.91
N SER H 24 40.21 -6.75 7.17
CA SER H 24 41.38 -6.00 7.66
C SER H 24 41.14 -4.51 7.87
N ILE H 25 40.21 -3.92 7.10
CA ILE H 25 39.89 -2.49 7.19
C ILE H 25 38.46 -2.29 7.76
N PRO H 26 38.32 -1.97 9.08
CA PRO H 26 36.97 -1.78 9.65
C PRO H 26 36.19 -0.64 8.99
N HIS H 27 34.87 -0.86 8.85
CA HIS H 27 33.86 0.04 8.26
C HIS H 27 33.95 0.13 6.73
N SER H 28 34.81 -0.70 6.10
CA SER H 28 34.90 -0.79 4.64
C SER H 28 33.79 -1.75 4.20
N LEU H 29 33.48 -1.78 2.89
CA LEU H 29 32.41 -2.65 2.38
C LEU H 29 32.66 -4.15 2.57
N LEU H 30 33.88 -4.63 2.27
CA LEU H 30 34.24 -6.03 2.42
C LEU H 30 34.24 -6.46 3.89
N TRP H 31 34.56 -5.52 4.79
CA TRP H 31 34.52 -5.75 6.24
C TRP H 31 33.05 -5.94 6.68
N LYS H 32 32.14 -5.11 6.15
CA LYS H 32 30.70 -5.18 6.41
C LYS H 32 30.12 -6.51 5.87
N MET H 33 30.59 -6.94 4.70
CA MET H 33 30.16 -8.16 4.03
C MET H 33 30.61 -9.44 4.72
N PHE H 34 31.88 -9.48 5.18
CA PHE H 34 32.45 -10.68 5.76
C PHE H 34 32.59 -10.67 7.30
N SER H 35 31.83 -9.84 8.00
CA SER H 35 31.86 -9.88 9.46
C SER H 35 30.78 -10.83 10.01
N PRO H 36 31.17 -11.71 10.96
CA PRO H 36 30.20 -12.69 11.52
C PRO H 36 29.02 -12.08 12.28
N LEU H 44 24.61 -13.89 2.04
CA LEU H 44 25.51 -13.45 0.96
C LEU H 44 25.26 -14.23 -0.32
N ALA H 45 25.20 -13.51 -1.45
CA ALA H 45 24.99 -14.06 -2.78
C ALA H 45 26.15 -14.97 -3.19
N LYS H 46 25.81 -16.08 -3.83
CA LYS H 46 26.76 -17.08 -4.28
C LYS H 46 26.51 -17.45 -5.72
N ASP H 47 27.58 -17.81 -6.45
CA ASP H 47 27.47 -18.24 -7.84
C ASP H 47 27.03 -19.73 -7.91
N SER H 48 26.84 -20.25 -9.13
CA SER H 48 26.44 -21.65 -9.36
C SER H 48 27.41 -22.67 -8.74
N LYS H 49 28.70 -22.29 -8.56
CA LYS H 49 29.74 -23.15 -7.99
C LYS H 49 29.97 -22.92 -6.48
N GLY H 50 29.07 -22.14 -5.86
CA GLY H 50 29.09 -21.88 -4.42
C GLY H 50 30.07 -20.82 -3.92
N ARG H 51 30.78 -20.15 -4.83
CA ARG H 51 31.73 -19.08 -4.46
C ARG H 51 30.95 -17.79 -4.10
N PHE H 52 31.47 -16.99 -3.14
CA PHE H 52 30.86 -15.72 -2.76
C PHE H 52 30.95 -14.73 -3.93
N PHE H 53 29.81 -14.12 -4.29
CA PHE H 53 29.76 -13.22 -5.43
C PHE H 53 29.77 -11.73 -5.07
N ILE H 54 30.66 -10.98 -5.76
CA ILE H 54 30.80 -9.53 -5.68
C ILE H 54 30.51 -9.01 -7.09
N ASP H 55 29.47 -8.17 -7.20
CA ASP H 55 29.01 -7.62 -8.48
C ASP H 55 29.81 -6.36 -8.91
N ARG H 56 31.12 -6.55 -9.16
CA ARG H 56 32.04 -5.48 -9.58
C ARG H 56 32.98 -5.98 -10.66
N ASP H 57 33.79 -5.08 -11.25
CA ASP H 57 34.78 -5.43 -12.28
C ASP H 57 35.80 -6.38 -11.70
N GLY H 58 35.88 -7.55 -12.32
CA GLY H 58 36.76 -8.62 -11.89
C GLY H 58 38.23 -8.37 -12.13
N PHE H 59 38.58 -7.64 -13.22
CA PHE H 59 39.98 -7.38 -13.54
C PHE H 59 40.66 -6.44 -12.55
N LEU H 60 39.94 -5.42 -12.11
CA LEU H 60 40.47 -4.42 -11.19
C LEU H 60 40.54 -4.86 -9.74
N PHE H 61 39.80 -5.91 -9.39
CA PHE H 61 39.78 -6.43 -8.00
C PHE H 61 41.17 -6.93 -7.56
N ARG H 62 41.99 -7.36 -8.53
CA ARG H 62 43.37 -7.83 -8.32
C ARG H 62 44.16 -6.80 -7.49
N TYR H 63 44.02 -5.51 -7.85
CA TYR H 63 44.72 -4.38 -7.21
C TYR H 63 44.06 -3.95 -5.91
N ILE H 64 42.73 -4.17 -5.76
CA ILE H 64 41.99 -3.92 -4.52
C ILE H 64 42.54 -4.92 -3.49
N LEU H 65 42.65 -6.20 -3.90
CA LEU H 65 43.14 -7.31 -3.09
C LEU H 65 44.59 -7.09 -2.59
N ASP H 66 45.48 -6.60 -3.48
CA ASP H 66 46.87 -6.31 -3.12
C ASP H 66 46.98 -5.14 -2.14
N TYR H 67 46.06 -4.17 -2.23
CA TYR H 67 46.02 -3.05 -1.29
C TYR H 67 45.55 -3.58 0.09
N LEU H 68 44.61 -4.54 0.12
CA LEU H 68 44.15 -5.11 1.38
C LEU H 68 45.28 -5.88 2.08
N ARG H 69 46.17 -6.51 1.28
CA ARG H 69 47.32 -7.29 1.74
C ARG H 69 48.46 -6.42 2.30
N ASP H 70 48.83 -5.36 1.58
CA ASP H 70 49.98 -4.51 1.93
C ASP H 70 49.69 -3.11 2.46
N ARG H 71 48.45 -2.59 2.29
CA ARG H 71 48.03 -1.22 2.63
C ARG H 71 48.78 -0.22 1.72
N GLN H 72 49.19 -0.74 0.54
CA GLN H 72 49.87 -0.09 -0.56
C GLN H 72 49.70 -1.00 -1.78
N VAL H 73 49.80 -0.43 -2.99
CA VAL H 73 49.67 -1.18 -4.24
C VAL H 73 50.59 -0.60 -5.30
N VAL H 74 51.35 -1.48 -5.95
CA VAL H 74 52.25 -1.13 -7.04
C VAL H 74 51.45 -1.55 -8.27
N LEU H 75 51.36 -0.68 -9.26
CA LEU H 75 50.59 -0.95 -10.47
C LEU H 75 51.49 -1.34 -11.64
N PRO H 76 50.96 -2.05 -12.68
CA PRO H 76 51.81 -2.36 -13.85
C PRO H 76 52.27 -1.07 -14.53
N ASP H 77 53.39 -1.13 -15.27
CA ASP H 77 53.94 0.04 -15.97
C ASP H 77 52.95 0.50 -17.02
N HIS H 78 52.72 1.83 -17.10
CA HIS H 78 51.79 2.50 -18.02
C HIS H 78 50.35 2.01 -17.87
N PHE H 79 49.94 1.74 -16.61
CA PHE H 79 48.60 1.28 -16.24
C PHE H 79 47.54 2.32 -16.65
N PRO H 80 46.65 1.95 -17.60
CA PRO H 80 45.65 2.93 -18.08
C PRO H 80 44.33 2.99 -17.32
N GLU H 81 44.18 2.22 -16.22
CA GLU H 81 42.93 2.20 -15.49
C GLU H 81 43.03 2.68 -14.04
N LYS H 82 43.86 3.71 -13.81
CA LYS H 82 44.01 4.33 -12.49
C LYS H 82 42.68 4.95 -12.01
N GLY H 83 41.98 5.63 -12.93
CA GLY H 83 40.69 6.26 -12.69
C GLY H 83 39.59 5.25 -12.34
N ARG H 84 39.55 4.13 -13.09
CA ARG H 84 38.61 3.04 -12.90
C ARG H 84 38.85 2.35 -11.56
N LEU H 85 40.13 2.15 -11.20
CA LEU H 85 40.54 1.52 -9.95
C LEU H 85 40.15 2.40 -8.76
N LYS H 86 40.26 3.74 -8.93
CA LYS H 86 39.88 4.73 -7.93
C LYS H 86 38.38 4.62 -7.62
N ARG H 87 37.53 4.41 -8.67
CA ARG H 87 36.09 4.21 -8.53
C ARG H 87 35.79 2.93 -7.77
N GLU H 88 36.55 1.87 -8.05
CA GLU H 88 36.41 0.59 -7.33
C GLU H 88 36.77 0.75 -5.85
N ALA H 89 37.82 1.55 -5.56
CA ALA H 89 38.27 1.84 -4.18
C ALA H 89 37.19 2.60 -3.42
N GLU H 90 36.48 3.51 -4.12
CA GLU H 90 35.36 4.29 -3.57
C GLU H 90 34.21 3.35 -3.23
N TYR H 91 33.86 2.43 -4.14
CA TYR H 91 32.80 1.44 -3.92
C TYR H 91 33.09 0.54 -2.72
N PHE H 92 34.33 0.00 -2.63
CA PHE H 92 34.72 -0.89 -1.52
C PHE H 92 34.96 -0.13 -0.22
N GLN H 93 34.84 1.22 -0.27
CA GLN H 93 34.97 2.15 0.88
C GLN H 93 36.38 2.05 1.54
N LEU H 94 37.43 2.22 0.72
CA LEU H 94 38.86 2.21 1.10
C LEU H 94 39.40 3.65 0.84
N PRO H 95 39.16 4.61 1.78
CA PRO H 95 39.53 6.02 1.53
C PRO H 95 41.02 6.31 1.32
N ASP H 96 41.90 5.57 2.02
CA ASP H 96 43.35 5.74 1.90
C ASP H 96 43.82 5.32 0.51
N LEU H 97 43.20 4.28 -0.08
CA LEU H 97 43.51 3.82 -1.44
C LEU H 97 43.02 4.88 -2.46
N VAL H 98 41.82 5.47 -2.22
CA VAL H 98 41.26 6.54 -3.06
C VAL H 98 42.27 7.71 -3.11
N LYS H 99 42.79 8.11 -1.92
CA LYS H 99 43.81 9.17 -1.77
C LYS H 99 45.10 8.86 -2.55
N LEU H 100 45.59 7.61 -2.48
CA LEU H 100 46.80 7.18 -3.19
C LEU H 100 46.64 7.22 -4.71
N LEU H 101 45.39 7.09 -5.20
CA LEU H 101 45.09 7.07 -6.63
C LEU H 101 44.69 8.46 -7.21
N THR H 102 44.68 9.51 -6.36
CA THR H 102 44.36 10.89 -6.79
C THR H 102 45.66 11.67 -7.05
N PHE I 2 56.49 -32.06 6.48
CA PHE I 2 56.25 -31.55 5.14
C PHE I 2 56.64 -32.55 4.05
N PRO I 3 55.81 -32.75 3.00
CA PRO I 3 56.20 -33.67 1.92
C PRO I 3 57.35 -33.11 1.07
N GLU I 4 58.03 -34.00 0.32
CA GLU I 4 59.15 -33.66 -0.57
C GLU I 4 58.65 -32.66 -1.65
N VAL I 5 57.44 -32.89 -2.17
CA VAL I 5 56.80 -32.06 -3.19
C VAL I 5 55.62 -31.36 -2.50
N VAL I 6 55.73 -30.03 -2.39
CA VAL I 6 54.72 -29.17 -1.76
C VAL I 6 53.78 -28.59 -2.81
N GLU I 7 52.48 -28.72 -2.56
CA GLU I 7 51.40 -28.22 -3.40
C GLU I 7 50.93 -26.88 -2.80
N LEU I 8 51.08 -25.79 -3.57
CA LEU I 8 50.73 -24.45 -3.13
C LEU I 8 49.61 -23.84 -3.94
N ASN I 9 48.82 -22.99 -3.29
CA ASN I 9 47.78 -22.19 -3.89
C ASN I 9 48.16 -20.77 -3.50
N VAL I 10 48.64 -20.00 -4.49
CA VAL I 10 49.05 -18.60 -4.29
C VAL I 10 47.97 -17.73 -4.93
N GLY I 11 47.13 -17.14 -4.07
CA GLY I 11 46.00 -16.29 -4.43
C GLY I 11 45.07 -16.78 -5.53
N GLY I 12 44.97 -18.10 -5.70
CA GLY I 12 44.13 -18.72 -6.72
C GLY I 12 44.90 -19.55 -7.73
N GLN I 13 46.22 -19.31 -7.88
CA GLN I 13 47.08 -20.01 -8.84
C GLN I 13 47.81 -21.17 -8.16
N VAL I 14 47.74 -22.36 -8.77
CA VAL I 14 48.36 -23.57 -8.24
C VAL I 14 49.80 -23.75 -8.73
N TYR I 15 50.72 -23.98 -7.78
CA TYR I 15 52.13 -24.22 -8.01
C TYR I 15 52.59 -25.43 -7.22
N PHE I 16 53.51 -26.20 -7.80
CA PHE I 16 54.11 -27.35 -7.14
C PHE I 16 55.62 -27.13 -7.16
N THR I 17 56.26 -27.32 -6.01
CA THR I 17 57.70 -27.16 -5.88
C THR I 17 58.25 -28.09 -4.81
N ARG I 18 59.57 -28.30 -4.78
CA ARG I 18 60.19 -29.12 -3.76
C ARG I 18 60.24 -28.33 -2.46
N HIS I 19 60.12 -29.03 -1.33
CA HIS I 19 60.20 -28.42 0.00
C HIS I 19 61.55 -27.71 0.18
N SER I 20 62.63 -28.28 -0.37
CA SER I 20 64.00 -27.75 -0.34
C SER I 20 64.09 -26.37 -1.02
N THR I 21 63.29 -26.15 -2.08
CA THR I 21 63.24 -24.88 -2.82
C THR I 21 62.67 -23.75 -1.92
N LEU I 22 61.62 -24.09 -1.14
CA LEU I 22 60.95 -23.16 -0.22
C LEU I 22 61.81 -22.70 0.96
N ILE I 23 62.72 -23.57 1.43
CA ILE I 23 63.60 -23.31 2.58
C ILE I 23 65.07 -23.11 2.16
N SER I 24 65.30 -22.86 0.86
CA SER I 24 66.65 -22.67 0.30
C SER I 24 67.36 -21.39 0.78
N ILE I 25 66.57 -20.34 1.11
CA ILE I 25 67.11 -19.04 1.53
C ILE I 25 66.77 -18.78 3.00
N PRO I 26 67.72 -18.99 3.94
CA PRO I 26 67.43 -18.74 5.36
C PRO I 26 67.04 -17.30 5.65
N HIS I 27 66.11 -17.13 6.61
CA HIS I 27 65.52 -15.88 7.12
C HIS I 27 64.54 -15.20 6.12
N SER I 28 64.24 -15.87 5.00
CA SER I 28 63.25 -15.39 4.04
C SER I 28 61.88 -15.84 4.60
N LEU I 29 60.77 -15.27 4.07
CA LEU I 29 59.44 -15.59 4.55
C LEU I 29 59.03 -17.04 4.33
N LEU I 30 59.29 -17.58 3.14
CA LEU I 30 58.96 -18.97 2.81
C LEU I 30 59.77 -19.95 3.65
N TRP I 31 61.01 -19.57 4.03
CA TRP I 31 61.89 -20.35 4.90
C TRP I 31 61.28 -20.39 6.31
N LYS I 32 60.77 -19.24 6.81
CA LYS I 32 60.10 -19.11 8.10
C LYS I 32 58.81 -19.95 8.12
N MET I 33 58.06 -19.92 7.02
CA MET I 33 56.80 -20.64 6.84
C MET I 33 56.96 -22.16 6.78
N PHE I 34 57.97 -22.65 6.04
CA PHE I 34 58.13 -24.08 5.81
C PHE I 34 59.30 -24.72 6.55
N SER I 35 59.91 -24.03 7.55
CA SER I 35 60.99 -24.60 8.35
C SER I 35 60.44 -25.67 9.31
N ALA I 45 47.72 -22.06 7.00
CA ALA I 45 46.45 -21.95 6.28
C ALA I 45 46.42 -22.83 5.04
N LYS I 46 45.26 -23.48 4.83
CA LYS I 46 45.04 -24.38 3.70
C LYS I 46 43.73 -24.08 3.00
N ASP I 47 43.68 -24.32 1.68
CA ASP I 47 42.48 -24.12 0.88
C ASP I 47 41.51 -25.30 1.05
N SER I 48 40.33 -25.25 0.38
CA SER I 48 39.31 -26.30 0.44
C SER I 48 39.82 -27.65 -0.06
N LYS I 49 40.88 -27.66 -0.89
CA LYS I 49 41.47 -28.88 -1.45
C LYS I 49 42.71 -29.36 -0.67
N GLY I 50 42.98 -28.73 0.47
CA GLY I 50 44.09 -29.08 1.36
C GLY I 50 45.48 -28.54 0.98
N ARG I 51 45.54 -27.67 -0.05
CA ARG I 51 46.80 -27.08 -0.53
C ARG I 51 47.19 -25.89 0.37
N PHE I 52 48.51 -25.76 0.68
CA PHE I 52 49.03 -24.65 1.49
C PHE I 52 48.75 -23.32 0.80
N PHE I 53 48.10 -22.40 1.52
CA PHE I 53 47.70 -21.14 0.93
C PHE I 53 48.62 -19.97 1.26
N ILE I 54 48.99 -19.23 0.19
CA ILE I 54 49.78 -18.01 0.24
C ILE I 54 48.89 -16.90 -0.31
N ASP I 55 48.59 -15.89 0.52
CA ASP I 55 47.72 -14.79 0.17
C ASP I 55 48.47 -13.68 -0.54
N ARG I 56 48.94 -13.97 -1.77
CA ARG I 56 49.70 -13.05 -2.63
C ARG I 56 49.27 -13.22 -4.08
N ASP I 57 49.73 -12.31 -4.97
CA ASP I 57 49.41 -12.39 -6.39
C ASP I 57 49.93 -13.70 -6.97
N GLY I 58 49.02 -14.48 -7.54
CA GLY I 58 49.32 -15.78 -8.13
C GLY I 58 50.12 -15.74 -9.41
N PHE I 59 49.91 -14.71 -10.24
CA PHE I 59 50.65 -14.60 -11.51
C PHE I 59 52.13 -14.29 -11.31
N LEU I 60 52.46 -13.39 -10.38
CA LEU I 60 53.84 -13.00 -10.13
C LEU I 60 54.67 -14.05 -9.36
N PHE I 61 54.00 -14.99 -8.66
CA PHE I 61 54.69 -16.04 -7.90
C PHE I 61 55.56 -16.94 -8.78
N ARG I 62 55.16 -17.08 -10.06
CA ARG I 62 55.87 -17.85 -11.09
C ARG I 62 57.36 -17.46 -11.15
N TYR I 63 57.63 -16.15 -11.12
CA TYR I 63 58.97 -15.56 -11.17
C TYR I 63 59.69 -15.60 -9.81
N ILE I 64 58.93 -15.58 -8.69
CA ILE I 64 59.49 -15.73 -7.34
C ILE I 64 60.04 -17.17 -7.26
N LEU I 65 59.22 -18.16 -7.71
CA LEU I 65 59.55 -19.58 -7.73
C LEU I 65 60.81 -19.89 -8.55
N ASP I 66 60.96 -19.27 -9.74
CA ASP I 66 62.12 -19.46 -10.60
C ASP I 66 63.38 -18.82 -10.00
N TYR I 67 63.25 -17.67 -9.28
CA TYR I 67 64.38 -17.06 -8.57
C TYR I 67 64.82 -18.00 -7.45
N LEU I 68 63.87 -18.72 -6.82
CA LEU I 68 64.19 -19.65 -5.75
C LEU I 68 64.95 -20.87 -6.30
N ARG I 69 64.56 -21.33 -7.51
CA ARG I 69 65.17 -22.47 -8.20
C ARG I 69 66.58 -22.18 -8.73
N ASP I 70 66.77 -21.03 -9.39
CA ASP I 70 68.01 -20.65 -10.06
C ASP I 70 68.81 -19.55 -9.38
N ARG I 71 68.24 -18.90 -8.37
CA ARG I 71 68.82 -17.77 -7.61
C ARG I 71 69.18 -16.63 -8.57
N GLN I 72 68.39 -16.57 -9.65
CA GLN I 72 68.38 -15.64 -10.77
C GLN I 72 67.02 -15.86 -11.48
N VAL I 73 66.51 -14.84 -12.17
CA VAL I 73 65.25 -14.96 -12.89
C VAL I 73 65.29 -14.18 -14.21
N VAL I 74 64.90 -14.87 -15.30
CA VAL I 74 64.79 -14.28 -16.62
C VAL I 74 63.30 -13.93 -16.73
N LEU I 75 63.00 -12.70 -17.13
CA LEU I 75 61.62 -12.26 -17.26
C LEU I 75 61.18 -12.25 -18.73
N PRO I 76 59.86 -12.32 -19.03
CA PRO I 76 59.43 -12.23 -20.44
C PRO I 76 59.84 -10.87 -21.04
N ASP I 77 60.00 -10.81 -22.36
CA ASP I 77 60.36 -9.58 -23.09
C ASP I 77 59.24 -8.57 -22.88
N HIS I 78 59.62 -7.30 -22.59
CA HIS I 78 58.70 -6.17 -22.35
C HIS I 78 57.74 -6.44 -21.18
N PHE I 79 58.26 -7.10 -20.12
CA PHE I 79 57.53 -7.43 -18.89
C PHE I 79 57.11 -6.14 -18.18
N PRO I 80 55.79 -5.88 -18.07
CA PRO I 80 55.34 -4.62 -17.47
C PRO I 80 55.16 -4.62 -15.94
N GLU I 81 55.47 -5.73 -15.27
CA GLU I 81 55.26 -5.80 -13.82
C GLU I 81 56.55 -5.99 -13.00
N LYS I 82 57.67 -5.35 -13.43
CA LYS I 82 58.96 -5.43 -12.73
C LYS I 82 58.85 -4.84 -11.31
N GLY I 83 58.13 -3.72 -11.19
CA GLY I 83 57.88 -3.03 -9.94
C GLY I 83 57.03 -3.82 -8.98
N ARG I 84 55.98 -4.49 -9.50
CA ARG I 84 55.05 -5.32 -8.75
C ARG I 84 55.78 -6.57 -8.25
N LEU I 85 56.64 -7.17 -9.10
CA LEU I 85 57.46 -8.34 -8.75
C LEU I 85 58.43 -7.99 -7.63
N LYS I 86 59.04 -6.78 -7.70
CA LYS I 86 59.98 -6.26 -6.70
C LYS I 86 59.28 -6.18 -5.33
N ARG I 87 57.97 -5.74 -5.31
CA ARG I 87 57.17 -5.67 -4.09
C ARG I 87 56.93 -7.08 -3.54
N GLU I 88 56.68 -8.07 -4.42
CA GLU I 88 56.49 -9.47 -4.03
C GLU I 88 57.80 -10.01 -3.43
N ALA I 89 58.96 -9.68 -4.03
CA ALA I 89 60.28 -10.07 -3.54
C ALA I 89 60.54 -9.49 -2.15
N GLU I 90 60.08 -8.25 -1.88
CA GLU I 90 60.18 -7.58 -0.59
C GLU I 90 59.33 -8.34 0.43
N TYR I 91 58.06 -8.70 0.06
CA TYR I 91 57.16 -9.46 0.93
C TYR I 91 57.76 -10.82 1.32
N PHE I 92 58.27 -11.58 0.33
CA PHE I 92 58.86 -12.89 0.55
C PHE I 92 60.23 -12.82 1.22
N GLN I 93 60.75 -11.57 1.44
CA GLN I 93 62.02 -11.24 2.10
C GLN I 93 63.20 -11.86 1.38
N LEU I 94 63.33 -11.55 0.07
CA LEU I 94 64.40 -12.03 -0.80
C LEU I 94 65.22 -10.79 -1.22
N PRO I 95 66.15 -10.31 -0.35
CA PRO I 95 66.88 -9.06 -0.65
C PRO I 95 67.72 -9.06 -1.93
N ASP I 96 68.33 -10.21 -2.28
CA ASP I 96 69.13 -10.34 -3.52
C ASP I 96 68.25 -10.20 -4.77
N LEU I 97 67.01 -10.73 -4.72
CA LEU I 97 66.01 -10.62 -5.79
C LEU I 97 65.55 -9.16 -5.92
N VAL I 98 65.35 -8.47 -4.79
CA VAL I 98 64.96 -7.05 -4.72
C VAL I 98 66.04 -6.21 -5.43
N LYS I 99 67.34 -6.46 -5.09
CA LYS I 99 68.51 -5.81 -5.69
C LYS I 99 68.59 -6.02 -7.20
N LEU I 100 68.35 -7.25 -7.69
CA LEU I 100 68.42 -7.49 -9.12
C LEU I 100 67.24 -6.90 -9.91
N LEU I 101 66.14 -6.52 -9.21
CA LEU I 101 64.97 -5.89 -9.83
C LEU I 101 65.00 -4.35 -9.75
N THR I 102 66.07 -3.77 -9.15
CA THR I 102 66.25 -2.32 -9.04
C THR I 102 67.20 -1.84 -10.14
N PHE J 2 59.86 -48.33 -16.94
CA PHE J 2 59.09 -47.15 -17.29
C PHE J 2 57.94 -47.47 -18.24
N PRO J 3 56.74 -46.88 -18.04
CA PRO J 3 55.63 -47.16 -18.97
C PRO J 3 55.83 -46.49 -20.32
N GLU J 4 55.11 -46.98 -21.34
CA GLU J 4 55.13 -46.47 -22.73
C GLU J 4 54.72 -44.98 -22.73
N VAL J 5 53.71 -44.63 -21.92
CA VAL J 5 53.18 -43.27 -21.76
C VAL J 5 53.49 -42.81 -20.32
N VAL J 6 54.21 -41.68 -20.15
CA VAL J 6 54.62 -41.21 -18.82
C VAL J 6 53.80 -40.01 -18.27
N GLU J 7 53.29 -40.16 -17.02
CA GLU J 7 52.59 -39.12 -16.27
C GLU J 7 53.70 -38.23 -15.68
N LEU J 8 53.76 -36.96 -16.11
CA LEU J 8 54.76 -36.01 -15.65
C LEU J 8 54.15 -34.77 -15.04
N ASN J 9 54.72 -34.32 -13.91
CA ASN J 9 54.28 -33.10 -13.23
C ASN J 9 55.42 -32.11 -13.31
N VAL J 10 55.22 -31.03 -14.07
CA VAL J 10 56.25 -30.02 -14.21
C VAL J 10 55.75 -28.75 -13.53
N GLY J 11 56.24 -28.52 -12.30
CA GLY J 11 55.89 -27.38 -11.46
C GLY J 11 54.43 -27.07 -11.27
N GLY J 12 53.58 -28.10 -11.36
CA GLY J 12 52.14 -27.95 -11.23
C GLY J 12 51.37 -28.46 -12.44
N GLN J 13 51.92 -28.22 -13.64
CA GLN J 13 51.31 -28.62 -14.89
C GLN J 13 51.63 -30.05 -15.25
N VAL J 14 50.59 -30.85 -15.47
CA VAL J 14 50.71 -32.26 -15.83
C VAL J 14 50.80 -32.41 -17.35
N TYR J 15 51.83 -33.15 -17.79
CA TYR J 15 52.12 -33.47 -19.18
C TYR J 15 52.17 -34.97 -19.34
N PHE J 16 51.74 -35.46 -20.51
CA PHE J 16 51.79 -36.86 -20.88
C PHE J 16 52.55 -36.94 -22.19
N THR J 17 53.56 -37.81 -22.24
CA THR J 17 54.40 -38.03 -23.42
C THR J 17 54.89 -39.46 -23.46
N ARG J 18 55.40 -39.90 -24.63
CA ARG J 18 55.93 -41.25 -24.79
C ARG J 18 57.29 -41.31 -24.13
N HIS J 19 57.64 -42.47 -23.57
CA HIS J 19 58.95 -42.68 -22.93
C HIS J 19 60.07 -42.43 -23.94
N SER J 20 59.85 -42.82 -25.21
CA SER J 20 60.79 -42.66 -26.33
C SER J 20 61.15 -41.18 -26.59
N THR J 21 60.18 -40.27 -26.35
CA THR J 21 60.35 -38.83 -26.50
C THR J 21 61.34 -38.29 -25.44
N LEU J 22 61.19 -38.77 -24.19
CA LEU J 22 62.03 -38.36 -23.06
C LEU J 22 63.49 -38.79 -23.17
N ILE J 23 63.74 -39.93 -23.84
CA ILE J 23 65.09 -40.47 -24.01
C ILE J 23 65.61 -40.34 -25.45
N SER J 24 64.97 -39.47 -26.26
CA SER J 24 65.33 -39.24 -27.66
C SER J 24 66.69 -38.55 -27.86
N ILE J 25 67.12 -37.72 -26.88
CA ILE J 25 68.39 -36.99 -26.96
C ILE J 25 69.38 -37.50 -25.89
N PRO J 26 70.35 -38.35 -26.28
CA PRO J 26 71.32 -38.86 -25.30
C PRO J 26 72.15 -37.77 -24.61
N HIS J 27 72.44 -37.97 -23.32
CA HIS J 27 73.21 -37.13 -22.39
C HIS J 27 72.46 -35.86 -21.95
N SER J 28 71.17 -35.71 -22.33
CA SER J 28 70.33 -34.60 -21.88
C SER J 28 69.79 -34.99 -20.49
N LEU J 29 69.22 -34.03 -19.73
CA LEU J 29 68.70 -34.30 -18.39
C LEU J 29 67.53 -35.29 -18.37
N LEU J 30 66.56 -35.14 -19.31
CA LEU J 30 65.39 -36.02 -19.42
C LEU J 30 65.76 -37.45 -19.86
N TRP J 31 66.92 -37.62 -20.53
CA TRP J 31 67.48 -38.89 -20.97
C TRP J 31 68.13 -39.56 -19.78
N LYS J 32 68.95 -38.82 -19.00
CA LYS J 32 69.67 -39.33 -17.83
C LYS J 32 68.69 -39.76 -16.73
N MET J 33 67.59 -39.00 -16.56
CA MET J 33 66.54 -39.29 -15.59
C MET J 33 65.73 -40.52 -15.97
N PHE J 34 65.50 -40.74 -17.29
CA PHE J 34 64.67 -41.82 -17.83
C PHE J 34 65.44 -42.96 -18.52
N SER J 35 66.75 -43.09 -18.26
CA SER J 35 67.51 -44.22 -18.78
C SER J 35 67.62 -45.28 -17.65
N PRO J 36 67.14 -46.53 -17.87
CA PRO J 36 67.23 -47.54 -16.81
C PRO J 36 68.65 -48.08 -16.59
N ALA J 45 62.13 -38.16 -7.92
CA ALA J 45 61.11 -37.52 -7.12
C ALA J 45 59.71 -37.71 -7.69
N LYS J 46 58.75 -37.96 -6.80
CA LYS J 46 57.36 -38.18 -7.17
C LYS J 46 56.40 -37.33 -6.35
N ASP J 47 55.29 -36.96 -6.98
CA ASP J 47 54.20 -36.16 -6.45
C ASP J 47 53.35 -36.99 -5.46
N SER J 48 52.37 -36.34 -4.79
CA SER J 48 51.44 -37.01 -3.88
C SER J 48 50.57 -38.08 -4.61
N LYS J 49 50.38 -37.92 -5.93
CA LYS J 49 49.61 -38.84 -6.77
C LYS J 49 50.50 -39.85 -7.54
N GLY J 50 51.78 -39.95 -7.14
CA GLY J 50 52.78 -40.86 -7.70
C GLY J 50 53.37 -40.49 -9.04
N ARG J 51 53.03 -39.30 -9.56
CA ARG J 51 53.52 -38.79 -10.85
C ARG J 51 54.98 -38.33 -10.70
N PHE J 52 55.81 -38.51 -11.76
CA PHE J 52 57.22 -38.07 -11.75
C PHE J 52 57.25 -36.54 -11.73
N PHE J 53 57.98 -35.98 -10.76
CA PHE J 53 58.00 -34.53 -10.58
C PHE J 53 59.26 -33.85 -11.11
N ILE J 54 59.05 -32.77 -11.88
CA ILE J 54 60.10 -31.92 -12.43
C ILE J 54 59.86 -30.52 -11.83
N ASP J 55 60.83 -30.01 -11.04
CA ASP J 55 60.73 -28.72 -10.35
C ASP J 55 61.15 -27.56 -11.27
N ARG J 56 60.37 -27.33 -12.34
CA ARG J 56 60.62 -26.29 -13.33
C ARG J 56 59.32 -25.61 -13.74
N ASP J 57 59.41 -24.52 -14.52
CA ASP J 57 58.23 -23.82 -15.03
C ASP J 57 57.40 -24.76 -15.92
N GLY J 58 56.14 -24.95 -15.51
CA GLY J 58 55.20 -25.82 -16.20
C GLY J 58 54.75 -25.31 -17.55
N PHE J 59 54.62 -23.99 -17.73
CA PHE J 59 54.13 -23.41 -18.99
C PHE J 59 55.12 -23.56 -20.15
N LEU J 60 56.42 -23.35 -19.86
CA LEU J 60 57.48 -23.41 -20.86
C LEU J 60 57.86 -24.83 -21.27
N PHE J 61 57.51 -25.83 -20.43
CA PHE J 61 57.80 -27.24 -20.70
C PHE J 61 57.16 -27.74 -21.99
N ARG J 62 56.00 -27.17 -22.40
CA ARG J 62 55.37 -27.60 -23.66
C ARG J 62 56.33 -27.45 -24.85
N TYR J 63 57.06 -26.31 -24.91
CA TYR J 63 58.01 -26.03 -25.99
C TYR J 63 59.26 -26.90 -25.89
N ILE J 64 59.66 -27.30 -24.65
CA ILE J 64 60.78 -28.22 -24.41
C ILE J 64 60.38 -29.58 -24.99
N LEU J 65 59.14 -30.00 -24.67
CA LEU J 65 58.51 -31.24 -25.12
C LEU J 65 58.36 -31.28 -26.64
N ASP J 66 57.97 -30.13 -27.24
CA ASP J 66 57.81 -29.96 -28.69
C ASP J 66 59.15 -30.09 -29.44
N TYR J 67 60.26 -29.65 -28.81
CA TYR J 67 61.60 -29.76 -29.36
C TYR J 67 62.05 -31.20 -29.32
N LEU J 68 61.70 -31.93 -28.24
CA LEU J 68 62.04 -33.34 -28.09
C LEU J 68 61.33 -34.19 -29.16
N ARG J 69 60.09 -33.81 -29.50
CA ARG J 69 59.27 -34.50 -30.48
C ARG J 69 59.77 -34.32 -31.91
N ASP J 70 60.00 -33.05 -32.32
CA ASP J 70 60.30 -32.66 -33.69
C ASP J 70 61.74 -32.26 -34.02
N ARG J 71 62.67 -32.26 -33.02
CA ARG J 71 64.08 -31.86 -33.19
C ARG J 71 64.22 -30.35 -33.58
N GLN J 72 63.06 -29.65 -33.66
CA GLN J 72 62.86 -28.24 -33.99
C GLN J 72 61.52 -27.78 -33.36
N VAL J 73 61.43 -26.51 -32.90
CA VAL J 73 60.22 -25.99 -32.24
C VAL J 73 59.73 -24.72 -32.92
N VAL J 74 58.42 -24.68 -33.15
CA VAL J 74 57.71 -23.55 -33.71
C VAL J 74 57.15 -22.81 -32.51
N LEU J 75 57.44 -21.51 -32.41
CA LEU J 75 56.94 -20.72 -31.28
C LEU J 75 55.75 -19.88 -31.68
N PRO J 76 54.86 -19.47 -30.75
CA PRO J 76 53.75 -18.58 -31.15
C PRO J 76 54.30 -17.25 -31.67
N ASP J 77 53.57 -16.54 -32.55
CA ASP J 77 54.06 -15.25 -33.05
C ASP J 77 54.09 -14.24 -31.92
N HIS J 78 55.14 -13.39 -31.89
CA HIS J 78 55.40 -12.39 -30.86
C HIS J 78 55.60 -13.02 -29.47
N PHE J 79 56.23 -14.23 -29.43
CA PHE J 79 56.50 -14.98 -28.20
C PHE J 79 57.45 -14.19 -27.30
N PRO J 80 56.99 -13.77 -26.10
CA PRO J 80 57.84 -12.94 -25.25
C PRO J 80 58.75 -13.69 -24.27
N GLU J 81 58.75 -15.02 -24.29
CA GLU J 81 59.56 -15.78 -23.32
C GLU J 81 60.67 -16.63 -23.94
N LYS J 82 61.31 -16.13 -25.02
CA LYS J 82 62.41 -16.81 -25.70
C LYS J 82 63.60 -16.96 -24.74
N GLY J 83 63.91 -15.92 -23.96
CA GLY J 83 64.96 -15.91 -22.95
C GLY J 83 64.74 -16.89 -21.82
N ARG J 84 63.49 -16.95 -21.31
CA ARG J 84 63.08 -17.86 -20.24
C ARG J 84 63.15 -19.31 -20.73
N LEU J 85 62.72 -19.55 -21.98
CA LEU J 85 62.76 -20.87 -22.60
C LEU J 85 64.21 -21.34 -22.81
N LYS J 86 65.13 -20.39 -23.13
CA LYS J 86 66.56 -20.64 -23.30
C LYS J 86 67.16 -21.14 -21.98
N ARG J 87 66.73 -20.55 -20.84
CA ARG J 87 67.18 -20.96 -19.51
C ARG J 87 66.69 -22.37 -19.19
N GLU J 88 65.45 -22.69 -19.59
CA GLU J 88 64.86 -24.03 -19.42
C GLU J 88 65.62 -25.06 -20.24
N ALA J 89 65.98 -24.70 -21.50
CA ALA J 89 66.76 -25.54 -22.41
C ALA J 89 68.14 -25.85 -21.82
N GLU J 90 68.77 -24.86 -21.12
CA GLU J 90 70.05 -24.99 -20.44
C GLU J 90 69.91 -26.01 -19.30
N TYR J 91 68.85 -25.86 -18.48
CA TYR J 91 68.57 -26.76 -17.38
C TYR J 91 68.39 -28.22 -17.86
N PHE J 92 67.56 -28.42 -18.90
CA PHE J 92 67.29 -29.75 -19.45
C PHE J 92 68.45 -30.33 -20.29
N GLN J 93 69.53 -29.54 -20.43
CA GLN J 93 70.77 -29.88 -21.13
C GLN J 93 70.54 -30.21 -22.62
N LEU J 94 69.92 -29.25 -23.34
CA LEU J 94 69.61 -29.36 -24.75
C LEU J 94 70.41 -28.25 -25.47
N PRO J 95 71.74 -28.46 -25.73
CA PRO J 95 72.56 -27.40 -26.32
C PRO J 95 72.12 -26.88 -27.69
N ASP J 96 71.58 -27.77 -28.56
CA ASP J 96 71.10 -27.37 -29.89
C ASP J 96 69.89 -26.45 -29.79
N LEU J 97 69.00 -26.69 -28.79
CA LEU J 97 67.84 -25.84 -28.55
C LEU J 97 68.31 -24.48 -28.00
N VAL J 98 69.32 -24.49 -27.10
CA VAL J 98 69.92 -23.27 -26.53
C VAL J 98 70.44 -22.39 -27.68
N LYS J 99 71.18 -23.01 -28.64
CA LYS J 99 71.72 -22.37 -29.83
C LYS J 99 70.62 -21.73 -30.70
N LEU J 100 69.51 -22.47 -30.94
CA LEU J 100 68.37 -21.98 -31.74
C LEU J 100 67.69 -20.76 -31.10
N LEU J 101 67.77 -20.64 -29.75
CA LEU J 101 67.12 -19.56 -29.00
C LEU J 101 68.02 -18.34 -28.67
N THR J 102 69.32 -18.31 -29.03
CA THR J 102 70.12 -17.11 -28.71
C THR J 102 69.78 -15.92 -29.63
N SER K 1 -72.06 -10.48 27.98
CA SER K 1 -70.79 -10.75 28.66
C SER K 1 -69.59 -10.39 27.79
N PHE K 2 -69.67 -10.63 26.45
CA PHE K 2 -68.56 -10.30 25.56
C PHE K 2 -68.41 -8.79 25.39
N PRO K 3 -67.18 -8.26 25.56
CA PRO K 3 -66.99 -6.81 25.36
C PRO K 3 -67.09 -6.41 23.89
N GLU K 4 -67.33 -5.11 23.63
CA GLU K 4 -67.43 -4.54 22.28
C GLU K 4 -66.11 -4.79 21.51
N VAL K 5 -64.96 -4.64 22.20
CA VAL K 5 -63.63 -4.87 21.67
C VAL K 5 -63.06 -6.13 22.35
N VAL K 6 -62.87 -7.20 21.55
CA VAL K 6 -62.37 -8.50 21.98
C VAL K 6 -60.86 -8.61 21.80
N GLU K 7 -60.17 -9.03 22.87
CA GLU K 7 -58.73 -9.22 22.94
C GLU K 7 -58.44 -10.71 22.72
N LEU K 8 -57.72 -11.02 21.65
CA LEU K 8 -57.39 -12.40 21.26
C LEU K 8 -55.89 -12.67 21.28
N ASN K 9 -55.54 -13.91 21.57
CA ASN K 9 -54.19 -14.43 21.48
C ASN K 9 -54.32 -15.61 20.48
N VAL K 10 -53.87 -15.41 19.23
CA VAL K 10 -53.93 -16.45 18.21
C VAL K 10 -52.51 -16.97 18.05
N GLY K 11 -52.26 -18.15 18.65
CA GLY K 11 -50.96 -18.84 18.66
C GLY K 11 -49.74 -18.01 18.99
N GLY K 12 -49.89 -17.07 19.93
CA GLY K 12 -48.79 -16.20 20.37
C GLY K 12 -48.90 -14.74 19.99
N GLN K 13 -49.67 -14.42 18.92
CA GLN K 13 -49.85 -13.05 18.45
C GLN K 13 -51.12 -12.41 19.00
N VAL K 14 -50.98 -11.24 19.60
CA VAL K 14 -52.10 -10.53 20.17
C VAL K 14 -52.82 -9.67 19.14
N TYR K 15 -54.12 -9.92 19.00
CA TYR K 15 -55.03 -9.23 18.11
C TYR K 15 -56.16 -8.61 18.90
N PHE K 16 -56.74 -7.53 18.37
CA PHE K 16 -57.90 -6.87 18.94
C PHE K 16 -58.85 -6.64 17.77
N THR K 17 -60.11 -7.00 17.95
CA THR K 17 -61.15 -6.80 16.94
C THR K 17 -62.50 -6.56 17.63
N ARG K 18 -63.49 -6.05 16.87
CA ARG K 18 -64.83 -5.83 17.41
C ARG K 18 -65.53 -7.18 17.51
N HIS K 19 -66.41 -7.32 18.51
CA HIS K 19 -67.18 -8.55 18.72
C HIS K 19 -68.03 -8.85 17.47
N SER K 20 -68.57 -7.79 16.83
CA SER K 20 -69.39 -7.85 15.62
C SER K 20 -68.64 -8.46 14.43
N THR K 21 -67.31 -8.26 14.36
CA THR K 21 -66.42 -8.80 13.32
C THR K 21 -66.33 -10.32 13.43
N LEU K 22 -66.22 -10.85 14.66
CA LEU K 22 -66.14 -12.28 14.91
C LEU K 22 -67.44 -13.01 14.57
N ILE K 23 -68.58 -12.39 14.90
CA ILE K 23 -69.92 -12.94 14.66
C ILE K 23 -70.55 -12.43 13.34
N SER K 24 -69.73 -11.95 12.39
CA SER K 24 -70.21 -11.41 11.12
C SER K 24 -70.67 -12.47 10.12
N ILE K 25 -70.08 -13.67 10.16
CA ILE K 25 -70.43 -14.75 9.24
C ILE K 25 -71.12 -15.91 9.99
N PRO K 26 -72.47 -16.02 9.90
CA PRO K 26 -73.17 -17.10 10.60
C PRO K 26 -72.74 -18.50 10.17
N HIS K 27 -72.69 -19.43 11.14
CA HIS K 27 -72.33 -20.85 11.05
C HIS K 27 -70.82 -21.09 10.85
N SER K 28 -70.01 -20.01 10.92
CA SER K 28 -68.55 -20.11 10.86
C SER K 28 -68.07 -20.46 12.27
N LEU K 29 -66.80 -20.89 12.42
CA LEU K 29 -66.26 -21.28 13.72
C LEU K 29 -66.21 -20.14 14.73
N LEU K 30 -65.74 -18.95 14.31
CA LEU K 30 -65.65 -17.78 15.19
C LEU K 30 -67.03 -17.27 15.62
N TRP K 31 -68.05 -17.46 14.75
CA TRP K 31 -69.45 -17.12 15.03
C TRP K 31 -69.97 -18.06 16.11
N LYS K 32 -69.65 -19.37 16.01
CA LYS K 32 -70.04 -20.40 16.98
C LYS K 32 -69.36 -20.13 18.34
N MET K 33 -68.09 -19.71 18.30
CA MET K 33 -67.27 -19.42 19.47
C MET K 33 -67.74 -18.18 20.24
N PHE K 34 -68.10 -17.10 19.52
CA PHE K 34 -68.44 -15.83 20.15
C PHE K 34 -69.93 -15.43 20.07
N SER K 35 -70.85 -16.28 19.54
CA SER K 35 -72.28 -15.88 19.49
C SER K 35 -73.01 -16.16 20.80
N LEU K 44 -64.80 -20.83 27.07
CA LEU K 44 -63.75 -20.59 26.07
C LEU K 44 -62.37 -20.57 26.72
N ALA K 45 -61.38 -21.19 26.03
CA ALA K 45 -59.98 -21.25 26.49
C ALA K 45 -59.36 -19.86 26.56
N LYS K 46 -58.61 -19.60 27.63
CA LYS K 46 -57.95 -18.33 27.87
C LYS K 46 -56.50 -18.52 28.24
N ASP K 47 -55.64 -17.54 27.87
CA ASP K 47 -54.21 -17.57 28.19
C ASP K 47 -54.01 -17.11 29.64
N SER K 48 -52.75 -17.12 30.12
CA SER K 48 -52.39 -16.68 31.47
C SER K 48 -52.79 -15.23 31.79
N LYS K 49 -52.95 -14.39 30.75
CA LYS K 49 -53.32 -12.98 30.88
C LYS K 49 -54.83 -12.72 30.64
N GLY K 50 -55.60 -13.81 30.56
CA GLY K 50 -57.06 -13.74 30.40
C GLY K 50 -57.61 -13.49 29.01
N ARG K 51 -56.73 -13.42 27.98
CA ARG K 51 -57.15 -13.19 26.58
C ARG K 51 -57.72 -14.49 26.02
N PHE K 52 -58.72 -14.40 25.13
CA PHE K 52 -59.31 -15.57 24.47
C PHE K 52 -58.26 -16.22 23.56
N PHE K 53 -58.02 -17.53 23.72
CA PHE K 53 -56.99 -18.23 22.97
C PHE K 53 -57.51 -19.05 21.79
N ILE K 54 -56.85 -18.87 20.64
CA ILE K 54 -57.11 -19.60 19.41
C ILE K 54 -55.79 -20.31 19.06
N ASP K 55 -55.80 -21.65 19.04
CA ASP K 55 -54.60 -22.45 18.77
C ASP K 55 -54.37 -22.65 17.27
N ARG K 56 -54.08 -21.54 16.58
CA ARG K 56 -53.82 -21.50 15.13
C ARG K 56 -52.66 -20.58 14.85
N ASP K 57 -52.19 -20.55 13.59
CA ASP K 57 -51.07 -19.71 13.16
C ASP K 57 -51.33 -18.21 13.33
N GLY K 58 -50.48 -17.56 14.13
CA GLY K 58 -50.52 -16.14 14.46
C GLY K 58 -50.32 -15.26 13.25
N PHE K 59 -49.26 -15.53 12.44
CA PHE K 59 -48.95 -14.81 11.18
C PHE K 59 -50.12 -14.78 10.20
N LEU K 60 -50.79 -15.93 9.99
CA LEU K 60 -51.91 -16.07 9.04
C LEU K 60 -53.25 -15.55 9.52
N PHE K 61 -53.39 -15.26 10.83
CA PHE K 61 -54.66 -14.76 11.38
C PHE K 61 -55.03 -13.38 10.84
N ARG K 62 -54.00 -12.56 10.52
CA ARG K 62 -54.12 -11.22 9.92
C ARG K 62 -55.04 -11.24 8.70
N TYR K 63 -54.81 -12.20 7.80
CA TYR K 63 -55.56 -12.33 6.57
C TYR K 63 -56.97 -12.85 6.81
N ILE K 64 -57.14 -13.72 7.84
CA ILE K 64 -58.45 -14.27 8.23
C ILE K 64 -59.29 -13.12 8.78
N LEU K 65 -58.66 -12.29 9.64
CA LEU K 65 -59.27 -11.13 10.28
C LEU K 65 -59.66 -10.06 9.26
N ASP K 66 -58.79 -9.78 8.28
CA ASP K 66 -59.09 -8.79 7.23
C ASP K 66 -60.23 -9.26 6.31
N TYR K 67 -60.38 -10.58 6.10
CA TYR K 67 -61.49 -11.12 5.32
C TYR K 67 -62.79 -10.91 6.12
N LEU K 68 -62.75 -11.06 7.46
CA LEU K 68 -63.94 -10.86 8.30
C LEU K 68 -64.39 -9.40 8.26
N ARG K 69 -63.41 -8.47 8.18
CA ARG K 69 -63.63 -7.03 8.13
C ARG K 69 -64.18 -6.53 6.79
N ASP K 70 -63.62 -6.98 5.66
CA ASP K 70 -63.97 -6.49 4.32
C ASP K 70 -64.74 -7.44 3.41
N ARG K 71 -64.83 -8.74 3.76
CA ARG K 71 -65.47 -9.79 2.94
C ARG K 71 -64.68 -10.04 1.63
N GLN K 72 -63.51 -9.40 1.52
CA GLN K 72 -62.55 -9.48 0.43
C GLN K 72 -61.19 -9.81 1.03
N VAL K 73 -60.28 -10.34 0.23
CA VAL K 73 -58.95 -10.67 0.69
C VAL K 73 -57.87 -10.07 -0.21
N VAL K 74 -57.01 -9.23 0.37
CA VAL K 74 -55.88 -8.68 -0.37
C VAL K 74 -54.65 -9.31 0.27
N LEU K 75 -53.87 -10.04 -0.51
CA LEU K 75 -52.67 -10.71 0.00
C LEU K 75 -51.41 -9.96 -0.40
N PRO K 76 -50.27 -10.16 0.31
CA PRO K 76 -49.03 -9.49 -0.12
C PRO K 76 -48.61 -10.01 -1.50
N ASP K 77 -47.84 -9.20 -2.27
CA ASP K 77 -47.37 -9.59 -3.60
C ASP K 77 -46.46 -10.81 -3.47
N HIS K 78 -46.65 -11.80 -4.36
CA HIS K 78 -45.90 -13.07 -4.40
C HIS K 78 -46.04 -13.87 -3.10
N PHE K 79 -47.25 -13.85 -2.51
CA PHE K 79 -47.58 -14.56 -1.26
C PHE K 79 -47.41 -16.07 -1.44
N PRO K 80 -46.47 -16.71 -0.72
CA PRO K 80 -46.23 -18.14 -0.94
C PRO K 80 -47.05 -19.10 -0.09
N GLU K 81 -47.96 -18.59 0.77
CA GLU K 81 -48.72 -19.46 1.68
C GLU K 81 -50.22 -19.44 1.43
N LYS K 82 -50.62 -19.37 0.14
CA LYS K 82 -52.03 -19.37 -0.28
C LYS K 82 -52.73 -20.65 0.16
N GLY K 83 -52.02 -21.78 0.02
CA GLY K 83 -52.49 -23.11 0.40
C GLY K 83 -52.72 -23.24 1.90
N ARG K 84 -51.77 -22.73 2.71
CA ARG K 84 -51.82 -22.72 4.17
C ARG K 84 -52.97 -21.85 4.66
N LEU K 85 -53.17 -20.66 4.05
CA LEU K 85 -54.28 -19.77 4.41
C LEU K 85 -55.63 -20.40 4.05
N LYS K 86 -55.69 -21.13 2.92
CA LYS K 86 -56.89 -21.84 2.50
C LYS K 86 -57.27 -22.88 3.58
N ARG K 87 -56.25 -23.55 4.18
CA ARG K 87 -56.44 -24.51 5.26
C ARG K 87 -56.97 -23.82 6.51
N GLU K 88 -56.45 -22.60 6.83
CA GLU K 88 -56.92 -21.78 7.97
C GLU K 88 -58.38 -21.40 7.75
N ALA K 89 -58.74 -21.00 6.50
CA ALA K 89 -60.10 -20.63 6.09
C ALA K 89 -61.05 -21.83 6.27
N GLU K 90 -60.57 -23.05 5.97
CA GLU K 90 -61.33 -24.29 6.14
C GLU K 90 -61.57 -24.52 7.65
N TYR K 91 -60.51 -24.36 8.50
CA TYR K 91 -60.62 -24.52 9.95
C TYR K 91 -61.64 -23.56 10.55
N PHE K 92 -61.57 -22.26 10.17
CA PHE K 92 -62.49 -21.23 10.66
C PHE K 92 -63.88 -21.30 10.02
N GLN K 93 -64.08 -22.25 9.08
CA GLN K 93 -65.32 -22.55 8.35
C GLN K 93 -65.84 -21.35 7.58
N LEU K 94 -64.99 -20.80 6.68
CA LEU K 94 -65.31 -19.64 5.85
C LEU K 94 -65.30 -20.13 4.38
N PRO K 95 -66.41 -20.76 3.90
CA PRO K 95 -66.42 -21.32 2.54
C PRO K 95 -66.17 -20.34 1.40
N ASP K 96 -66.67 -19.08 1.53
CA ASP K 96 -66.47 -18.06 0.50
C ASP K 96 -65.00 -17.66 0.39
N LEU K 97 -64.27 -17.64 1.54
CA LEU K 97 -62.84 -17.35 1.55
C LEU K 97 -62.08 -18.53 0.93
N VAL K 98 -62.49 -19.78 1.22
CA VAL K 98 -61.91 -21.01 0.66
C VAL K 98 -62.01 -20.93 -0.89
N LYS K 99 -63.19 -20.53 -1.41
CA LYS K 99 -63.47 -20.35 -2.84
C LYS K 99 -62.57 -19.28 -3.47
N LEU K 100 -62.36 -18.13 -2.79
CA LEU K 100 -61.50 -17.05 -3.27
C LEU K 100 -60.03 -17.46 -3.35
N LEU K 101 -59.62 -18.45 -2.53
CA LEU K 101 -58.24 -18.95 -2.47
C LEU K 101 -57.97 -20.18 -3.36
N THR K 102 -58.99 -20.62 -4.13
CA THR K 102 -58.85 -21.74 -5.07
C THR K 102 -58.57 -21.22 -6.47
N SER L 1 -64.24 16.98 23.70
CA SER L 1 -62.94 17.52 23.33
C SER L 1 -61.82 16.49 23.51
N PHE L 2 -61.18 16.17 22.37
CA PHE L 2 -60.10 15.19 22.19
C PHE L 2 -58.78 15.71 22.74
N PRO L 3 -57.93 14.83 23.33
CA PRO L 3 -56.64 15.33 23.85
C PRO L 3 -55.66 15.67 22.72
N GLU L 4 -54.63 16.49 23.04
CA GLU L 4 -53.58 16.91 22.10
C GLU L 4 -52.86 15.66 21.53
N VAL L 5 -52.58 14.68 22.42
CA VAL L 5 -51.94 13.41 22.10
C VAL L 5 -52.99 12.30 22.22
N VAL L 6 -53.36 11.72 21.09
CA VAL L 6 -54.35 10.63 20.97
C VAL L 6 -53.62 9.27 21.05
N GLU L 7 -54.18 8.35 21.86
CA GLU L 7 -53.71 6.99 22.05
C GLU L 7 -54.66 6.07 21.27
N LEU L 8 -54.14 5.36 20.27
CA LEU L 8 -54.92 4.47 19.42
C LEU L 8 -54.51 3.01 19.54
N ASN L 9 -55.49 2.12 19.34
CA ASN L 9 -55.31 0.70 19.28
C ASN L 9 -55.87 0.33 17.92
N VAL L 10 -54.99 -0.02 16.99
CA VAL L 10 -55.41 -0.41 15.65
C VAL L 10 -55.20 -1.92 15.56
N GLY L 11 -56.31 -2.66 15.61
CA GLY L 11 -56.37 -4.12 15.55
C GLY L 11 -55.41 -4.90 16.44
N GLY L 12 -54.97 -4.30 17.55
CA GLY L 12 -54.03 -4.91 18.47
C GLY L 12 -52.75 -4.12 18.67
N GLN L 13 -52.41 -3.25 17.70
CA GLN L 13 -51.18 -2.46 17.74
C GLN L 13 -51.43 -1.07 18.26
N VAL L 14 -50.63 -0.66 19.24
CA VAL L 14 -50.76 0.64 19.90
C VAL L 14 -49.93 1.71 19.18
N TYR L 15 -50.60 2.83 18.83
CA TYR L 15 -50.00 4.00 18.20
C TYR L 15 -50.41 5.24 18.97
N PHE L 16 -49.51 6.21 19.02
CA PHE L 16 -49.75 7.51 19.64
C PHE L 16 -49.46 8.56 18.57
N THR L 17 -50.37 9.51 18.40
CA THR L 17 -50.22 10.60 17.45
C THR L 17 -50.92 11.86 17.95
N ARG L 18 -50.61 13.00 17.33
CA ARG L 18 -51.26 14.26 17.69
C ARG L 18 -52.63 14.28 17.06
N HIS L 19 -53.59 14.93 17.73
CA HIS L 19 -54.96 15.07 17.22
C HIS L 19 -54.96 15.76 15.86
N SER L 20 -54.07 16.75 15.68
CA SER L 20 -53.88 17.52 14.45
C SER L 20 -53.52 16.64 13.25
N THR L 21 -52.78 15.53 13.51
CA THR L 21 -52.35 14.56 12.51
C THR L 21 -53.56 13.79 11.96
N LEU L 22 -54.46 13.40 12.86
CA LEU L 22 -55.66 12.63 12.52
C LEU L 22 -56.69 13.41 11.70
N ILE L 23 -56.74 14.73 11.90
CA ILE L 23 -57.69 15.62 11.20
C ILE L 23 -56.99 16.50 10.13
N SER L 24 -55.75 16.13 9.74
CA SER L 24 -54.94 16.87 8.76
C SER L 24 -55.49 16.82 7.33
N ILE L 25 -56.20 15.73 6.97
CA ILE L 25 -56.75 15.57 5.62
C ILE L 25 -58.29 15.63 5.66
N PRO L 26 -58.90 16.79 5.29
CA PRO L 26 -60.38 16.89 5.31
C PRO L 26 -61.07 15.90 4.38
N HIS L 27 -62.22 15.38 4.84
CA HIS L 27 -63.13 14.41 4.18
C HIS L 27 -62.58 12.97 4.17
N SER L 28 -61.43 12.73 4.85
CA SER L 28 -60.89 11.38 5.00
C SER L 28 -61.61 10.74 6.19
N LEU L 29 -61.49 9.41 6.35
CA LEU L 29 -62.17 8.70 7.43
C LEU L 29 -61.71 9.12 8.83
N LEU L 30 -60.40 9.27 9.05
CA LEU L 30 -59.86 9.68 10.35
C LEU L 30 -60.26 11.11 10.72
N TRP L 31 -60.43 11.97 9.69
CA TRP L 31 -60.90 13.35 9.85
C TRP L 31 -62.36 13.33 10.30
N LYS L 32 -63.19 12.45 9.70
CA LYS L 32 -64.60 12.27 10.04
C LYS L 32 -64.74 11.71 11.46
N MET L 33 -63.86 10.77 11.83
CA MET L 33 -63.82 10.13 13.14
C MET L 33 -63.41 11.05 14.28
N PHE L 34 -62.38 11.89 14.05
CA PHE L 34 -61.84 12.75 15.11
C PHE L 34 -62.21 14.25 14.99
N SER L 35 -63.18 14.61 14.12
CA SER L 35 -63.68 15.99 14.05
C SER L 35 -64.84 16.10 15.05
N PRO L 36 -64.87 17.09 15.97
CA PRO L 36 -66.00 17.14 16.93
C PRO L 36 -67.36 17.50 16.30
N LEU L 44 -67.27 7.03 19.90
CA LEU L 44 -66.21 6.21 19.30
C LEU L 44 -65.89 5.00 20.15
N ALA L 45 -65.69 3.83 19.49
CA ALA L 45 -65.35 2.56 20.14
C ALA L 45 -64.01 2.65 20.86
N LYS L 46 -63.94 2.07 22.06
CA LYS L 46 -62.75 2.05 22.89
C LYS L 46 -62.45 0.65 23.40
N ASP L 47 -61.15 0.33 23.58
CA ASP L 47 -60.73 -0.97 24.11
C ASP L 47 -60.89 -0.98 25.63
N SER L 48 -60.57 -2.14 26.28
CA SER L 48 -60.66 -2.30 27.73
C SER L 48 -59.78 -1.31 28.52
N LYS L 49 -58.72 -0.78 27.87
CA LYS L 49 -57.78 0.17 28.48
C LYS L 49 -58.11 1.64 28.15
N GLY L 50 -59.27 1.88 27.52
CA GLY L 50 -59.77 3.20 27.17
C GLY L 50 -59.21 3.85 25.91
N ARG L 51 -58.35 3.15 25.15
CA ARG L 51 -57.75 3.66 23.91
C ARG L 51 -58.79 3.62 22.78
N PHE L 52 -58.74 4.59 21.86
CA PHE L 52 -59.64 4.62 20.71
C PHE L 52 -59.33 3.44 19.80
N PHE L 53 -60.34 2.66 19.44
CA PHE L 53 -60.14 1.46 18.64
C PHE L 53 -60.50 1.60 17.18
N ILE L 54 -59.58 1.10 16.33
CA ILE L 54 -59.73 1.03 14.89
C ILE L 54 -59.63 -0.45 14.54
N ASP L 55 -60.69 -0.99 13.93
CA ASP L 55 -60.74 -2.40 13.55
C ASP L 55 -60.14 -2.63 12.17
N ARG L 56 -58.81 -2.39 12.07
CA ARG L 56 -58.01 -2.55 10.85
C ARG L 56 -56.69 -3.19 11.18
N ASP L 57 -55.93 -3.59 10.14
CA ASP L 57 -54.61 -4.20 10.33
C ASP L 57 -53.68 -3.21 11.04
N GLY L 58 -53.17 -3.63 12.19
CA GLY L 58 -52.30 -2.80 13.02
C GLY L 58 -50.91 -2.58 12.48
N PHE L 59 -50.38 -3.57 11.76
CA PHE L 59 -49.03 -3.48 11.20
C PHE L 59 -48.92 -2.45 10.07
N LEU L 60 -49.93 -2.42 9.19
CA LEU L 60 -49.97 -1.49 8.07
C LEU L 60 -50.32 -0.04 8.43
N PHE L 61 -50.93 0.18 9.62
CA PHE L 61 -51.29 1.52 10.09
C PHE L 61 -50.09 2.42 10.28
N ARG L 62 -48.92 1.83 10.55
CA ARG L 62 -47.63 2.50 10.70
C ARG L 62 -47.36 3.43 9.50
N TYR L 63 -47.64 2.92 8.28
CA TYR L 63 -47.41 3.62 7.02
C TYR L 63 -48.53 4.61 6.70
N ILE L 64 -49.77 4.33 7.16
CA ILE L 64 -50.92 5.24 7.03
C ILE L 64 -50.61 6.49 7.89
N LEU L 65 -50.11 6.28 9.12
CA LEU L 65 -49.73 7.32 10.07
C LEU L 65 -48.60 8.20 9.54
N ASP L 66 -47.57 7.60 8.91
CA ASP L 66 -46.45 8.37 8.35
C ASP L 66 -46.89 9.21 7.14
N TYR L 67 -47.90 8.73 6.38
CA TYR L 67 -48.46 9.49 5.28
C TYR L 67 -49.23 10.71 5.82
N LEU L 68 -49.95 10.57 6.95
CA LEU L 68 -50.66 11.71 7.54
C LEU L 68 -49.66 12.76 8.03
N ARG L 69 -48.51 12.31 8.58
CA ARG L 69 -47.45 13.18 9.09
C ARG L 69 -46.72 13.97 8.02
N ASP L 70 -46.32 13.30 6.91
CA ASP L 70 -45.50 13.91 5.85
C ASP L 70 -46.19 14.17 4.50
N ARG L 71 -47.38 13.59 4.29
CA ARG L 71 -48.15 13.61 3.02
C ARG L 71 -47.34 12.92 1.92
N GLN L 72 -46.54 11.94 2.35
CA GLN L 72 -45.66 11.05 1.60
C GLN L 72 -45.23 9.93 2.56
N VAL L 73 -44.90 8.75 1.99
CA VAL L 73 -44.47 7.62 2.79
C VAL L 73 -43.38 6.82 2.05
N VAL L 74 -42.27 6.57 2.76
CA VAL L 74 -41.15 5.77 2.31
C VAL L 74 -41.42 4.38 2.89
N LEU L 75 -41.33 3.34 2.06
CA LEU L 75 -41.59 1.98 2.50
C LEU L 75 -40.29 1.20 2.74
N PRO L 76 -40.28 0.12 3.56
CA PRO L 76 -39.05 -0.68 3.71
C PRO L 76 -38.67 -1.31 2.38
N ASP L 77 -37.38 -1.63 2.17
CA ASP L 77 -36.89 -2.27 0.93
C ASP L 77 -37.55 -3.63 0.76
N HIS L 78 -38.03 -3.93 -0.46
CA HIS L 78 -38.70 -5.18 -0.84
C HIS L 78 -39.97 -5.43 -0.01
N PHE L 79 -40.73 -4.34 0.25
CA PHE L 79 -41.97 -4.35 1.02
C PHE L 79 -43.02 -5.19 0.28
N PRO L 80 -43.46 -6.32 0.87
CA PRO L 80 -44.39 -7.20 0.16
C PRO L 80 -45.87 -6.89 0.31
N GLU L 81 -46.23 -5.82 1.04
CA GLU L 81 -47.65 -5.53 1.28
C GLU L 81 -48.12 -4.19 0.72
N LYS L 82 -47.59 -3.81 -0.47
CA LYS L 82 -47.96 -2.57 -1.17
C LYS L 82 -49.46 -2.57 -1.51
N GLY L 83 -49.95 -3.72 -1.99
CA GLY L 83 -51.35 -3.93 -2.35
C GLY L 83 -52.28 -3.85 -1.15
N ARG L 84 -51.87 -4.48 -0.03
CA ARG L 84 -52.63 -4.49 1.23
C ARG L 84 -52.70 -3.08 1.82
N LEU L 85 -51.58 -2.32 1.74
CA LEU L 85 -51.50 -0.94 2.22
C LEU L 85 -52.41 -0.03 1.38
N LYS L 86 -52.51 -0.31 0.06
CA LYS L 86 -53.38 0.43 -0.86
C LYS L 86 -54.85 0.24 -0.45
N ARG L 87 -55.23 -0.99 -0.02
CA ARG L 87 -56.58 -1.29 0.46
C ARG L 87 -56.87 -0.53 1.77
N GLU L 88 -55.87 -0.41 2.65
CA GLU L 88 -55.98 0.34 3.90
C GLU L 88 -56.18 1.83 3.61
N ALA L 89 -55.42 2.35 2.62
CA ALA L 89 -55.52 3.75 2.16
C ALA L 89 -56.92 4.04 1.62
N GLU L 90 -57.53 3.06 0.91
CA GLU L 90 -58.89 3.15 0.37
C GLU L 90 -59.88 3.24 1.53
N TYR L 91 -59.72 2.35 2.55
CA TYR L 91 -60.59 2.34 3.73
C TYR L 91 -60.54 3.67 4.47
N PHE L 92 -59.32 4.20 4.74
CA PHE L 92 -59.14 5.46 5.46
C PHE L 92 -59.48 6.70 4.61
N GLN L 93 -59.85 6.47 3.32
CA GLN L 93 -60.26 7.48 2.33
C GLN L 93 -59.17 8.51 2.08
N LEU L 94 -57.98 8.03 1.69
CA LEU L 94 -56.81 8.85 1.38
C LEU L 94 -56.51 8.66 -0.12
N PRO L 95 -57.24 9.37 -1.03
CA PRO L 95 -57.06 9.12 -2.47
C PRO L 95 -55.66 9.37 -3.01
N ASP L 96 -54.95 10.39 -2.50
CA ASP L 96 -53.59 10.71 -2.95
C ASP L 96 -52.61 9.59 -2.57
N LEU L 97 -52.81 8.95 -1.40
CA LEU L 97 -52.01 7.81 -0.96
C LEU L 97 -52.30 6.60 -1.85
N VAL L 98 -53.59 6.37 -2.19
CA VAL L 98 -54.03 5.28 -3.08
C VAL L 98 -53.29 5.44 -4.43
N LYS L 99 -53.27 6.68 -4.98
CA LYS L 99 -52.59 7.03 -6.22
C LYS L 99 -51.09 6.75 -6.18
N LEU L 100 -50.42 7.11 -5.06
CA LEU L 100 -48.98 6.86 -4.87
C LEU L 100 -48.63 5.37 -4.83
N LEU L 101 -49.60 4.53 -4.41
CA LEU L 101 -49.40 3.08 -4.28
C LEU L 101 -49.84 2.27 -5.51
N THR L 102 -50.34 2.95 -6.57
CA THR L 102 -50.77 2.31 -7.83
C THR L 102 -49.66 2.49 -8.88
N PRO L 103 -49.07 1.40 -9.41
CA PRO L 103 -48.02 1.54 -10.43
C PRO L 103 -48.56 1.39 -11.85
N PHE M 2 -36.20 21.41 32.42
CA PHE M 2 -36.08 20.04 31.92
C PHE M 2 -35.22 19.17 32.85
N PRO M 3 -35.64 17.91 33.13
CA PRO M 3 -34.81 17.06 34.00
C PRO M 3 -33.56 16.57 33.27
N GLU M 4 -32.55 16.12 34.05
CA GLU M 4 -31.28 15.58 33.53
C GLU M 4 -31.55 14.36 32.63
N VAL M 5 -32.49 13.50 33.05
CA VAL M 5 -32.92 12.31 32.32
C VAL M 5 -34.33 12.55 31.80
N VAL M 6 -34.47 12.62 30.48
CA VAL M 6 -35.73 12.88 29.79
C VAL M 6 -36.40 11.57 29.36
N GLU M 7 -37.67 11.43 29.69
CA GLU M 7 -38.50 10.29 29.34
C GLU M 7 -39.35 10.71 28.14
N LEU M 8 -39.17 10.00 27.01
CA LEU M 8 -39.85 10.29 25.76
C LEU M 8 -40.78 9.19 25.30
N ASN M 9 -41.85 9.58 24.63
CA ASN M 9 -42.79 8.70 23.97
C ASN M 9 -42.75 9.16 22.51
N VAL M 10 -42.12 8.35 21.65
CA VAL M 10 -42.02 8.64 20.22
C VAL M 10 -43.01 7.71 19.51
N GLY M 11 -44.15 8.27 19.09
CA GLY M 11 -45.23 7.57 18.39
C GLY M 11 -45.74 6.27 18.99
N GLY M 12 -45.55 6.10 20.30
CA GLY M 12 -45.95 4.88 21.00
C GLY M 12 -44.80 4.16 21.68
N GLN M 13 -43.55 4.43 21.26
CA GLN M 13 -42.35 3.78 21.80
C GLN M 13 -41.65 4.63 22.83
N VAL M 14 -41.34 4.04 23.99
CA VAL M 14 -40.71 4.75 25.11
C VAL M 14 -39.18 4.70 25.04
N TYR M 15 -38.55 5.88 25.17
CA TYR M 15 -37.11 6.06 25.19
C TYR M 15 -36.72 6.94 26.34
N PHE M 16 -35.54 6.73 26.89
CA PHE M 16 -34.99 7.55 27.98
C PHE M 16 -33.61 7.97 27.53
N THR M 17 -33.30 9.25 27.67
CA THR M 17 -32.00 9.81 27.30
C THR M 17 -31.66 11.02 28.16
N ARG M 18 -30.40 11.45 28.13
CA ARG M 18 -30.00 12.66 28.86
C ARG M 18 -30.47 13.89 28.07
N HIS M 19 -30.82 14.97 28.80
CA HIS M 19 -31.25 16.23 28.19
C HIS M 19 -30.15 16.77 27.26
N SER M 20 -28.86 16.59 27.66
CA SER M 20 -27.68 17.01 26.91
C SER M 20 -27.61 16.35 25.52
N THR M 21 -28.11 15.10 25.40
CA THR M 21 -28.14 14.34 24.15
C THR M 21 -29.12 14.98 23.17
N LEU M 22 -30.27 15.44 23.70
CA LEU M 22 -31.36 16.07 22.96
C LEU M 22 -31.03 17.46 22.39
N ILE M 23 -30.06 18.17 23.02
CA ILE M 23 -29.63 19.50 22.62
C ILE M 23 -28.15 19.54 22.17
N SER M 24 -27.59 18.34 21.86
CA SER M 24 -26.20 18.16 21.43
C SER M 24 -25.89 18.75 20.05
N ILE M 25 -26.90 18.78 19.16
CA ILE M 25 -26.73 19.28 17.79
C ILE M 25 -27.53 20.57 17.59
N PRO M 26 -26.86 21.75 17.64
CA PRO M 26 -27.58 23.02 17.42
C PRO M 26 -28.26 23.11 16.07
N HIS M 27 -29.45 23.74 16.07
CA HIS M 27 -30.33 23.99 14.92
C HIS M 27 -31.09 22.74 14.44
N SER M 28 -30.88 21.56 15.09
CA SER M 28 -31.63 20.34 14.79
C SER M 28 -33.02 20.51 15.45
N LEU M 29 -34.00 19.67 15.09
CA LEU M 29 -35.34 19.82 15.65
C LEU M 29 -35.43 19.57 17.17
N LEU M 30 -34.73 18.55 17.68
CA LEU M 30 -34.73 18.21 19.10
C LEU M 30 -34.06 19.28 19.93
N TRP M 31 -33.10 19.99 19.33
CA TRP M 31 -32.41 21.10 19.99
C TRP M 31 -33.39 22.28 20.15
N LYS M 32 -34.21 22.54 19.09
CA LYS M 32 -35.24 23.57 19.09
C LYS M 32 -36.37 23.20 20.08
N MET M 33 -36.74 21.91 20.13
CA MET M 33 -37.78 21.30 20.95
C MET M 33 -37.46 21.21 22.46
N PHE M 34 -36.17 21.03 22.83
CA PHE M 34 -35.74 20.89 24.23
C PHE M 34 -34.86 22.04 24.69
N SER M 35 -35.15 23.19 24.07
CA SER M 35 -34.55 24.49 24.32
C SER M 35 -34.80 24.91 25.78
N PRO M 36 -33.75 25.37 26.48
CA PRO M 36 -33.90 25.75 27.90
C PRO M 36 -34.96 26.81 28.21
N LYS M 37 -35.36 27.62 27.20
CA LYS M 37 -36.38 28.67 27.31
C LYS M 37 -37.77 28.07 27.48
N LEU M 44 -44.77 21.97 25.87
CA LEU M 44 -44.47 20.75 25.12
C LEU M 44 -45.54 19.69 25.34
N ALA M 45 -45.99 19.03 24.25
CA ALA M 45 -47.00 17.98 24.29
C ALA M 45 -46.54 16.78 25.11
N LYS M 46 -47.45 16.23 25.92
CA LYS M 46 -47.19 15.08 26.78
C LYS M 46 -48.30 14.05 26.64
N ASP M 47 -47.96 12.76 26.83
CA ASP M 47 -48.95 11.69 26.77
C ASP M 47 -49.70 11.61 28.14
N SER M 48 -50.67 10.67 28.24
CA SER M 48 -51.46 10.46 29.46
C SER M 48 -50.60 10.10 30.70
N LYS M 49 -49.38 9.55 30.48
CA LYS M 49 -48.46 9.15 31.54
C LYS M 49 -47.38 10.22 31.81
N GLY M 50 -47.55 11.42 31.25
CA GLY M 50 -46.67 12.56 31.45
C GLY M 50 -45.36 12.60 30.67
N ARG M 51 -45.18 11.67 29.70
CA ARG M 51 -43.99 11.55 28.83
C ARG M 51 -44.04 12.54 27.66
N PHE M 52 -42.92 13.27 27.42
CA PHE M 52 -42.75 14.23 26.32
C PHE M 52 -42.98 13.50 25.01
N PHE M 53 -44.00 13.94 24.26
CA PHE M 53 -44.41 13.26 23.05
C PHE M 53 -43.81 13.83 21.76
N ILE M 54 -43.28 12.92 20.92
CA ILE M 54 -42.74 13.19 19.58
C ILE M 54 -43.60 12.37 18.61
N ASP M 55 -44.27 13.06 17.69
CA ASP M 55 -45.18 12.44 16.73
C ASP M 55 -44.45 11.89 15.48
N ARG M 56 -43.59 10.88 15.69
CA ARG M 56 -42.79 10.21 14.64
C ARG M 56 -42.77 8.72 14.87
N ASP M 57 -42.20 7.97 13.89
CA ASP M 57 -42.08 6.52 14.00
C ASP M 57 -41.19 6.17 15.19
N GLY M 58 -41.76 5.42 16.10
CA GLY M 58 -41.08 5.03 17.32
C GLY M 58 -39.97 4.01 17.15
N PHE M 59 -40.12 3.09 16.18
CA PHE M 59 -39.11 2.04 15.93
C PHE M 59 -37.79 2.59 15.40
N LEU M 60 -37.86 3.57 14.47
CA LEU M 60 -36.69 4.19 13.85
C LEU M 60 -35.96 5.20 14.75
N PHE M 61 -36.64 5.71 15.79
CA PHE M 61 -36.04 6.70 16.70
C PHE M 61 -34.82 6.14 17.44
N ARG M 62 -34.80 4.82 17.63
CA ARG M 62 -33.71 4.09 18.28
C ARG M 62 -32.36 4.46 17.63
N TYR M 63 -32.32 4.51 16.29
CA TYR M 63 -31.13 4.81 15.49
C TYR M 63 -30.84 6.30 15.42
N ILE M 64 -31.89 7.16 15.52
CA ILE M 64 -31.74 8.62 15.58
C ILE M 64 -31.02 8.93 16.91
N LEU M 65 -31.48 8.30 18.02
CA LEU M 65 -30.94 8.43 19.38
C LEU M 65 -29.47 8.02 19.46
N ASP M 66 -29.10 6.88 18.81
CA ASP M 66 -27.72 6.41 18.81
C ASP M 66 -26.79 7.34 18.01
N TYR M 67 -27.32 8.00 16.96
CA TYR M 67 -26.57 8.99 16.20
C TYR M 67 -26.32 10.22 17.07
N LEU M 68 -27.32 10.62 17.90
CA LEU M 68 -27.16 11.77 18.81
C LEU M 68 -26.10 11.50 19.88
N ARG M 69 -25.99 10.22 20.32
CA ARG M 69 -25.03 9.76 21.33
C ARG M 69 -23.61 9.68 20.81
N ASP M 70 -23.40 9.08 19.62
CA ASP M 70 -22.07 8.81 19.07
C ASP M 70 -21.61 9.66 17.87
N ARG M 71 -22.53 10.40 17.20
CA ARG M 71 -22.29 11.19 15.97
C ARG M 71 -22.03 10.24 14.78
N GLN M 72 -22.44 8.97 14.96
CA GLN M 72 -22.33 7.83 14.06
C GLN M 72 -23.38 6.80 14.50
N VAL M 73 -23.80 5.94 13.58
CA VAL M 73 -24.77 4.90 13.87
C VAL M 73 -24.45 3.62 13.06
N VAL M 74 -24.40 2.50 13.77
CA VAL M 74 -24.20 1.17 13.21
C VAL M 74 -25.62 0.62 13.14
N LEU M 75 -25.99 0.05 12.01
CA LEU M 75 -27.32 -0.47 11.80
C LEU M 75 -27.34 -1.99 11.90
N PRO M 76 -28.51 -2.64 12.18
CA PRO M 76 -28.54 -4.11 12.18
C PRO M 76 -28.19 -4.66 10.80
N ASP M 77 -27.69 -5.92 10.72
CA ASP M 77 -27.34 -6.57 9.46
C ASP M 77 -28.61 -6.69 8.62
N HIS M 78 -28.48 -6.43 7.31
CA HIS M 78 -29.50 -6.45 6.27
C HIS M 78 -30.70 -5.53 6.62
N PHE M 79 -30.40 -4.33 7.21
CA PHE M 79 -31.40 -3.36 7.63
C PHE M 79 -32.21 -2.85 6.43
N PRO M 80 -33.53 -3.15 6.38
CA PRO M 80 -34.32 -2.75 5.20
C PRO M 80 -34.98 -1.36 5.26
N GLU M 81 -34.73 -0.58 6.32
CA GLU M 81 -35.37 0.73 6.45
C GLU M 81 -34.39 1.92 6.44
N LYS M 82 -33.32 1.81 5.64
CA LYS M 82 -32.32 2.89 5.50
C LYS M 82 -32.98 4.15 4.91
N GLY M 83 -33.88 3.97 3.95
CA GLY M 83 -34.62 5.05 3.29
C GLY M 83 -35.57 5.76 4.24
N ARG M 84 -36.31 4.97 5.05
CA ARG M 84 -37.24 5.47 6.07
C ARG M 84 -36.49 6.21 7.17
N LEU M 85 -35.33 5.69 7.59
CA LEU M 85 -34.48 6.33 8.59
C LEU M 85 -33.92 7.65 8.09
N LYS M 86 -33.59 7.73 6.78
CA LYS M 86 -33.10 8.94 6.12
C LYS M 86 -34.18 10.03 6.19
N ARG M 87 -35.47 9.66 5.97
CA ARG M 87 -36.61 10.57 6.07
C ARG M 87 -36.76 11.09 7.51
N GLU M 88 -36.55 10.23 8.52
CA GLU M 88 -36.59 10.61 9.94
C GLU M 88 -35.46 11.60 10.25
N ALA M 89 -34.26 11.33 9.70
CA ALA M 89 -33.09 12.21 9.87
C ALA M 89 -33.35 13.60 9.26
N GLU M 90 -34.11 13.64 8.12
CA GLU M 90 -34.50 14.89 7.46
C GLU M 90 -35.44 15.65 8.38
N TYR M 91 -36.48 14.97 8.91
CA TYR M 91 -37.44 15.56 9.84
C TYR M 91 -36.75 16.12 11.08
N PHE M 92 -35.85 15.34 11.67
CA PHE M 92 -35.11 15.73 12.86
C PHE M 92 -33.98 16.71 12.55
N GLN M 93 -33.83 17.10 11.26
CA GLN M 93 -32.86 18.10 10.76
C GLN M 93 -31.44 17.78 11.19
N LEU M 94 -31.01 16.55 10.89
CA LEU M 94 -29.64 16.10 11.17
C LEU M 94 -28.98 15.87 9.79
N PRO M 95 -28.37 16.94 9.17
CA PRO M 95 -27.82 16.80 7.80
C PRO M 95 -26.68 15.80 7.62
N ASP M 96 -25.78 15.68 8.62
CA ASP M 96 -24.67 14.72 8.58
C ASP M 96 -25.16 13.28 8.61
N LEU M 97 -26.27 13.02 9.33
CA LEU M 97 -26.88 11.69 9.37
C LEU M 97 -27.54 11.38 8.03
N VAL M 98 -28.22 12.39 7.42
CA VAL M 98 -28.85 12.28 6.10
C VAL M 98 -27.76 11.88 5.07
N LYS M 99 -26.59 12.56 5.10
CA LYS M 99 -25.43 12.30 4.25
C LYS M 99 -24.92 10.86 4.42
N LEU M 100 -24.80 10.35 5.67
CA LEU M 100 -24.34 8.99 5.96
C LEU M 100 -25.29 7.92 5.43
N LEU M 101 -26.58 8.26 5.28
CA LEU M 101 -27.62 7.33 4.81
C LEU M 101 -27.89 7.41 3.30
N THR M 102 -27.17 8.29 2.57
CA THR M 102 -27.28 8.44 1.11
C THR M 102 -26.19 7.61 0.41
N PHE N 2 -22.53 2.95 47.79
CA PHE N 2 -23.27 2.17 46.80
C PHE N 2 -23.85 0.88 47.39
N PRO N 3 -25.10 0.50 47.04
CA PRO N 3 -25.65 -0.77 47.55
C PRO N 3 -25.00 -1.99 46.90
N GLU N 4 -25.12 -3.16 47.55
CA GLU N 4 -24.59 -4.45 47.07
C GLU N 4 -25.24 -4.79 45.72
N VAL N 5 -26.57 -4.54 45.60
CA VAL N 5 -27.36 -4.76 44.40
C VAL N 5 -27.70 -3.38 43.81
N VAL N 6 -27.10 -3.09 42.63
CA VAL N 6 -27.25 -1.85 41.88
C VAL N 6 -28.40 -1.96 40.86
N GLU N 7 -29.33 -0.98 40.89
CA GLU N 7 -30.48 -0.89 40.01
C GLU N 7 -30.16 0.14 38.92
N LEU N 8 -30.15 -0.30 37.66
CA LEU N 8 -29.80 0.53 36.51
C LEU N 8 -30.94 0.71 35.53
N ASN N 9 -30.97 1.87 34.88
CA ASN N 9 -31.89 2.21 33.81
C ASN N 9 -30.97 2.54 32.62
N VAL N 10 -30.92 1.63 31.65
CA VAL N 10 -30.09 1.82 30.45
C VAL N 10 -31.04 2.17 29.30
N GLY N 11 -31.07 3.46 28.95
CA GLY N 11 -31.92 4.02 27.89
C GLY N 11 -33.39 3.63 27.89
N GLY N 12 -33.93 3.31 29.06
CA GLY N 12 -35.32 2.89 29.22
C GLY N 12 -35.49 1.48 29.73
N GLN N 13 -34.44 0.62 29.59
CA GLN N 13 -34.51 -0.77 30.02
C GLN N 13 -33.90 -0.92 31.42
N VAL N 14 -34.63 -1.58 32.33
CA VAL N 14 -34.20 -1.77 33.72
C VAL N 14 -33.38 -3.07 33.90
N TYR N 15 -32.20 -2.93 34.50
CA TYR N 15 -31.29 -4.02 34.80
C TYR N 15 -30.85 -3.94 36.27
N PHE N 16 -30.64 -5.09 36.89
CA PHE N 16 -30.16 -5.20 38.26
C PHE N 16 -28.92 -6.08 38.22
N THR N 17 -27.85 -5.63 38.86
CA THR N 17 -26.59 -6.36 38.95
C THR N 17 -25.89 -6.08 40.28
N ARG N 18 -24.90 -6.90 40.64
CA ARG N 18 -24.14 -6.68 41.85
C ARG N 18 -23.13 -5.56 41.60
N HIS N 19 -22.80 -4.82 42.66
CA HIS N 19 -21.83 -3.73 42.64
C HIS N 19 -20.45 -4.22 42.23
N SER N 20 -20.08 -5.45 42.66
CA SER N 20 -18.83 -6.13 42.35
C SER N 20 -18.65 -6.32 40.85
N THR N 21 -19.74 -6.64 40.13
CA THR N 21 -19.78 -6.87 38.68
C THR N 21 -19.37 -5.60 37.90
N LEU N 22 -19.90 -4.44 38.30
CA LEU N 22 -19.59 -3.16 37.67
C LEU N 22 -18.09 -2.88 37.81
N ILE N 23 -17.55 -3.21 38.99
CA ILE N 23 -16.15 -3.09 39.41
C ILE N 23 -15.24 -4.06 38.62
N SER N 24 -15.77 -5.25 38.25
CA SER N 24 -15.03 -6.37 37.64
C SER N 24 -13.92 -5.99 36.63
N ILE N 25 -14.18 -5.12 35.64
CA ILE N 25 -13.13 -4.80 34.66
C ILE N 25 -12.47 -3.45 35.01
N PRO N 26 -11.19 -3.47 35.46
CA PRO N 26 -10.54 -2.18 35.78
C PRO N 26 -10.33 -1.34 34.52
N HIS N 27 -10.40 -0.02 34.68
CA HIS N 27 -10.19 0.98 33.64
C HIS N 27 -11.28 0.96 32.55
N SER N 28 -12.37 0.21 32.78
CA SER N 28 -13.53 0.20 31.88
C SER N 28 -14.39 1.41 32.29
N LEU N 29 -15.45 1.71 31.51
CA LEU N 29 -16.30 2.85 31.84
C LEU N 29 -17.12 2.64 33.11
N LEU N 30 -17.75 1.45 33.27
CA LEU N 30 -18.56 1.13 34.45
C LEU N 30 -17.73 1.03 35.73
N TRP N 31 -16.43 0.68 35.60
CA TRP N 31 -15.49 0.63 36.71
C TRP N 31 -15.18 2.08 37.15
N LYS N 32 -14.94 2.98 36.16
CA LYS N 32 -14.66 4.40 36.37
C LYS N 32 -15.87 5.08 37.01
N MET N 33 -17.08 4.68 36.60
CA MET N 33 -18.37 5.19 37.06
C MET N 33 -18.68 4.78 38.52
N PHE N 34 -18.36 3.55 38.90
CA PHE N 34 -18.68 2.99 40.22
C PHE N 34 -17.45 2.64 41.09
N SER N 35 -16.39 3.46 41.08
CA SER N 35 -15.19 3.20 41.86
C SER N 35 -15.37 3.49 43.36
N LEU N 44 -23.66 11.09 40.01
CA LEU N 44 -24.15 10.21 38.94
C LEU N 44 -25.60 10.51 38.58
N ALA N 45 -25.92 10.55 37.27
CA ALA N 45 -27.27 10.82 36.77
C ALA N 45 -28.25 9.73 37.19
N LYS N 46 -29.46 10.14 37.59
CA LYS N 46 -30.51 9.25 38.04
C LYS N 46 -31.83 9.55 37.37
N ASP N 47 -32.67 8.53 37.16
CA ASP N 47 -33.99 8.70 36.58
C ASP N 47 -34.98 9.19 37.65
N SER N 48 -36.25 9.44 37.27
CA SER N 48 -37.30 9.90 38.18
C SER N 48 -37.57 8.92 39.35
N LYS N 49 -37.22 7.63 39.19
CA LYS N 49 -37.43 6.58 40.18
C LYS N 49 -36.15 6.30 41.00
N GLY N 50 -35.13 7.15 40.85
CA GLY N 50 -33.88 7.07 41.60
C GLY N 50 -32.84 6.06 41.11
N ARG N 51 -33.11 5.34 40.00
CA ARG N 51 -32.19 4.36 39.42
C ARG N 51 -31.04 5.07 38.70
N PHE N 52 -29.83 4.50 38.74
CA PHE N 52 -28.67 5.06 38.03
C PHE N 52 -28.89 4.97 36.52
N PHE N 53 -28.73 6.10 35.82
CA PHE N 53 -28.99 6.15 34.40
C PHE N 53 -27.75 6.06 33.51
N ILE N 54 -27.84 5.18 32.50
CA ILE N 54 -26.83 4.98 31.46
C ILE N 54 -27.54 5.32 30.13
N ASP N 55 -27.02 6.34 29.44
CA ASP N 55 -27.59 6.83 28.17
C ASP N 55 -27.09 6.03 26.97
N ARG N 56 -27.47 4.74 26.92
CA ARG N 56 -27.09 3.80 25.85
C ARG N 56 -28.26 2.94 25.49
N ASP N 57 -28.11 2.15 24.39
CA ASP N 57 -29.17 1.25 23.94
C ASP N 57 -29.43 0.21 25.04
N GLY N 58 -30.68 0.17 25.48
CA GLY N 58 -31.12 -0.73 26.53
C GLY N 58 -31.17 -2.19 26.17
N PHE N 59 -31.53 -2.50 24.92
CA PHE N 59 -31.60 -3.89 24.46
C PHE N 59 -30.23 -4.60 24.41
N LEU N 60 -29.19 -3.89 23.94
CA LEU N 60 -27.85 -4.44 23.79
C LEU N 60 -27.09 -4.56 25.10
N PHE N 61 -27.51 -3.81 26.15
CA PHE N 61 -26.86 -3.83 27.46
C PHE N 61 -26.91 -5.22 28.11
N ARG N 62 -27.96 -6.01 27.78
CA ARG N 62 -28.18 -7.38 28.22
C ARG N 62 -26.91 -8.21 27.99
N TYR N 63 -26.28 -8.07 26.80
CA TYR N 63 -25.08 -8.80 26.39
C TYR N 63 -23.80 -8.20 26.98
N ILE N 64 -23.79 -6.87 27.24
CA ILE N 64 -22.66 -6.19 27.90
C ILE N 64 -22.60 -6.72 29.35
N LEU N 65 -23.78 -6.81 30.02
CA LEU N 65 -23.95 -7.30 31.39
C LEU N 65 -23.49 -8.76 31.54
N ASP N 66 -23.88 -9.63 30.58
CA ASP N 66 -23.48 -11.04 30.61
C ASP N 66 -21.97 -11.20 30.39
N TYR N 67 -21.33 -10.28 29.62
CA TYR N 67 -19.88 -10.30 29.44
C TYR N 67 -19.20 -9.91 30.75
N LEU N 68 -19.78 -8.96 31.50
CA LEU N 68 -19.22 -8.55 32.80
C LEU N 68 -19.30 -9.68 33.83
N ARG N 69 -20.35 -10.52 33.73
CA ARG N 69 -20.60 -11.65 34.60
C ARG N 69 -19.68 -12.85 34.32
N ASP N 70 -19.53 -13.24 33.04
CA ASP N 70 -18.79 -14.44 32.63
C ASP N 70 -17.43 -14.20 31.97
N ARG N 71 -17.10 -12.94 31.66
CA ARG N 71 -15.90 -12.52 30.93
C ARG N 71 -15.92 -13.16 29.53
N GLN N 72 -17.16 -13.48 29.06
CA GLN N 72 -17.52 -14.11 27.80
C GLN N 72 -19.05 -13.97 27.58
N VAL N 73 -19.50 -13.98 26.31
CA VAL N 73 -20.92 -13.84 26.01
C VAL N 73 -21.32 -14.73 24.83
N VAL N 74 -22.41 -15.46 25.01
CA VAL N 74 -23.02 -16.32 23.99
C VAL N 74 -24.16 -15.45 23.45
N LEU N 75 -24.25 -15.36 22.13
CA LEU N 75 -25.28 -14.53 21.51
C LEU N 75 -26.43 -15.39 20.98
N PRO N 76 -27.65 -14.83 20.80
CA PRO N 76 -28.73 -15.65 20.21
C PRO N 76 -28.35 -16.07 18.78
N ASP N 77 -28.93 -17.18 18.29
CA ASP N 77 -28.67 -17.68 16.93
C ASP N 77 -29.16 -16.65 15.93
N HIS N 78 -28.35 -16.39 14.88
CA HIS N 78 -28.64 -15.41 13.81
C HIS N 78 -28.81 -13.99 14.35
N PHE N 79 -28.01 -13.63 15.38
CA PHE N 79 -28.01 -12.30 16.01
C PHE N 79 -27.62 -11.22 14.99
N PRO N 80 -28.55 -10.28 14.67
CA PRO N 80 -28.23 -9.29 13.63
C PRO N 80 -27.57 -8.01 14.12
N GLU N 81 -27.23 -7.91 15.41
CA GLU N 81 -26.66 -6.67 15.92
C GLU N 81 -25.25 -6.82 16.52
N LYS N 82 -24.42 -7.68 15.91
CA LYS N 82 -23.03 -7.91 16.34
C LYS N 82 -22.21 -6.63 16.24
N GLY N 83 -22.42 -5.88 15.15
CA GLY N 83 -21.74 -4.61 14.88
C GLY N 83 -22.13 -3.52 15.86
N ARG N 84 -23.44 -3.43 16.17
CA ARG N 84 -24.01 -2.48 17.13
C ARG N 84 -23.50 -2.79 18.54
N LEU N 85 -23.44 -4.09 18.91
CA LEU N 85 -22.93 -4.55 20.20
C LEU N 85 -21.44 -4.22 20.35
N LYS N 86 -20.68 -4.31 19.23
CA LYS N 86 -19.24 -3.99 19.19
C LYS N 86 -19.04 -2.50 19.52
N ARG N 87 -19.94 -1.63 19.00
CA ARG N 87 -19.90 -0.18 19.26
C ARG N 87 -20.19 0.08 20.75
N GLU N 88 -21.14 -0.66 21.34
CA GLU N 88 -21.48 -0.56 22.76
C GLU N 88 -20.29 -0.98 23.61
N ALA N 89 -19.59 -2.07 23.19
CA ALA N 89 -18.39 -2.60 23.85
C ALA N 89 -17.27 -1.55 23.86
N GLU N 90 -17.14 -0.79 22.76
CA GLU N 90 -16.16 0.30 22.59
C GLU N 90 -16.50 1.41 23.57
N TYR N 91 -17.79 1.81 23.64
CA TYR N 91 -18.27 2.86 24.55
C TYR N 91 -17.99 2.49 26.01
N PHE N 92 -18.33 1.25 26.42
CA PHE N 92 -18.14 0.74 27.78
C PHE N 92 -16.68 0.39 28.09
N GLN N 93 -15.78 0.63 27.12
CA GLN N 93 -14.35 0.41 27.19
C GLN N 93 -14.00 -1.02 27.64
N LEU N 94 -14.53 -2.00 26.89
CA LEU N 94 -14.29 -3.43 27.12
C LEU N 94 -13.54 -3.94 25.87
N PRO N 95 -12.18 -3.75 25.81
CA PRO N 95 -11.43 -4.13 24.60
C PRO N 95 -11.43 -5.61 24.24
N ASP N 96 -11.43 -6.50 25.25
CA ASP N 96 -11.45 -7.95 25.03
C ASP N 96 -12.77 -8.38 24.39
N LEU N 97 -13.89 -7.72 24.76
CA LEU N 97 -15.21 -7.96 24.18
C LEU N 97 -15.25 -7.44 22.74
N VAL N 98 -14.57 -6.28 22.47
CA VAL N 98 -14.46 -5.69 21.12
C VAL N 98 -13.75 -6.71 20.21
N LYS N 99 -12.63 -7.28 20.69
CA LYS N 99 -11.82 -8.30 20.01
C LYS N 99 -12.64 -9.55 19.67
N LEU N 100 -13.48 -10.03 20.61
CA LEU N 100 -14.34 -11.20 20.42
C LEU N 100 -15.39 -11.01 19.33
N LEU N 101 -15.83 -9.76 19.12
CA LEU N 101 -16.86 -9.42 18.14
C LEU N 101 -16.31 -9.21 16.72
N THR N 102 -15.00 -8.91 16.61
CA THR N 102 -14.34 -8.66 15.32
C THR N 102 -14.07 -9.97 14.56
N PHE O 2 -35.78 -19.81 55.89
CA PHE O 2 -36.32 -19.52 54.57
C PHE O 2 -37.83 -19.75 54.49
N PRO O 3 -38.59 -18.85 53.82
CA PRO O 3 -40.03 -19.10 53.65
C PRO O 3 -40.29 -20.23 52.64
N GLU O 4 -41.46 -20.86 52.66
CA GLU O 4 -41.68 -21.95 51.72
C GLU O 4 -41.92 -21.42 50.31
N VAL O 5 -42.37 -20.16 50.18
CA VAL O 5 -42.48 -19.47 48.90
C VAL O 5 -41.38 -18.39 48.89
N VAL O 6 -40.37 -18.59 48.04
CA VAL O 6 -39.22 -17.70 47.90
C VAL O 6 -39.45 -16.70 46.75
N GLU O 7 -39.23 -15.42 47.06
CA GLU O 7 -39.35 -14.30 46.12
C GLU O 7 -37.93 -13.98 45.63
N LEU O 8 -37.71 -14.11 44.33
CA LEU O 8 -36.41 -13.89 43.70
C LEU O 8 -36.42 -12.74 42.71
N ASN O 9 -35.29 -12.05 42.62
CA ASN O 9 -35.02 -11.02 41.64
C ASN O 9 -33.80 -11.53 40.88
N VAL O 10 -34.02 -11.99 39.63
CA VAL O 10 -32.95 -12.49 38.77
C VAL O 10 -32.68 -11.43 37.71
N GLY O 11 -31.57 -10.70 37.92
CA GLY O 11 -31.10 -9.61 37.06
C GLY O 11 -32.12 -8.56 36.64
N GLY O 12 -33.15 -8.35 37.46
CA GLY O 12 -34.21 -7.40 37.19
C GLY O 12 -35.59 -8.02 37.08
N GLN O 13 -35.68 -9.31 36.74
CA GLN O 13 -36.97 -9.99 36.60
C GLN O 13 -37.33 -10.72 37.88
N VAL O 14 -38.60 -10.60 38.29
CA VAL O 14 -39.11 -11.18 39.53
C VAL O 14 -39.72 -12.56 39.29
N TYR O 15 -39.33 -13.53 40.12
CA TYR O 15 -39.82 -14.89 40.10
C TYR O 15 -40.20 -15.31 41.50
N PHE O 16 -41.23 -16.15 41.60
CA PHE O 16 -41.67 -16.73 42.85
C PHE O 16 -41.67 -18.24 42.64
N THR O 17 -41.04 -18.97 43.55
CA THR O 17 -40.95 -20.42 43.51
C THR O 17 -40.94 -21.00 44.92
N ARG O 18 -41.17 -22.31 45.05
CA ARG O 18 -41.12 -23.01 46.32
C ARG O 18 -39.66 -23.21 46.70
N HIS O 19 -39.37 -23.19 48.02
CA HIS O 19 -38.03 -23.41 48.58
C HIS O 19 -37.54 -24.83 48.25
N SER O 20 -38.48 -25.79 48.14
CA SER O 20 -38.22 -27.19 47.81
C SER O 20 -37.67 -27.34 46.38
N THR O 21 -38.13 -26.49 45.44
CA THR O 21 -37.71 -26.51 44.04
C THR O 21 -36.24 -26.06 43.87
N LEU O 22 -35.78 -25.11 44.70
CA LEU O 22 -34.41 -24.60 44.67
C LEU O 22 -33.41 -25.59 45.26
N ILE O 23 -33.87 -26.50 46.15
CA ILE O 23 -33.07 -27.52 46.83
C ILE O 23 -33.24 -28.90 46.15
N SER O 24 -34.08 -28.97 45.09
CA SER O 24 -34.38 -30.18 44.31
C SER O 24 -33.15 -30.99 43.86
N ILE O 25 -32.09 -30.31 43.37
CA ILE O 25 -30.86 -30.95 42.88
C ILE O 25 -29.68 -30.71 43.84
N PRO O 26 -29.15 -31.77 44.53
CA PRO O 26 -28.01 -31.55 45.45
C PRO O 26 -26.70 -31.25 44.72
N HIS O 27 -25.86 -30.38 45.36
CA HIS O 27 -24.55 -29.89 44.91
C HIS O 27 -24.62 -28.81 43.81
N SER O 28 -25.84 -28.46 43.34
CA SER O 28 -26.05 -27.39 42.36
C SER O 28 -25.84 -26.04 43.06
N LEU O 29 -25.72 -24.94 42.29
CA LEU O 29 -25.51 -23.62 42.89
C LEU O 29 -26.66 -23.14 43.76
N LEU O 30 -27.91 -23.30 43.29
CA LEU O 30 -29.09 -22.89 44.04
C LEU O 30 -29.26 -23.70 45.31
N TRP O 31 -28.94 -25.01 45.27
CA TRP O 31 -28.96 -25.92 46.43
C TRP O 31 -27.95 -25.43 47.46
N LYS O 32 -26.75 -25.01 47.02
CA LYS O 32 -25.68 -24.49 47.87
C LYS O 32 -26.13 -23.17 48.50
N MET O 33 -26.84 -22.33 47.72
CA MET O 33 -27.34 -21.02 48.13
C MET O 33 -28.46 -21.08 49.18
N PHE O 34 -29.48 -21.92 48.92
CA PHE O 34 -30.68 -21.99 49.75
C PHE O 34 -30.70 -23.17 50.74
N SER O 35 -29.55 -23.87 50.95
CA SER O 35 -29.46 -24.97 51.93
C SER O 35 -29.72 -24.38 53.33
N PRO O 36 -30.66 -24.98 54.12
CA PRO O 36 -31.07 -24.40 55.41
C PRO O 36 -29.97 -23.97 56.39
N LYS O 37 -28.71 -24.38 56.14
CA LYS O 37 -27.51 -24.05 56.91
C LYS O 37 -27.32 -22.53 57.01
N LEU O 44 -26.95 -13.93 52.25
CA LEU O 44 -27.40 -13.89 50.85
C LEU O 44 -27.74 -12.48 50.39
N ALA O 45 -27.29 -12.11 49.18
CA ALA O 45 -27.54 -10.78 48.60
C ALA O 45 -29.02 -10.54 48.37
N LYS O 46 -29.48 -9.33 48.70
CA LYS O 46 -30.88 -8.92 48.57
C LYS O 46 -30.99 -7.56 47.89
N ASP O 47 -32.08 -7.36 47.13
CA ASP O 47 -32.33 -6.09 46.47
C ASP O 47 -32.92 -5.08 47.47
N SER O 48 -33.16 -3.83 47.02
CA SER O 48 -33.74 -2.76 47.86
C SER O 48 -35.12 -3.13 48.45
N LYS O 49 -35.86 -4.05 47.81
CA LYS O 49 -37.19 -4.51 48.23
C LYS O 49 -37.16 -5.81 49.05
N GLY O 50 -35.95 -6.24 49.44
CA GLY O 50 -35.71 -7.42 50.26
C GLY O 50 -35.76 -8.79 49.59
N ARG O 51 -35.94 -8.82 48.25
CA ARG O 51 -35.97 -10.07 47.48
C ARG O 51 -34.57 -10.63 47.33
N PHE O 52 -34.42 -11.97 47.30
CA PHE O 52 -33.11 -12.62 47.11
C PHE O 52 -32.64 -12.35 45.69
N PHE O 53 -31.40 -11.84 45.55
CA PHE O 53 -30.88 -11.48 44.26
C PHE O 53 -29.93 -12.50 43.63
N ILE O 54 -30.19 -12.80 42.35
CA ILE O 54 -29.38 -13.67 41.50
C ILE O 54 -28.90 -12.79 40.34
N ASP O 55 -27.57 -12.62 40.23
CA ASP O 55 -26.95 -11.78 39.21
C ASP O 55 -26.78 -12.51 37.87
N ARG O 56 -27.90 -12.90 37.25
CA ARG O 56 -27.93 -13.61 35.97
C ARG O 56 -29.04 -13.07 35.08
N ASP O 57 -29.07 -13.53 33.81
CA ASP O 57 -30.09 -13.12 32.85
C ASP O 57 -31.46 -13.54 33.37
N GLY O 58 -32.34 -12.55 33.54
CA GLY O 58 -33.69 -12.74 34.04
C GLY O 58 -34.61 -13.54 33.13
N PHE O 59 -34.47 -13.41 31.78
CA PHE O 59 -35.35 -14.10 30.83
C PHE O 59 -35.15 -15.62 30.80
N LEU O 60 -33.89 -16.06 30.67
CA LEU O 60 -33.51 -17.47 30.58
C LEU O 60 -33.74 -18.24 31.88
N PHE O 61 -33.75 -17.54 33.05
CA PHE O 61 -33.97 -18.13 34.37
C PHE O 61 -35.28 -18.94 34.48
N ARG O 62 -36.31 -18.60 33.69
CA ARG O 62 -37.58 -19.33 33.71
C ARG O 62 -37.37 -20.81 33.35
N TYR O 63 -36.55 -21.07 32.32
CA TYR O 63 -36.23 -22.42 31.84
C TYR O 63 -35.40 -23.23 32.87
N ILE O 64 -34.58 -22.54 33.71
CA ILE O 64 -33.82 -23.16 34.80
C ILE O 64 -34.84 -23.63 35.86
N LEU O 65 -35.88 -22.80 36.16
CA LEU O 65 -36.94 -23.12 37.12
C LEU O 65 -37.81 -24.28 36.64
N ASP O 66 -38.07 -24.34 35.31
CA ASP O 66 -38.86 -25.42 34.72
C ASP O 66 -38.11 -26.75 34.79
N TYR O 67 -36.77 -26.69 34.66
CA TYR O 67 -35.92 -27.87 34.78
C TYR O 67 -35.82 -28.32 36.25
N LEU O 68 -35.90 -27.38 37.21
CA LEU O 68 -35.86 -27.73 38.63
C LEU O 68 -37.20 -28.30 39.09
N ARG O 69 -38.30 -27.86 38.42
CA ARG O 69 -39.69 -28.25 38.70
C ARG O 69 -40.07 -29.62 38.12
N ASP O 70 -39.64 -29.92 36.89
CA ASP O 70 -40.00 -31.15 36.18
C ASP O 70 -38.81 -32.07 35.83
N ARG O 71 -37.57 -31.56 35.96
CA ARG O 71 -36.29 -32.22 35.64
C ARG O 71 -36.24 -32.65 34.15
N GLN O 72 -37.00 -31.91 33.32
CA GLN O 72 -37.17 -32.02 31.88
C GLN O 72 -37.42 -30.60 31.35
N VAL O 73 -37.06 -30.31 30.08
CA VAL O 73 -37.22 -28.97 29.51
C VAL O 73 -37.86 -29.00 28.11
N VAL O 74 -38.90 -28.15 27.91
CA VAL O 74 -39.58 -27.95 26.63
C VAL O 74 -39.36 -26.51 26.20
N LEU O 75 -38.73 -26.33 25.04
CA LEU O 75 -38.40 -25.00 24.55
C LEU O 75 -39.36 -24.55 23.44
N PRO O 76 -39.53 -23.22 23.22
CA PRO O 76 -40.39 -22.77 22.12
C PRO O 76 -39.79 -23.19 20.78
N ASP O 77 -40.64 -23.29 19.72
CA ASP O 77 -40.18 -23.65 18.37
C ASP O 77 -39.25 -22.55 17.86
N HIS O 78 -38.13 -22.95 17.22
CA HIS O 78 -37.09 -22.07 16.68
C HIS O 78 -36.46 -21.17 17.76
N PHE O 79 -36.27 -21.73 18.98
CA PHE O 79 -35.68 -21.05 20.11
C PHE O 79 -34.22 -20.68 19.80
N PRO O 80 -33.89 -19.37 19.74
CA PRO O 80 -32.54 -18.96 19.36
C PRO O 80 -31.53 -18.83 20.49
N GLU O 81 -31.91 -19.14 21.73
CA GLU O 81 -30.99 -18.99 22.86
C GLU O 81 -30.64 -20.29 23.58
N LYS O 82 -30.52 -21.40 22.83
CA LYS O 82 -30.13 -22.71 23.37
C LYS O 82 -28.74 -22.65 23.98
N GLY O 83 -27.83 -21.98 23.27
CA GLY O 83 -26.44 -21.79 23.69
C GLY O 83 -26.31 -20.95 24.94
N ARG O 84 -27.09 -19.86 25.02
CA ARG O 84 -27.14 -18.94 26.17
C ARG O 84 -27.71 -19.66 27.39
N LEU O 85 -28.76 -20.49 27.19
CA LEU O 85 -29.39 -21.26 28.25
C LEU O 85 -28.42 -22.32 28.79
N LYS O 86 -27.60 -22.91 27.89
CA LYS O 86 -26.58 -23.90 28.24
C LYS O 86 -25.54 -23.26 29.18
N ARG O 87 -25.15 -21.98 28.90
CA ARG O 87 -24.21 -21.23 29.74
C ARG O 87 -24.81 -20.98 31.12
N GLU O 88 -26.13 -20.69 31.17
CA GLU O 88 -26.85 -20.48 32.43
C GLU O 88 -26.88 -21.77 33.25
N ALA O 89 -27.12 -22.92 32.58
CA ALA O 89 -27.12 -24.24 33.19
C ALA O 89 -25.75 -24.58 33.78
N GLU O 90 -24.65 -24.17 33.11
CA GLU O 90 -23.27 -24.34 33.57
C GLU O 90 -23.08 -23.53 34.85
N TYR O 91 -23.51 -22.25 34.83
CA TYR O 91 -23.40 -21.36 35.99
C TYR O 91 -24.13 -21.92 37.23
N PHE O 92 -25.40 -22.37 37.04
CA PHE O 92 -26.22 -22.92 38.12
C PHE O 92 -25.79 -24.34 38.54
N GLN O 93 -24.77 -24.90 37.84
CA GLN O 93 -24.15 -26.21 38.08
C GLN O 93 -25.17 -27.35 37.96
N LEU O 94 -25.83 -27.44 36.80
CA LEU O 94 -26.81 -28.48 36.48
C LEU O 94 -26.25 -29.28 35.27
N PRO O 95 -25.30 -30.24 35.52
CA PRO O 95 -24.68 -30.98 34.41
C PRO O 95 -25.63 -31.74 33.50
N ASP O 96 -26.72 -32.31 34.05
CA ASP O 96 -27.70 -33.04 33.26
C ASP O 96 -28.45 -32.13 32.30
N LEU O 97 -28.72 -30.87 32.71
CA LEU O 97 -29.36 -29.87 31.86
C LEU O 97 -28.38 -29.44 30.76
N VAL O 98 -27.08 -29.27 31.10
CA VAL O 98 -26.02 -28.92 30.15
C VAL O 98 -25.99 -29.99 29.04
N LYS O 99 -26.02 -31.28 29.44
CA LYS O 99 -26.04 -32.44 28.54
C LYS O 99 -27.26 -32.42 27.60
N LEU O 100 -28.46 -32.12 28.11
CA LEU O 100 -29.69 -32.05 27.32
C LEU O 100 -29.66 -30.94 26.28
N LEU O 101 -28.86 -29.88 26.54
CA LEU O 101 -28.74 -28.72 25.65
C LEU O 101 -27.56 -28.80 24.65
N THR O 102 -26.80 -29.91 24.67
CA THR O 102 -25.67 -30.17 23.77
C THR O 102 -26.03 -31.22 22.69
N GLN P 1 -1.04 18.54 6.71
CA GLN P 1 -1.28 19.24 5.44
C GLN P 1 -0.68 20.67 5.36
N LEU P 2 0.34 20.96 6.17
CA LEU P 2 1.07 22.22 6.18
C LEU P 2 2.02 22.35 4.98
N PRO P 3 2.35 23.58 4.54
CA PRO P 3 3.30 23.68 3.43
C PRO P 3 4.75 23.52 3.92
N ILE P 4 5.17 22.26 4.00
CA ILE P 4 6.53 21.95 4.42
C ILE P 4 7.28 21.61 3.15
N LEU P 5 8.46 22.20 2.98
CA LEU P 5 9.34 21.97 1.85
C LEU P 5 8.61 22.09 0.51
N HIS P 6 8.67 21.06 -0.33
CA HIS P 6 8.08 21.03 -1.68
C HIS P 6 6.53 21.16 -1.69
N HIS P 7 5.84 20.83 -0.59
CA HIS P 7 4.39 20.99 -0.46
C HIS P 7 3.98 22.44 -0.53
N ALA P 8 4.85 23.34 -0.02
CA ALA P 8 4.63 24.80 -0.05
C ALA P 8 4.37 25.39 -1.46
N TYR P 9 4.96 24.80 -2.51
CA TYR P 9 4.89 25.29 -3.89
C TYR P 9 4.60 24.23 -4.99
N LEU P 10 4.46 22.95 -4.63
CA LEU P 10 4.12 21.93 -5.62
C LEU P 10 2.73 21.34 -5.39
N PRO P 11 1.67 21.79 -6.13
CA PRO P 11 0.35 21.17 -5.92
C PRO P 11 0.30 19.80 -6.62
N SER P 12 -0.35 18.85 -5.96
CA SER P 12 -0.48 17.50 -6.48
C SER P 12 -1.69 16.76 -5.91
N ILE P 13 -2.03 15.61 -6.55
CA ILE P 13 -3.09 14.68 -6.13
C ILE P 13 -2.49 13.28 -5.94
N GLY P 14 -2.55 12.78 -4.71
CA GLY P 14 -2.07 11.45 -4.33
C GLY P 14 -2.94 10.30 -4.83
N GLY P 15 -2.32 9.14 -5.04
CA GLY P 15 -2.96 7.92 -5.49
C GLY P 15 -3.16 6.88 -4.40
N LEU Q 2 44.30 -14.11 -28.09
CA LEU Q 2 44.81 -12.82 -28.58
C LEU Q 2 44.51 -11.72 -27.54
N PRO Q 3 45.35 -10.68 -27.34
CA PRO Q 3 45.08 -9.69 -26.29
C PRO Q 3 44.36 -8.43 -26.79
N ILE Q 4 43.02 -8.44 -26.68
CA ILE Q 4 42.17 -7.31 -27.10
C ILE Q 4 41.87 -6.41 -25.92
N LEU Q 5 42.07 -5.11 -26.10
CA LEU Q 5 41.75 -4.05 -25.14
C LEU Q 5 42.34 -4.30 -23.77
N HIS Q 6 41.48 -4.38 -22.73
CA HIS Q 6 41.83 -4.60 -21.33
C HIS Q 6 42.60 -5.89 -21.12
N HIS Q 7 42.36 -6.92 -21.96
CA HIS Q 7 43.02 -8.21 -21.88
C HIS Q 7 44.53 -8.09 -22.01
N ALA Q 8 44.98 -7.17 -22.90
CA ALA Q 8 46.41 -6.92 -23.14
C ALA Q 8 47.17 -6.60 -21.88
N TYR Q 9 46.56 -5.82 -20.97
CA TYR Q 9 47.20 -5.39 -19.73
C TYR Q 9 46.58 -5.96 -18.44
N LEU Q 10 45.42 -6.65 -18.54
CA LEU Q 10 44.76 -7.21 -17.36
C LEU Q 10 44.71 -8.74 -17.35
N PRO Q 11 45.71 -9.41 -16.71
CA PRO Q 11 45.65 -10.89 -16.62
C PRO Q 11 44.67 -11.28 -15.52
N SER Q 12 43.80 -12.27 -15.77
CA SER Q 12 42.84 -12.66 -14.73
C SER Q 12 42.28 -14.07 -14.88
N ILE Q 13 41.48 -14.47 -13.85
CA ILE Q 13 40.74 -15.73 -13.65
C ILE Q 13 41.70 -16.94 -13.72
N LEU R 2 -44.25 -12.35 18.60
CA LEU R 2 -44.30 -12.91 17.25
C LEU R 2 -43.81 -11.84 16.23
N PRO R 3 -42.72 -12.09 15.49
CA PRO R 3 -42.19 -11.04 14.60
C PRO R 3 -42.80 -11.02 13.20
N ILE R 4 -43.76 -10.10 13.01
CA ILE R 4 -44.42 -9.89 11.72
C ILE R 4 -43.97 -8.56 11.18
N LEU R 5 -43.55 -8.57 9.90
CA LEU R 5 -43.10 -7.39 9.17
C LEU R 5 -41.96 -6.64 9.89
N HIS R 6 -42.18 -5.33 10.20
CA HIS R 6 -41.22 -4.47 10.87
C HIS R 6 -40.82 -4.98 12.27
N HIS R 7 -41.67 -5.79 12.94
CA HIS R 7 -41.33 -6.37 14.25
C HIS R 7 -40.15 -7.32 14.16
N ALA R 8 -40.08 -8.09 13.03
CA ALA R 8 -39.00 -9.06 12.77
C ALA R 8 -37.61 -8.46 12.91
N TYR R 9 -37.45 -7.17 12.56
CA TYR R 9 -36.14 -6.52 12.60
C TYR R 9 -36.09 -5.31 13.50
N LEU R 10 -37.25 -4.82 13.98
CA LEU R 10 -37.26 -3.63 14.83
C LEU R 10 -37.68 -3.91 16.29
N PRO R 11 -36.70 -4.00 17.21
CA PRO R 11 -37.04 -4.20 18.64
C PRO R 11 -37.68 -2.91 19.18
N SER R 12 -38.82 -3.11 19.85
CA SER R 12 -39.70 -2.07 20.35
C SER R 12 -39.89 -2.11 21.86
N ILE R 13 -40.04 -0.90 22.49
CA ILE R 13 -40.27 -0.67 23.91
C ILE R 13 -39.18 -1.40 24.71
#